data_4Q40
#
_entry.id   4Q40
#
_cell.length_a   177.808
_cell.length_b   177.808
_cell.length_c   177.808
_cell.angle_alpha   90.00
_cell.angle_beta   90.00
_cell.angle_gamma   90.00
#
_symmetry.space_group_name_H-M   'P 21 3'
#
loop_
_entity.id
_entity.type
_entity.pdbx_description
1 polymer Arginase
2 non-polymer 'MANGANESE (II) ION'
3 non-polymer VALINE
4 non-polymer GLYCEROL
5 non-polymer IMIDAZOLE
6 water water
#
_entity_poly.entity_id   1
_entity_poly.type   'polypeptide(L)'
_entity_poly.pdbx_seq_one_letter_code
;MGSSHHHHHHSSGLVPRGSHMMLKSVATPYYPIQDEKPKLLYTSANFLGIPTNRGQPKIGTYQGPELIRKSNFFQLVAED
GIQLTDCGDIIPVELNEAEDPQRFGMKWSRSFSLTTLRIAERVEELMKQSNKHTVELSGSKSTPLVIVGGDHSMATGTIL
GHAEAKPDLCVLWIDAHGDINTPLNSASGNMHGMPLSFLVKELQDQIPWLDDFEGIKPCLNASNIAYIGLRDLDAHETHD
IRKHGIAYFTMLDVDRMGIEAVIKEALLAVNPRLEKAIHLSFDIDALDPLVAPSTGTAVPGGLTLREGLRICEEVSATGK
LSVVELAELNPLLGSQEDVLKTQSSAVHILRACLGHCRSGHLPFKVRNLTDQGIMSRAAHMQTKQ
;
_entity_poly.pdbx_strand_id   A,B,C,D
#
# COMPACT_ATOMS: atom_id res chain seq x y z
N LYS A 39 8.76 15.61 28.60
CA LYS A 39 9.61 16.79 28.38
C LYS A 39 11.09 16.41 28.32
N LEU A 40 11.37 15.11 28.31
CA LEU A 40 12.73 14.64 28.07
C LEU A 40 12.73 13.68 26.90
N LEU A 41 13.63 13.91 25.95
CA LEU A 41 13.80 13.01 24.83
C LEU A 41 14.38 11.70 25.31
N TYR A 42 15.32 11.77 26.25
CA TYR A 42 15.94 10.58 26.83
C TYR A 42 15.75 10.64 28.33
N THR A 43 15.05 9.65 28.90
CA THR A 43 14.82 9.62 30.35
C THR A 43 15.81 8.72 31.09
N SER A 44 16.51 7.87 30.35
CA SER A 44 17.59 7.10 30.96
C SER A 44 18.78 6.99 30.01
N ALA A 45 19.93 6.65 30.56
CA ALA A 45 21.14 6.49 29.76
C ALA A 45 22.06 5.51 30.46
N ASN A 46 22.94 4.88 29.68
CA ASN A 46 23.98 4.03 30.22
C ASN A 46 25.33 4.71 30.08
N PHE A 47 26.25 4.39 30.99
CA PHE A 47 27.59 4.97 31.01
C PHE A 47 28.62 3.85 31.08
N LEU A 48 29.63 3.93 30.23
CA LEU A 48 30.66 2.90 30.12
C LEU A 48 32.02 3.55 29.98
N GLY A 49 33.00 3.07 30.74
CA GLY A 49 34.38 3.50 30.59
C GLY A 49 35.18 2.51 29.74
N ILE A 50 36.06 3.04 28.90
CA ILE A 50 36.97 2.21 28.10
C ILE A 50 38.35 2.86 28.14
N PRO A 51 39.19 2.42 29.09
CA PRO A 51 40.49 3.06 29.34
C PRO A 51 41.59 2.62 28.36
N THR A 52 41.30 2.63 27.06
CA THR A 52 42.34 2.32 26.06
C THR A 52 43.54 3.25 26.18
N ASN A 53 44.74 2.70 26.04
CA ASN A 53 45.94 3.50 26.10
C ASN A 53 47.00 2.92 25.16
N ARG A 54 46.67 1.82 24.50
CA ARG A 54 47.61 1.21 23.55
C ARG A 54 47.41 1.68 22.12
N GLY A 55 46.58 2.71 21.95
CA GLY A 55 46.36 3.30 20.64
C GLY A 55 47.31 4.46 20.35
N GLN A 56 48.02 4.93 21.37
CA GLN A 56 48.95 6.03 21.22
C GLN A 56 49.96 6.01 22.36
N PRO A 57 51.08 6.73 22.21
CA PRO A 57 52.21 6.49 23.13
C PRO A 57 52.18 7.17 24.49
N LYS A 58 51.37 8.21 24.67
CA LYS A 58 51.38 8.94 25.94
C LYS A 58 50.55 8.27 27.03
N ILE A 59 51.20 7.88 28.11
CA ILE A 59 50.46 7.26 29.19
C ILE A 59 49.46 8.27 29.79
N GLY A 60 48.25 7.81 30.05
CA GLY A 60 47.28 8.64 30.75
C GLY A 60 45.86 8.62 30.22
N THR A 61 45.68 8.19 28.97
CA THR A 61 44.32 8.09 28.47
C THR A 61 43.51 7.04 29.26
N TYR A 62 44.21 6.12 29.92
CA TYR A 62 43.51 5.11 30.72
C TYR A 62 42.78 5.75 31.91
N GLN A 63 43.16 6.99 32.24
CA GLN A 63 42.54 7.70 33.36
C GLN A 63 41.34 8.56 32.94
N GLY A 64 41.00 8.54 31.66
CA GLY A 64 39.86 9.32 31.17
C GLY A 64 38.56 9.02 31.87
N PRO A 65 38.19 7.73 31.97
CA PRO A 65 36.87 7.47 32.57
C PRO A 65 36.81 7.96 34.01
N GLU A 66 37.88 7.79 34.76
CA GLU A 66 37.92 8.25 36.15
C GLU A 66 37.84 9.77 36.26
N LEU A 67 38.42 10.47 35.28
CA LEU A 67 38.30 11.92 35.28
C LEU A 67 36.83 12.36 35.24
N ILE A 68 36.00 11.62 34.52
CA ILE A 68 34.59 11.97 34.44
C ILE A 68 33.82 11.47 35.66
N ARG A 69 34.14 10.27 36.13
CA ARG A 69 33.49 9.75 37.33
C ARG A 69 33.72 10.63 38.56
N LYS A 70 34.91 11.21 38.67
CA LYS A 70 35.18 12.04 39.85
C LYS A 70 34.66 13.47 39.68
N SER A 71 34.15 13.80 38.49
CA SER A 71 33.50 15.09 38.27
C SER A 71 32.08 15.05 38.83
N ASN A 72 31.35 16.15 38.65
CA ASN A 72 29.96 16.21 39.06
C ASN A 72 28.97 15.79 37.96
N PHE A 73 29.50 15.19 36.89
CA PHE A 73 28.67 14.78 35.77
C PHE A 73 27.43 13.97 36.19
N PHE A 74 27.62 12.91 36.96
CA PHE A 74 26.48 12.07 37.34
C PHE A 74 25.42 12.86 38.13
N GLN A 75 25.86 13.67 39.07
CA GLN A 75 24.93 14.47 39.85
C GLN A 75 24.13 15.42 38.97
N LEU A 76 24.82 16.08 38.04
CA LEU A 76 24.17 17.06 37.17
C LEU A 76 23.18 16.40 36.22
N VAL A 77 23.54 15.22 35.74
CA VAL A 77 22.64 14.48 34.88
C VAL A 77 21.38 14.08 35.66
N ALA A 78 21.55 13.67 36.90
CA ALA A 78 20.39 13.30 37.72
C ALA A 78 19.52 14.52 38.00
N GLU A 79 20.15 15.68 38.18
CA GLU A 79 19.41 16.91 38.44
C GLU A 79 18.51 17.35 37.27
N ASP A 80 18.83 16.91 36.06
CA ASP A 80 17.97 17.18 34.91
C ASP A 80 16.89 16.12 34.72
N GLY A 81 16.87 15.11 35.58
CA GLY A 81 15.81 14.11 35.60
C GLY A 81 16.11 12.85 34.84
N ILE A 82 17.36 12.67 34.44
CA ILE A 82 17.76 11.51 33.68
C ILE A 82 18.33 10.43 34.61
N GLN A 83 17.88 9.20 34.44
CA GLN A 83 18.40 8.05 35.19
C GLN A 83 19.61 7.45 34.48
N LEU A 84 20.80 7.67 35.04
CA LEU A 84 22.04 7.22 34.43
C LEU A 84 22.63 6.04 35.18
N THR A 85 22.82 4.92 34.49
CA THR A 85 23.38 3.72 35.10
C THR A 85 24.84 3.54 34.73
N ASP A 86 25.70 3.43 35.73
CA ASP A 86 27.12 3.21 35.50
C ASP A 86 27.35 1.73 35.20
N CYS A 87 27.64 1.42 33.94
CA CYS A 87 27.85 0.02 33.55
C CYS A 87 29.30 -0.47 33.70
N GLY A 88 30.12 0.32 34.38
CA GLY A 88 31.48 -0.11 34.69
C GLY A 88 32.46 0.20 33.56
N ASP A 89 33.57 -0.52 33.52
CA ASP A 89 34.61 -0.31 32.50
C ASP A 89 34.79 -1.58 31.68
N ILE A 90 35.24 -1.41 30.45
CA ILE A 90 35.79 -2.52 29.68
C ILE A 90 37.27 -2.63 30.03
N ILE A 91 37.78 -3.84 30.19
CA ILE A 91 39.21 -4.01 30.44
C ILE A 91 39.90 -4.22 29.11
N PRO A 92 40.74 -3.27 28.70
CA PRO A 92 41.41 -3.50 27.41
C PRO A 92 42.37 -4.69 27.49
N VAL A 93 42.61 -5.35 26.37
CA VAL A 93 43.67 -6.36 26.34
C VAL A 93 44.98 -5.65 26.04
N GLU A 94 45.96 -5.83 26.93
CA GLU A 94 47.26 -5.18 26.79
C GLU A 94 48.35 -6.25 26.82
N LEU A 95 48.78 -6.69 25.65
CA LEU A 95 49.80 -7.76 25.56
C LEU A 95 51.18 -7.19 25.83
N ASN A 96 52.17 -8.07 26.02
CA ASN A 96 53.53 -7.57 26.15
C ASN A 96 54.20 -7.48 24.78
N GLU A 97 55.35 -6.83 24.73
CA GLU A 97 55.99 -6.55 23.45
C GLU A 97 56.27 -7.85 22.69
N ALA A 98 56.67 -8.88 23.42
CA ALA A 98 57.00 -10.16 22.80
C ALA A 98 55.78 -10.77 22.10
N GLU A 99 54.62 -10.66 22.74
CA GLU A 99 53.38 -11.22 22.19
C GLU A 99 52.79 -10.35 21.08
N ASP A 100 53.27 -9.12 20.94
CA ASP A 100 52.61 -8.14 20.08
C ASP A 100 53.64 -7.28 19.37
N PRO A 101 54.46 -7.90 18.51
CA PRO A 101 55.44 -7.12 17.75
C PRO A 101 54.78 -6.28 16.67
N GLN A 102 55.51 -5.31 16.14
CA GLN A 102 55.01 -4.52 15.02
C GLN A 102 54.62 -5.41 13.88
N ARG A 103 53.48 -5.14 13.27
CA ARG A 103 53.08 -5.83 12.05
C ARG A 103 52.53 -4.77 11.11
N PHE A 104 53.06 -4.72 9.90
CA PHE A 104 52.71 -3.69 8.92
C PHE A 104 52.88 -2.30 9.52
N GLY A 105 53.93 -2.14 10.34
CA GLY A 105 54.25 -0.88 10.96
C GLY A 105 53.34 -0.51 12.12
N MET A 106 52.25 -1.26 12.30
CA MET A 106 51.32 -0.97 13.39
C MET A 106 51.92 -1.32 14.75
N LYS A 107 51.71 -0.44 15.73
CA LYS A 107 52.15 -0.69 17.08
C LYS A 107 51.01 -1.25 17.91
N TRP A 108 51.25 -2.38 18.56
CA TRP A 108 50.25 -3.03 19.40
C TRP A 108 48.99 -3.43 18.63
N SER A 109 49.16 -3.95 17.42
CA SER A 109 48.01 -4.35 16.61
C SER A 109 47.20 -5.53 17.13
N ARG A 110 47.83 -6.44 17.88
CA ARG A 110 47.09 -7.59 18.39
C ARG A 110 46.35 -7.23 19.67
N SER A 111 46.97 -6.40 20.50
CA SER A 111 46.25 -5.80 21.62
C SER A 111 44.99 -5.10 21.07
N PHE A 112 45.16 -4.38 19.95
CA PHE A 112 44.06 -3.68 19.27
C PHE A 112 42.97 -4.64 18.79
N SER A 113 43.34 -5.70 18.08
CA SER A 113 42.31 -6.57 17.51
C SER A 113 41.53 -7.27 18.62
N LEU A 114 42.25 -7.74 19.63
CA LEU A 114 41.60 -8.40 20.77
C LEU A 114 40.73 -7.42 21.55
N THR A 115 41.25 -6.22 21.77
CA THR A 115 40.49 -5.20 22.51
C THR A 115 39.25 -4.81 21.71
N THR A 116 39.41 -4.67 20.40
CA THR A 116 38.29 -4.33 19.53
C THR A 116 37.13 -5.31 19.66
N LEU A 117 37.47 -6.60 19.64
CA LEU A 117 36.42 -7.61 19.73
C LEU A 117 35.77 -7.62 21.12
N ARG A 118 36.55 -7.41 22.16
CA ARG A 118 36.00 -7.35 23.52
C ARG A 118 35.06 -6.16 23.68
N ILE A 119 35.50 -5.00 23.21
CA ILE A 119 34.64 -3.82 23.24
C ILE A 119 33.35 -4.07 22.47
N ALA A 120 33.46 -4.60 21.25
CA ALA A 120 32.27 -4.78 20.42
C ALA A 120 31.25 -5.71 21.06
N GLU A 121 31.71 -6.76 21.73
CA GLU A 121 30.77 -7.67 22.37
C GLU A 121 29.98 -6.97 23.45
N ARG A 122 30.67 -6.19 24.27
CA ARG A 122 30.04 -5.50 25.38
C ARG A 122 29.08 -4.42 24.89
N VAL A 123 29.51 -3.64 23.91
CA VAL A 123 28.64 -2.60 23.36
C VAL A 123 27.41 -3.21 22.71
N GLU A 124 27.62 -4.28 21.95
CA GLU A 124 26.50 -4.97 21.34
C GLU A 124 25.49 -5.42 22.38
N GLU A 125 25.96 -6.04 23.46
CA GLU A 125 25.01 -6.54 24.45
C GLU A 125 24.26 -5.39 25.13
N LEU A 126 24.97 -4.32 25.47
CA LEU A 126 24.32 -3.16 26.08
C LEU A 126 23.27 -2.56 25.17
N MET A 127 23.58 -2.46 23.88
CA MET A 127 22.68 -1.80 22.96
C MET A 127 21.47 -2.68 22.61
N LYS A 128 21.63 -4.00 22.78
CA LYS A 128 20.52 -4.90 22.52
C LYS A 128 19.57 -5.02 23.71
N GLN A 129 20.11 -4.89 24.93
CA GLN A 129 19.26 -4.85 26.10
C GLN A 129 18.43 -3.57 26.04
N SER A 130 18.94 -2.59 25.30
CA SER A 130 18.28 -1.29 25.14
C SER A 130 17.28 -1.30 24.00
N ASN A 131 17.56 -2.09 22.96
CA ASN A 131 16.63 -2.27 21.85
C ASN A 131 15.27 -2.73 22.35
N LYS A 141 11.03 6.29 24.38
CA LYS A 141 12.32 6.95 24.54
C LYS A 141 13.44 5.91 24.59
N SER A 142 14.34 5.98 23.60
CA SER A 142 15.48 5.08 23.54
C SER A 142 16.50 5.43 24.61
N THR A 143 17.39 4.49 24.92
CA THR A 143 18.37 4.71 25.97
C THR A 143 19.77 4.86 25.39
N PRO A 144 20.29 6.10 25.32
CA PRO A 144 21.62 6.33 24.75
C PRO A 144 22.72 5.72 25.62
N LEU A 145 23.81 5.36 24.97
CA LEU A 145 24.98 4.88 25.68
C LEU A 145 26.06 5.93 25.58
N VAL A 146 26.54 6.37 26.74
CA VAL A 146 27.64 7.33 26.85
C VAL A 146 28.92 6.57 27.18
N ILE A 147 29.91 6.70 26.32
CA ILE A 147 31.18 6.03 26.49
C ILE A 147 32.30 7.05 26.71
N VAL A 148 33.08 6.86 27.76
CA VAL A 148 34.22 7.73 28.01
C VAL A 148 35.53 6.95 27.85
N GLY A 149 36.41 7.42 26.96
CA GLY A 149 37.72 6.78 26.76
C GLY A 149 38.77 7.40 27.66
N GLY A 150 40.04 6.99 27.52
CA GLY A 150 40.44 6.07 26.47
C GLY A 150 40.84 6.81 25.19
N ASP A 151 41.91 6.36 24.56
CA ASP A 151 42.30 6.93 23.26
C ASP A 151 41.34 6.47 22.16
N HIS A 152 41.37 7.13 21.02
CA HIS A 152 40.33 6.96 20.02
C HIS A 152 40.33 5.60 19.31
N SER A 153 41.36 4.79 19.52
CA SER A 153 41.40 3.45 18.91
C SER A 153 40.19 2.63 19.33
N MET A 154 39.59 2.96 20.47
CA MET A 154 38.40 2.27 20.93
C MET A 154 37.23 2.29 19.95
N ALA A 155 37.20 3.28 19.06
CA ALA A 155 36.05 3.45 18.16
C ALA A 155 35.82 2.29 17.19
N THR A 156 36.87 1.58 16.82
CA THR A 156 36.67 0.44 15.92
C THR A 156 35.74 -0.56 16.60
N GLY A 157 36.01 -0.81 17.87
CA GLY A 157 35.18 -1.69 18.69
C GLY A 157 33.79 -1.17 18.99
N THR A 158 33.68 0.11 19.38
CA THR A 158 32.37 0.65 19.75
C THR A 158 31.45 0.70 18.55
N ILE A 159 31.96 1.11 17.38
CA ILE A 159 31.11 1.22 16.20
C ILE A 159 30.73 -0.19 15.72
N LEU A 160 31.70 -1.10 15.74
CA LEU A 160 31.45 -2.47 15.32
C LEU A 160 30.29 -3.08 16.14
N GLY A 161 30.38 -2.95 17.45
CA GLY A 161 29.34 -3.50 18.31
C GLY A 161 28.02 -2.78 18.16
N HIS A 162 28.09 -1.47 18.05
CA HIS A 162 26.90 -0.65 17.87
C HIS A 162 26.20 -1.04 16.58
N ALA A 163 26.96 -1.18 15.50
CA ALA A 163 26.40 -1.57 14.21
C ALA A 163 25.76 -2.96 14.24
N GLU A 164 26.26 -3.83 15.11
CA GLU A 164 25.66 -5.16 15.22
C GLU A 164 24.22 -5.03 15.73
N ALA A 165 23.99 -4.09 16.65
CA ALA A 165 22.64 -3.81 17.13
C ALA A 165 21.83 -2.94 16.18
N LYS A 166 22.50 -2.01 15.51
CA LYS A 166 21.82 -1.06 14.62
C LYS A 166 22.58 -0.90 13.31
N PRO A 167 22.37 -1.80 12.35
CA PRO A 167 23.25 -1.87 11.17
C PRO A 167 23.12 -0.66 10.25
N ASP A 168 22.02 0.08 10.36
CA ASP A 168 21.82 1.22 9.46
C ASP A 168 22.28 2.56 10.05
N LEU A 169 23.15 2.51 11.04
CA LEU A 169 23.52 3.74 11.74
C LEU A 169 24.36 4.70 10.89
N CYS A 170 24.47 5.96 11.31
CA CYS A 170 25.41 6.88 10.69
C CYS A 170 26.42 7.31 11.75
N VAL A 171 27.56 7.83 11.31
CA VAL A 171 28.62 8.23 12.23
C VAL A 171 28.91 9.71 12.04
N LEU A 172 28.88 10.47 13.12
CA LEU A 172 29.35 11.86 13.11
C LEU A 172 30.67 11.91 13.87
N TRP A 173 31.75 12.25 13.16
CA TRP A 173 33.09 12.14 13.74
C TRP A 173 33.62 13.56 13.98
N ILE A 174 33.77 13.93 15.24
CA ILE A 174 34.13 15.30 15.62
C ILE A 174 35.56 15.23 16.08
N ASP A 175 36.47 15.81 15.30
CA ASP A 175 37.90 15.56 15.53
C ASP A 175 38.72 16.58 14.74
N ALA A 176 39.87 16.98 15.28
CA ALA A 176 40.86 17.70 14.48
C ALA A 176 41.45 16.80 13.38
N HIS A 177 41.38 15.49 13.61
CA HIS A 177 42.07 14.48 12.77
C HIS A 177 41.09 13.52 12.08
N GLY A 178 41.54 12.89 11.00
CA GLY A 178 40.69 12.00 10.22
C GLY A 178 40.58 10.61 10.83
N ASP A 179 41.61 10.19 11.57
CA ASP A 179 41.62 8.86 12.20
C ASP A 179 41.22 7.76 11.22
N ILE A 180 41.64 7.92 9.96
CA ILE A 180 41.22 6.99 8.92
C ILE A 180 42.43 6.55 8.08
N ASN A 181 43.62 6.69 8.64
CA ASN A 181 44.80 6.18 7.96
C ASN A 181 44.73 4.67 7.81
N THR A 182 45.10 4.16 6.66
CA THR A 182 45.25 2.71 6.48
C THR A 182 46.69 2.36 6.89
N PRO A 183 46.92 1.12 7.34
CA PRO A 183 48.19 0.85 8.02
C PRO A 183 49.48 1.19 7.27
N LEU A 184 49.54 0.94 5.97
CA LEU A 184 50.79 1.17 5.25
C LEU A 184 51.03 2.66 4.99
N ASN A 185 50.03 3.49 5.27
CA ASN A 185 50.17 4.93 5.06
C ASN A 185 50.41 5.69 6.34
N SER A 186 50.29 5.01 7.48
CA SER A 186 50.46 5.68 8.75
C SER A 186 51.92 5.93 9.09
N ALA A 187 52.30 7.20 9.18
CA ALA A 187 53.66 7.53 9.58
C ALA A 187 53.96 7.10 11.00
N SER A 188 52.96 7.17 11.87
CA SER A 188 53.20 6.95 13.30
C SER A 188 53.06 5.49 13.74
N GLY A 189 52.26 4.71 13.02
CA GLY A 189 51.94 3.37 13.49
C GLY A 189 50.99 3.32 14.69
N ASN A 190 50.48 4.48 15.07
CA ASN A 190 49.61 4.56 16.25
C ASN A 190 48.18 4.22 15.88
N MET A 191 47.60 3.25 16.58
CA MET A 191 46.29 2.74 16.20
C MET A 191 45.16 3.78 16.34
N HIS A 192 45.34 4.76 17.22
CA HIS A 192 44.30 5.81 17.38
C HIS A 192 44.14 6.69 16.14
N GLY A 193 45.06 6.54 15.18
CA GLY A 193 44.99 7.28 13.92
C GLY A 193 44.44 6.46 12.78
N MET A 194 44.02 5.23 13.08
CA MET A 194 43.48 4.32 12.08
C MET A 194 42.07 3.74 12.30
N PRO A 195 41.37 4.12 13.39
CA PRO A 195 40.22 3.28 13.72
C PRO A 195 39.11 3.19 12.66
N LEU A 196 38.88 4.25 11.90
CA LEU A 196 37.82 4.18 10.89
C LEU A 196 38.19 3.33 9.68
N SER A 197 39.48 3.20 9.39
CA SER A 197 39.83 2.56 8.11
C SER A 197 39.37 1.12 8.10
N PHE A 198 39.47 0.44 9.24
CA PHE A 198 39.05 -0.96 9.29
C PHE A 198 37.55 -1.15 9.10
N LEU A 199 36.78 -0.08 9.28
CA LEU A 199 35.32 -0.18 9.23
C LEU A 199 34.71 0.19 7.89
N VAL A 200 35.44 0.95 7.07
CA VAL A 200 34.88 1.49 5.84
C VAL A 200 35.07 0.52 4.67
N LYS A 201 33.94 0.05 4.13
CA LYS A 201 33.94 -0.99 3.11
C LYS A 201 34.82 -0.59 1.92
N GLU A 202 34.73 0.66 1.51
CA GLU A 202 35.45 1.15 0.34
C GLU A 202 36.98 1.12 0.49
N LEU A 203 37.48 0.98 1.72
CA LEU A 203 38.92 1.09 1.97
C LEU A 203 39.61 -0.29 2.09
N GLN A 204 38.86 -1.36 1.89
CA GLN A 204 39.36 -2.67 2.28
C GLN A 204 40.45 -3.25 1.38
N ASP A 205 40.64 -2.65 0.21
CA ASP A 205 41.76 -3.05 -0.65
C ASP A 205 43.07 -2.39 -0.22
N GLN A 206 43.01 -1.49 0.77
CA GLN A 206 44.23 -0.88 1.30
C GLN A 206 44.54 -1.31 2.72
N ILE A 207 43.75 -2.25 3.24
CA ILE A 207 44.01 -2.81 4.56
C ILE A 207 44.66 -4.18 4.38
N PRO A 208 45.84 -4.38 4.99
CA PRO A 208 46.48 -5.70 4.92
C PRO A 208 45.65 -6.73 5.65
N TRP A 209 45.56 -7.93 5.09
CA TRP A 209 44.86 -9.01 5.78
C TRP A 209 45.67 -9.50 6.98
N LEU A 210 44.98 -9.69 8.10
CA LEU A 210 45.57 -10.32 9.28
C LEU A 210 44.54 -11.26 9.86
N ASP A 211 44.92 -12.52 10.10
CA ASP A 211 43.98 -13.51 10.61
C ASP A 211 43.21 -13.00 11.84
N ASP A 212 43.90 -12.34 12.75
CA ASP A 212 43.26 -11.90 13.98
C ASP A 212 42.34 -10.69 13.78
N PHE A 213 42.32 -10.12 12.58
CA PHE A 213 41.42 -9.00 12.26
C PHE A 213 40.17 -9.48 11.55
N GLU A 214 40.05 -10.79 11.38
CA GLU A 214 38.95 -11.31 10.58
C GLU A 214 37.58 -10.93 11.14
N GLY A 215 37.44 -10.91 12.46
CA GLY A 215 36.17 -10.60 13.09
C GLY A 215 35.84 -9.12 13.06
N ILE A 216 36.81 -8.32 12.64
CA ILE A 216 36.59 -6.89 12.49
C ILE A 216 36.05 -6.66 11.09
N LYS A 217 34.74 -6.78 10.94
CA LYS A 217 34.15 -6.70 9.62
C LYS A 217 33.74 -5.28 9.31
N PRO A 218 34.04 -4.83 8.09
CA PRO A 218 33.69 -3.46 7.67
C PRO A 218 32.17 -3.32 7.70
N CYS A 219 31.67 -2.41 8.51
CA CYS A 219 30.23 -2.28 8.71
C CYS A 219 29.71 -0.91 8.30
N LEU A 220 30.60 -0.07 7.75
CA LEU A 220 30.22 1.29 7.35
C LEU A 220 30.48 1.51 5.86
N ASN A 221 29.56 2.19 5.19
CA ASN A 221 29.84 2.73 3.88
C ASN A 221 30.38 4.14 4.03
N ALA A 222 31.20 4.55 3.07
CA ALA A 222 31.73 5.91 3.06
C ALA A 222 30.62 6.93 3.20
N SER A 223 29.45 6.62 2.65
CA SER A 223 28.32 7.55 2.65
C SER A 223 27.65 7.72 4.02
N ASN A 224 28.07 6.92 5.00
CA ASN A 224 27.45 6.97 6.33
C ASN A 224 28.22 7.78 7.36
N ILE A 225 29.34 8.38 6.95
CA ILE A 225 30.21 9.12 7.87
C ILE A 225 30.27 10.60 7.50
N ALA A 226 30.22 11.46 8.50
CA ALA A 226 30.49 12.88 8.25
C ALA A 226 31.42 13.39 9.34
N TYR A 227 32.43 14.17 8.94
CA TYR A 227 33.35 14.77 9.88
C TYR A 227 33.02 16.25 10.14
N ILE A 228 33.26 16.68 11.38
CA ILE A 228 33.28 18.12 11.72
C ILE A 228 34.51 18.41 12.56
N GLY A 229 35.25 19.46 12.20
CA GLY A 229 36.31 19.95 13.08
C GLY A 229 37.73 19.77 12.57
N LEU A 230 37.88 19.15 11.39
CA LEU A 230 39.17 18.71 10.89
C LEU A 230 40.11 19.89 10.66
N ARG A 231 41.37 19.70 11.02
CA ARG A 231 42.36 20.73 10.72
C ARG A 231 43.76 20.15 10.63
N ASP A 232 43.88 18.84 10.71
CA ASP A 232 45.19 18.23 10.59
C ASP A 232 45.12 16.87 9.92
N LEU A 233 44.58 16.83 8.70
CA LEU A 233 44.55 15.60 7.91
C LEU A 233 45.93 15.23 7.37
N ASP A 234 46.25 13.95 7.37
CA ASP A 234 47.41 13.44 6.64
C ASP A 234 47.04 13.36 5.15
N ALA A 235 48.02 13.51 4.26
CA ALA A 235 47.75 13.57 2.83
C ALA A 235 46.95 12.37 2.31
N HIS A 236 47.31 11.16 2.74
CA HIS A 236 46.56 9.99 2.27
C HIS A 236 45.12 9.92 2.79
N GLU A 237 44.88 10.52 3.95
CA GLU A 237 43.51 10.63 4.44
C GLU A 237 42.71 11.56 3.55
N THR A 238 43.31 12.70 3.22
CA THR A 238 42.67 13.65 2.33
C THR A 238 42.30 12.95 1.02
N HIS A 239 43.26 12.23 0.46
CA HIS A 239 43.01 11.47 -0.78
C HIS A 239 41.80 10.53 -0.64
N ASP A 240 41.80 9.69 0.40
CA ASP A 240 40.73 8.72 0.59
C ASP A 240 39.36 9.35 0.86
N ILE A 241 39.35 10.38 1.72
CA ILE A 241 38.11 11.10 1.99
C ILE A 241 37.51 11.70 0.71
N ARG A 242 38.33 12.34 -0.11
CA ARG A 242 37.81 12.92 -1.35
C ARG A 242 37.46 11.86 -2.37
N LYS A 243 38.31 10.84 -2.50
CA LYS A 243 38.08 9.80 -3.50
C LYS A 243 36.74 9.09 -3.26
N HIS A 244 36.44 8.80 -2.00
CA HIS A 244 35.23 8.03 -1.69
C HIS A 244 34.04 8.87 -1.27
N GLY A 245 34.19 10.18 -1.32
CA GLY A 245 33.07 11.08 -1.11
C GLY A 245 32.58 11.12 0.31
N ILE A 246 33.48 10.99 1.27
CA ILE A 246 33.10 11.12 2.66
C ILE A 246 32.80 12.59 2.96
N ALA A 247 31.61 12.86 3.51
CA ALA A 247 31.22 14.22 3.85
C ALA A 247 32.16 14.75 4.93
N TYR A 248 32.71 15.94 4.73
CA TYR A 248 33.64 16.49 5.72
C TYR A 248 33.58 18.00 5.78
N PHE A 249 33.59 18.52 7.01
CA PHE A 249 33.52 19.94 7.30
C PHE A 249 34.69 20.26 8.19
N THR A 250 35.69 20.91 7.59
CA THR A 250 36.90 21.24 8.31
C THR A 250 36.72 22.58 9.03
N MET A 251 37.73 23.02 9.75
CA MET A 251 37.63 24.29 10.45
C MET A 251 37.51 25.45 9.47
N LEU A 252 38.06 25.27 8.26
CA LEU A 252 37.86 26.28 7.24
C LEU A 252 36.37 26.36 6.89
N ASP A 253 35.71 25.22 6.72
CA ASP A 253 34.26 25.23 6.51
C ASP A 253 33.50 25.84 7.67
N VAL A 254 33.91 25.51 8.90
CA VAL A 254 33.25 26.13 10.04
C VAL A 254 33.40 27.67 9.99
N ASP A 255 34.60 28.14 9.69
CA ASP A 255 34.83 29.58 9.57
C ASP A 255 33.98 30.24 8.50
N ARG A 256 33.88 29.62 7.32
CA ARG A 256 33.15 30.23 6.20
C ARG A 256 31.64 30.05 6.28
N MET A 257 31.21 28.88 6.75
CA MET A 257 29.78 28.58 6.81
C MET A 257 29.13 28.93 8.14
N GLY A 258 29.90 28.87 9.22
CA GLY A 258 29.35 28.96 10.57
C GLY A 258 28.95 27.56 11.04
N ILE A 259 29.09 27.28 12.33
CA ILE A 259 28.74 25.96 12.90
C ILE A 259 27.28 25.57 12.65
N GLU A 260 26.35 26.52 12.65
CA GLU A 260 24.94 26.17 12.47
C GLU A 260 24.70 25.49 11.13
N ALA A 261 25.25 26.07 10.06
CA ALA A 261 25.09 25.49 8.73
C ALA A 261 25.87 24.19 8.58
N VAL A 262 27.06 24.13 9.18
CA VAL A 262 27.86 22.91 9.19
C VAL A 262 27.10 21.73 9.80
N ILE A 263 26.51 21.95 10.97
CA ILE A 263 25.74 20.89 11.62
C ILE A 263 24.57 20.45 10.75
N LYS A 264 23.83 21.41 10.21
CA LYS A 264 22.71 21.10 9.34
C LYS A 264 23.15 20.26 8.13
N GLU A 265 24.25 20.67 7.50
CA GLU A 265 24.74 19.99 6.30
C GLU A 265 25.32 18.61 6.59
N ALA A 266 25.96 18.46 7.75
CA ALA A 266 26.48 17.16 8.13
C ALA A 266 25.33 16.18 8.37
N LEU A 267 24.30 16.62 9.09
CA LEU A 267 23.12 15.78 9.32
C LEU A 267 22.39 15.45 8.03
N LEU A 268 22.29 16.42 7.14
CA LEU A 268 21.72 16.21 5.80
C LEU A 268 22.48 15.16 5.01
N ALA A 269 23.81 15.20 5.09
CA ALA A 269 24.65 14.28 4.30
C ALA A 269 24.46 12.82 4.70
N VAL A 270 24.36 12.56 5.99
CA VAL A 270 24.35 11.16 6.46
C VAL A 270 23.05 10.72 7.13
N ASN A 271 22.16 11.66 7.44
CA ASN A 271 20.91 11.31 8.12
C ASN A 271 19.76 12.26 7.71
N PRO A 272 19.48 12.34 6.41
CA PRO A 272 18.66 13.42 5.82
C PRO A 272 17.27 13.52 6.40
N ARG A 273 16.68 12.41 6.82
CA ARG A 273 15.31 12.44 7.32
C ARG A 273 15.26 11.90 8.74
N LEU A 274 16.42 11.91 9.39
CA LEU A 274 16.50 11.49 10.79
C LEU A 274 15.98 10.06 10.94
N GLU A 275 16.16 9.24 9.91
CA GLU A 275 15.75 7.85 9.99
C GLU A 275 16.77 6.96 10.72
N LYS A 276 18.02 7.40 10.78
CA LYS A 276 19.10 6.54 11.30
C LYS A 276 19.53 6.83 12.73
N ALA A 277 19.92 5.79 13.45
CA ALA A 277 20.60 5.95 14.73
C ALA A 277 21.92 6.68 14.49
N ILE A 278 22.33 7.50 15.45
CA ILE A 278 23.58 8.25 15.31
C ILE A 278 24.63 7.76 16.29
N HIS A 279 25.83 7.52 15.77
CA HIS A 279 26.98 7.24 16.61
C HIS A 279 27.81 8.51 16.57
N LEU A 280 27.85 9.24 17.68
CA LEU A 280 28.61 10.48 17.78
C LEU A 280 29.96 10.18 18.39
N SER A 281 31.02 10.30 17.60
CA SER A 281 32.35 10.00 18.11
C SER A 281 33.10 11.31 18.26
N PHE A 282 33.25 11.76 19.51
CA PHE A 282 33.76 13.08 19.81
C PHE A 282 35.17 13.00 20.41
N ASP A 283 36.17 13.39 19.63
CA ASP A 283 37.53 13.48 20.14
C ASP A 283 37.65 14.82 20.86
N ILE A 284 38.02 14.82 22.14
CA ILE A 284 38.15 16.08 22.87
C ILE A 284 39.10 17.05 22.16
N ASP A 285 40.07 16.53 21.38
CA ASP A 285 40.99 17.40 20.64
C ASP A 285 40.36 18.15 19.45
N ALA A 286 39.08 17.87 19.18
CA ALA A 286 38.34 18.73 18.25
C ALA A 286 38.21 20.15 18.81
N LEU A 287 38.04 20.25 20.13
CA LEU A 287 37.97 21.55 20.80
C LEU A 287 39.33 22.24 20.82
N ASP A 288 39.32 23.57 20.79
CA ASP A 288 40.57 24.33 20.86
C ASP A 288 41.37 23.96 22.11
N PRO A 289 42.69 23.88 22.01
CA PRO A 289 43.52 23.60 23.19
C PRO A 289 43.33 24.59 24.35
N LEU A 290 42.79 25.78 24.09
CA LEU A 290 42.50 26.72 25.16
C LEU A 290 41.43 26.19 26.09
N VAL A 291 40.53 25.35 25.58
CA VAL A 291 39.52 24.79 26.48
C VAL A 291 39.68 23.28 26.75
N ALA A 292 40.51 22.60 25.97
CA ALA A 292 40.78 21.18 26.20
C ALA A 292 42.28 20.90 26.05
N PRO A 293 43.12 21.46 26.93
CA PRO A 293 44.57 21.30 26.77
C PRO A 293 45.09 19.90 27.08
N SER A 294 44.40 19.14 27.92
CA SER A 294 44.92 17.85 28.41
C SER A 294 44.56 16.71 27.47
N THR A 295 45.26 16.66 26.34
CA THR A 295 45.01 15.65 25.32
C THR A 295 46.31 15.53 24.51
N GLY A 296 46.55 14.37 23.94
CA GLY A 296 47.85 14.02 23.40
C GLY A 296 48.27 14.62 22.08
N THR A 297 47.30 14.95 21.22
CA THR A 297 47.62 15.57 19.93
C THR A 297 46.77 16.81 19.75
N ALA A 298 47.12 17.85 20.51
CA ALA A 298 46.41 19.12 20.46
C ALA A 298 46.76 19.91 19.21
N VAL A 299 45.76 20.53 18.58
CA VAL A 299 46.01 21.38 17.41
C VAL A 299 45.32 22.73 17.57
N PRO A 300 46.06 23.85 17.45
CA PRO A 300 45.46 25.18 17.63
C PRO A 300 44.35 25.47 16.60
N GLY A 301 43.47 26.41 16.92
CA GLY A 301 42.44 26.80 15.97
C GLY A 301 41.25 25.86 15.94
N GLY A 302 40.86 25.33 17.11
CA GLY A 302 39.79 24.34 17.14
C GLY A 302 38.41 24.93 17.41
N LEU A 303 37.43 24.04 17.57
CA LEU A 303 36.09 24.44 17.90
C LEU A 303 36.11 25.16 19.24
N THR A 304 35.34 26.24 19.37
CA THR A 304 35.10 26.78 20.70
C THR A 304 34.24 25.80 21.50
N LEU A 305 34.21 25.96 22.82
CA LEU A 305 33.32 25.11 23.61
C LEU A 305 31.88 25.29 23.13
N ARG A 306 31.46 26.52 22.90
CA ARG A 306 30.12 26.79 22.39
C ARG A 306 29.83 26.08 21.07
N GLU A 307 30.78 26.08 20.15
CA GLU A 307 30.56 25.34 18.89
C GLU A 307 30.40 23.84 19.16
N GLY A 308 31.25 23.30 20.02
CA GLY A 308 31.12 21.92 20.46
C GLY A 308 29.76 21.63 21.07
N LEU A 309 29.30 22.52 21.96
CA LEU A 309 27.95 22.39 22.53
C LEU A 309 26.85 22.39 21.48
N ARG A 310 26.94 23.28 20.50
CA ARG A 310 25.91 23.32 19.45
C ARG A 310 25.83 21.99 18.70
N ILE A 311 26.98 21.41 18.37
CA ILE A 311 26.97 20.14 17.67
C ILE A 311 26.22 19.12 18.52
N CYS A 312 26.58 19.05 19.80
CA CYS A 312 25.96 18.06 20.68
C CYS A 312 24.47 18.32 20.94
N GLU A 313 24.10 19.58 21.14
CA GLU A 313 22.69 19.96 21.32
C GLU A 313 21.85 19.55 20.12
N GLU A 314 22.34 19.82 18.90
CA GLU A 314 21.56 19.50 17.71
C GLU A 314 21.47 18.00 17.52
N VAL A 315 22.59 17.31 17.71
CA VAL A 315 22.56 15.84 17.62
C VAL A 315 21.59 15.25 18.64
N SER A 316 21.67 15.73 19.87
CA SER A 316 20.77 15.24 20.92
C SER A 316 19.30 15.45 20.54
N ALA A 317 18.99 16.65 20.03
CA ALA A 317 17.61 17.02 19.73
C ALA A 317 16.98 16.25 18.56
N THR A 318 17.79 15.55 17.76
CA THR A 318 17.23 14.69 16.72
C THR A 318 16.39 13.55 17.30
N GLY A 319 16.60 13.23 18.58
CA GLY A 319 16.00 12.03 19.16
C GLY A 319 16.69 10.74 18.70
N LYS A 320 17.77 10.87 17.93
CA LYS A 320 18.43 9.68 17.35
C LYS A 320 19.82 9.40 17.92
N LEU A 321 20.18 10.08 18.99
CA LEU A 321 21.49 9.83 19.58
C LEU A 321 21.43 8.45 20.22
N SER A 322 22.26 7.56 19.72
CA SER A 322 22.26 6.17 20.15
C SER A 322 23.51 5.84 20.96
N VAL A 323 24.67 6.24 20.44
CA VAL A 323 25.91 6.20 21.22
C VAL A 323 26.65 7.53 21.08
N VAL A 324 27.15 8.05 22.20
CA VAL A 324 28.17 9.09 22.14
C VAL A 324 29.40 8.60 22.87
N GLU A 325 30.55 8.68 22.21
CA GLU A 325 31.81 8.38 22.89
C GLU A 325 32.67 9.64 22.91
N LEU A 326 33.39 9.84 24.01
CA LEU A 326 34.30 10.97 24.16
C LEU A 326 35.72 10.43 24.36
N ALA A 327 36.59 10.70 23.39
CA ALA A 327 37.93 10.12 23.33
C ALA A 327 39.05 11.11 23.64
N GLU A 328 40.19 10.55 24.03
CA GLU A 328 41.47 11.27 24.17
C GLU A 328 41.62 12.21 25.36
N LEU A 329 40.76 12.10 26.37
CA LEU A 329 41.07 12.78 27.63
C LEU A 329 42.36 12.15 28.19
N ASN A 330 43.30 12.99 28.60
CA ASN A 330 44.53 12.52 29.25
C ASN A 330 44.90 13.40 30.42
N PRO A 331 44.43 13.02 31.62
CA PRO A 331 44.59 13.79 32.85
C PRO A 331 46.05 13.84 33.31
N LEU A 332 46.94 13.10 32.64
CA LEU A 332 48.37 13.14 32.96
C LEU A 332 49.11 14.19 32.14
N LEU A 333 48.39 14.90 31.29
CA LEU A 333 49.01 15.94 30.47
C LEU A 333 48.59 17.30 30.98
N GLY A 334 49.53 18.24 31.00
CA GLY A 334 49.25 19.61 31.39
C GLY A 334 49.22 19.85 32.89
N SER A 335 48.92 21.09 33.28
CA SER A 335 48.89 21.48 34.69
C SER A 335 47.61 21.01 35.35
N GLN A 336 47.53 21.17 36.66
CA GLN A 336 46.31 20.83 37.37
C GLN A 336 45.14 21.61 36.82
N GLU A 337 45.35 22.90 36.54
CA GLU A 337 44.30 23.74 35.97
C GLU A 337 43.92 23.32 34.55
N ASP A 338 44.92 22.91 33.77
CA ASP A 338 44.66 22.38 32.43
C ASP A 338 43.70 21.19 32.49
N VAL A 339 43.95 20.30 33.44
CA VAL A 339 43.11 19.13 33.61
C VAL A 339 41.69 19.52 34.04
N LEU A 340 41.57 20.49 34.95
CA LEU A 340 40.25 20.95 35.34
C LEU A 340 39.48 21.55 34.16
N LYS A 341 40.16 22.32 33.33
CA LYS A 341 39.53 22.92 32.16
C LYS A 341 39.04 21.82 31.23
N THR A 342 39.89 20.82 31.01
CA THR A 342 39.57 19.74 30.10
C THR A 342 38.41 18.91 30.65
N GLN A 343 38.45 18.61 31.93
CA GLN A 343 37.36 17.91 32.60
C GLN A 343 36.05 18.68 32.45
N SER A 344 36.11 19.97 32.74
CA SER A 344 34.92 20.81 32.68
C SER A 344 34.32 20.81 31.27
N SER A 345 35.16 21.04 30.25
CA SER A 345 34.69 21.00 28.85
C SER A 345 33.99 19.68 28.53
N ALA A 346 34.59 18.57 28.95
CA ALA A 346 34.03 17.24 28.70
C ALA A 346 32.65 17.09 29.35
N VAL A 347 32.52 17.56 30.58
CA VAL A 347 31.25 17.42 31.30
C VAL A 347 30.13 18.21 30.61
N HIS A 348 30.42 19.46 30.26
CA HIS A 348 29.46 20.30 29.53
C HIS A 348 29.07 19.65 28.20
N ILE A 349 30.05 19.09 27.49
CA ILE A 349 29.78 18.39 26.24
C ILE A 349 28.86 17.17 26.44
N LEU A 350 29.20 16.29 27.37
CA LEU A 350 28.39 15.10 27.58
C LEU A 350 27.00 15.45 28.10
N ARG A 351 26.90 16.47 28.95
CA ARG A 351 25.58 16.92 29.39
C ARG A 351 24.72 17.36 28.23
N ALA A 352 25.30 18.14 27.33
CA ALA A 352 24.59 18.55 26.13
C ALA A 352 24.10 17.35 25.31
N CYS A 353 24.93 16.33 25.19
CA CYS A 353 24.53 15.15 24.43
C CYS A 353 23.27 14.51 25.00
N LEU A 354 23.15 14.53 26.33
CA LEU A 354 22.03 13.87 26.99
C LEU A 354 20.79 14.77 27.07
N GLY A 355 20.92 16.00 26.56
CA GLY A 355 19.75 16.86 26.42
C GLY A 355 19.74 18.07 27.34
N HIS A 356 20.85 18.32 28.03
CA HIS A 356 20.88 19.53 28.88
C HIS A 356 20.71 20.78 28.02
N CYS A 357 19.88 21.69 28.51
CA CYS A 357 19.52 22.92 27.79
CA CYS A 357 19.59 22.90 27.76
C CYS A 357 20.14 24.14 28.46
N ARG A 358 20.92 24.91 27.72
CA ARG A 358 21.54 26.12 28.27
C ARG A 358 20.48 27.19 28.54
N SER A 359 19.33 27.06 27.91
CA SER A 359 18.24 28.01 28.10
C SER A 359 17.34 27.65 29.29
N GLY A 360 17.69 26.59 30.02
CA GLY A 360 17.00 26.27 31.24
C GLY A 360 16.08 25.07 31.16
N HIS A 361 15.76 24.51 32.33
CA HIS A 361 14.84 23.37 32.48
C HIS A 361 13.79 23.77 33.50
N LEU A 362 12.58 23.30 33.32
CA LEU A 362 11.51 23.63 34.25
C LEU A 362 11.58 22.70 35.44
N PRO A 363 11.05 23.13 36.59
CA PRO A 363 11.08 22.29 37.78
C PRO A 363 10.11 21.13 37.62
N PHE A 364 10.40 20.00 38.25
CA PHE A 364 9.49 18.87 38.20
C PHE A 364 8.25 19.15 39.07
N LYS A 365 8.47 19.81 40.20
CA LYS A 365 7.35 20.35 40.96
C LYS A 365 7.57 21.83 41.27
N VAL A 366 6.59 22.65 40.92
CA VAL A 366 6.68 24.07 41.23
C VAL A 366 6.33 24.31 42.69
N ARG A 367 7.25 24.96 43.40
CA ARG A 367 7.08 25.26 44.82
C ARG A 367 6.19 26.47 45.04
N ASN A 368 5.41 26.45 46.12
CA ASN A 368 4.48 27.53 46.43
C ASN A 368 4.58 27.93 47.90
N LEU A 369 4.65 29.23 48.14
CA LEU A 369 4.89 29.77 49.47
C LEU A 369 3.85 29.37 50.51
N THR A 370 2.57 29.41 50.12
CA THR A 370 1.47 29.11 51.04
C THR A 370 1.46 27.67 51.58
N ASP A 371 1.91 26.72 50.76
CA ASP A 371 1.93 25.33 51.17
C ASP A 371 2.73 25.15 52.45
N GLN A 372 3.60 26.12 52.74
CA GLN A 372 4.45 26.02 53.92
C GLN A 372 3.85 26.77 55.11
N GLY A 373 2.73 27.44 54.89
CA GLY A 373 2.14 28.26 55.93
C GLY A 373 2.95 29.51 56.16
N ILE A 374 3.55 30.03 55.08
CA ILE A 374 4.33 31.27 55.10
C ILE A 374 3.54 32.43 54.48
N MET A 375 3.69 33.63 55.07
CA MET A 375 3.01 34.83 54.60
C MET A 375 3.87 35.58 53.57
N SER A 376 3.31 35.84 52.41
CA SER A 376 4.05 36.50 51.32
C SER A 376 3.93 38.02 51.42
N ARG A 377 4.77 38.73 50.68
CA ARG A 377 4.66 40.18 50.66
C ARG A 377 3.33 40.60 50.06
N ALA A 378 2.96 39.97 48.95
CA ALA A 378 1.69 40.30 48.31
C ALA A 378 0.52 40.07 49.28
N ALA A 379 0.59 38.98 50.05
CA ALA A 379 -0.48 38.66 51.00
C ALA A 379 -0.55 39.72 52.09
N HIS A 380 0.61 40.04 52.66
CA HIS A 380 0.68 41.01 53.74
C HIS A 380 0.13 42.36 53.31
N MET A 381 0.58 42.85 52.16
CA MET A 381 0.17 44.15 51.66
C MET A 381 -1.34 44.21 51.44
N GLN A 382 -2.02 43.08 51.59
CA GLN A 382 -3.47 43.02 51.46
C GLN A 382 -4.16 42.56 52.74
N LYS B 39 16.14 6.38 -5.51
CA LYS B 39 16.38 7.67 -6.18
C LYS B 39 15.14 8.56 -6.09
N LEU B 40 13.99 7.96 -5.76
CA LEU B 40 12.77 8.74 -5.54
C LEU B 40 12.23 8.53 -4.13
N LEU B 41 11.96 9.63 -3.45
CA LEU B 41 11.34 9.57 -2.13
C LEU B 41 9.92 9.06 -2.22
N TYR B 42 9.18 9.53 -3.22
CA TYR B 42 7.82 9.03 -3.46
C TYR B 42 7.76 8.50 -4.88
N THR B 43 7.46 7.22 -5.04
CA THR B 43 7.42 6.63 -6.39
C THR B 43 5.99 6.55 -6.93
N SER B 44 5.02 6.71 -6.04
CA SER B 44 3.63 6.73 -6.45
C SER B 44 2.91 7.88 -5.77
N ALA B 45 1.82 8.35 -6.37
CA ALA B 45 0.97 9.36 -5.76
C ALA B 45 -0.44 9.21 -6.29
N ASN B 46 -1.41 9.64 -5.50
CA ASN B 46 -2.80 9.74 -5.91
C ASN B 46 -3.20 11.18 -6.18
N PHE B 47 -4.16 11.38 -7.07
CA PHE B 47 -4.67 12.70 -7.45
C PHE B 47 -6.18 12.71 -7.27
N LEU B 48 -6.69 13.74 -6.61
CA LEU B 48 -8.12 13.86 -6.33
C LEU B 48 -8.58 15.30 -6.50
N GLY B 49 -9.66 15.50 -7.25
CA GLY B 49 -10.22 16.84 -7.41
C GLY B 49 -11.39 17.02 -6.47
N ILE B 50 -11.51 18.22 -5.89
CA ILE B 50 -12.65 18.58 -5.04
C ILE B 50 -13.16 19.96 -5.46
N PRO B 51 -14.19 20.00 -6.31
CA PRO B 51 -14.56 21.29 -6.92
C PRO B 51 -15.48 22.13 -6.04
N THR B 52 -15.09 22.32 -4.78
CA THR B 52 -15.90 23.14 -3.87
C THR B 52 -16.07 24.56 -4.37
N ASN B 53 -17.29 25.09 -4.26
CA ASN B 53 -17.55 26.45 -4.69
C ASN B 53 -18.59 27.11 -3.77
N ARG B 54 -19.02 26.41 -2.73
CA ARG B 54 -19.99 26.99 -1.78
C ARG B 54 -19.33 27.60 -0.56
N GLY B 55 -18.01 27.70 -0.59
CA GLY B 55 -17.27 28.29 0.53
C GLY B 55 -17.05 29.78 0.33
N GLN B 56 -17.35 30.26 -0.86
CA GLN B 56 -17.13 31.66 -1.20
C GLN B 56 -17.98 32.00 -2.44
N PRO B 57 -18.26 33.29 -2.64
CA PRO B 57 -19.32 33.70 -3.57
C PRO B 57 -18.96 33.72 -5.07
N LYS B 58 -17.68 33.73 -5.40
CA LYS B 58 -17.29 33.86 -6.80
C LYS B 58 -17.35 32.52 -7.52
N ILE B 59 -18.19 32.44 -8.54
CA ILE B 59 -18.28 31.22 -9.33
C ILE B 59 -16.91 30.95 -9.97
N GLY B 60 -16.45 29.70 -9.94
CA GLY B 60 -15.30 29.34 -10.75
C GLY B 60 -14.28 28.45 -10.08
N THR B 61 -14.26 28.42 -8.75
CA THR B 61 -13.36 27.51 -8.06
C THR B 61 -13.71 26.05 -8.40
N TYR B 62 -14.95 25.80 -8.80
CA TYR B 62 -15.30 24.43 -9.20
C TYR B 62 -14.48 23.95 -10.41
N GLN B 63 -13.90 24.89 -11.16
CA GLN B 63 -13.09 24.53 -12.34
C GLN B 63 -11.61 24.32 -12.02
N GLY B 64 -11.25 24.44 -10.74
CA GLY B 64 -9.87 24.23 -10.33
C GLY B 64 -9.27 22.89 -10.72
N PRO B 65 -9.95 21.78 -10.37
CA PRO B 65 -9.39 20.49 -10.76
C PRO B 65 -9.15 20.38 -12.27
N GLU B 66 -10.10 20.83 -13.08
CA GLU B 66 -9.95 20.74 -14.53
C GLU B 66 -8.78 21.59 -15.04
N LEU B 67 -8.57 22.73 -14.41
CA LEU B 67 -7.43 23.59 -14.79
C LEU B 67 -6.13 22.81 -14.65
N ILE B 68 -6.03 21.97 -13.63
CA ILE B 68 -4.82 21.19 -13.47
C ILE B 68 -4.81 19.95 -14.38
N ARG B 69 -5.95 19.29 -14.53
CA ARG B 69 -6.01 18.15 -15.44
C ARG B 69 -5.66 18.52 -16.89
N LYS B 70 -6.09 19.69 -17.33
CA LYS B 70 -5.82 20.10 -18.70
C LYS B 70 -4.41 20.67 -18.90
N SER B 71 -3.65 20.79 -17.80
CA SER B 71 -2.27 21.24 -17.90
C SER B 71 -1.40 20.05 -18.26
N ASN B 72 -0.08 20.27 -18.32
CA ASN B 72 0.84 19.15 -18.53
C ASN B 72 1.33 18.52 -17.22
N PHE B 73 0.64 18.78 -16.11
CA PHE B 73 1.05 18.26 -14.81
C PHE B 73 1.24 16.74 -14.80
N PHE B 74 0.25 15.99 -15.30
CA PHE B 74 0.37 14.53 -15.27
C PHE B 74 1.58 14.06 -16.09
N GLN B 75 1.75 14.63 -17.27
CA GLN B 75 2.87 14.28 -18.13
C GLN B 75 4.20 14.55 -17.44
N LEU B 76 4.32 15.72 -16.83
CA LEU B 76 5.59 16.11 -16.20
C LEU B 76 5.93 15.24 -15.00
N VAL B 77 4.91 14.83 -14.27
CA VAL B 77 5.10 13.95 -13.11
C VAL B 77 5.55 12.56 -13.58
N ALA B 78 4.93 12.07 -14.65
CA ALA B 78 5.32 10.80 -15.24
C ALA B 78 6.80 10.83 -15.65
N GLU B 79 7.22 11.94 -16.22
CA GLU B 79 8.60 12.08 -16.71
C GLU B 79 9.66 12.05 -15.63
N ASP B 80 9.29 12.42 -14.40
CA ASP B 80 10.21 12.30 -13.27
C ASP B 80 10.19 10.91 -12.65
N GLY B 81 9.39 10.02 -13.23
CA GLY B 81 9.38 8.62 -12.83
C GLY B 81 8.32 8.29 -11.80
N ILE B 82 7.43 9.24 -11.55
CA ILE B 82 6.39 9.02 -10.55
C ILE B 82 5.10 8.49 -11.18
N GLN B 83 4.55 7.43 -10.60
CA GLN B 83 3.26 6.92 -11.07
C GLN B 83 2.10 7.59 -10.35
N LEU B 84 1.36 8.42 -11.08
CA LEU B 84 0.27 9.21 -10.53
C LEU B 84 -1.07 8.62 -10.96
N THR B 85 -1.89 8.25 -9.99
CA THR B 85 -3.19 7.67 -10.27
C THR B 85 -4.30 8.70 -10.04
N ASP B 86 -5.08 8.95 -11.08
CA ASP B 86 -6.22 9.86 -10.97
C ASP B 86 -7.35 9.14 -10.25
N CYS B 87 -7.72 9.64 -9.07
CA CYS B 87 -8.77 9.03 -8.27
C CYS B 87 -10.12 9.71 -8.45
N GLY B 88 -10.23 10.54 -9.48
CA GLY B 88 -11.49 11.18 -9.80
C GLY B 88 -11.76 12.46 -9.00
N ASP B 89 -13.02 12.85 -8.94
CA ASP B 89 -13.45 14.06 -8.22
C ASP B 89 -14.46 13.68 -7.18
N ILE B 90 -14.42 14.35 -6.03
CA ILE B 90 -15.51 14.28 -5.07
C ILE B 90 -16.64 15.18 -5.60
N ILE B 91 -17.88 14.79 -5.36
CA ILE B 91 -19.03 15.59 -5.78
C ILE B 91 -19.52 16.35 -4.58
N PRO B 92 -19.33 17.68 -4.55
CA PRO B 92 -19.74 18.40 -3.34
C PRO B 92 -21.26 18.38 -3.22
N VAL B 93 -21.76 18.48 -2.00
CA VAL B 93 -23.19 18.62 -1.79
C VAL B 93 -23.53 20.09 -1.93
N GLU B 94 -24.32 20.41 -2.94
CA GLU B 94 -24.74 21.78 -3.17
C GLU B 94 -26.26 21.93 -3.04
N LEU B 95 -26.71 22.29 -1.84
CA LEU B 95 -28.15 22.38 -1.57
C LEU B 95 -28.77 23.55 -2.33
N ASN B 96 -30.08 23.44 -2.56
CA ASN B 96 -30.84 24.57 -3.06
C ASN B 96 -30.87 25.65 -1.99
N GLU B 97 -30.90 26.90 -2.43
CA GLU B 97 -30.94 28.03 -1.50
C GLU B 97 -32.00 27.88 -0.42
N ALA B 98 -33.18 27.36 -0.79
CA ALA B 98 -34.26 27.21 0.18
C ALA B 98 -33.94 26.14 1.21
N GLU B 99 -33.08 25.19 0.86
CA GLU B 99 -32.67 24.13 1.77
C GLU B 99 -31.57 24.55 2.75
N ASP B 100 -30.96 25.72 2.53
CA ASP B 100 -29.73 26.06 3.24
C ASP B 100 -29.72 27.55 3.59
N PRO B 101 -30.64 27.97 4.45
CA PRO B 101 -30.70 29.39 4.83
C PRO B 101 -29.53 29.73 5.74
N GLN B 102 -29.23 31.02 5.90
CA GLN B 102 -28.16 31.43 6.80
C GLN B 102 -28.45 31.01 8.23
N ARG B 103 -27.42 30.49 8.88
CA ARG B 103 -27.48 30.12 10.28
C ARG B 103 -26.23 30.66 10.95
N PHE B 104 -26.45 31.45 12.01
CA PHE B 104 -25.37 32.14 12.70
C PHE B 104 -24.50 32.92 11.71
N GLY B 105 -25.16 33.53 10.73
CA GLY B 105 -24.47 34.35 9.76
C GLY B 105 -23.71 33.55 8.69
N MET B 106 -23.60 32.25 8.88
CA MET B 106 -22.87 31.40 7.94
C MET B 106 -23.62 31.22 6.62
N LYS B 107 -22.90 31.35 5.51
CA LYS B 107 -23.53 31.11 4.21
C LYS B 107 -23.30 29.68 3.76
N TRP B 108 -24.37 29.01 3.35
CA TRP B 108 -24.29 27.62 2.88
C TRP B 108 -23.68 26.63 3.89
N SER B 109 -24.09 26.72 5.15
CA SER B 109 -23.49 25.93 6.21
C SER B 109 -23.87 24.46 6.21
N ARG B 110 -25.05 24.11 5.71
CA ARG B 110 -25.46 22.70 5.65
C ARG B 110 -24.88 22.03 4.42
N SER B 111 -24.74 22.78 3.32
CA SER B 111 -23.97 22.28 2.19
C SER B 111 -22.56 21.97 2.71
N PHE B 112 -22.03 22.86 3.55
CA PHE B 112 -20.70 22.68 4.15
C PHE B 112 -20.59 21.42 5.00
N SER B 113 -21.51 21.24 5.94
CA SER B 113 -21.40 20.10 6.84
C SER B 113 -21.54 18.79 6.06
N LEU B 114 -22.50 18.72 5.15
CA LEU B 114 -22.69 17.51 4.36
C LEU B 114 -21.50 17.23 3.45
N THR B 115 -20.97 18.27 2.83
CA THR B 115 -19.78 18.14 1.99
C THR B 115 -18.56 17.72 2.81
N THR B 116 -18.40 18.29 3.98
CA THR B 116 -17.29 17.98 4.87
C THR B 116 -17.25 16.49 5.18
N LEU B 117 -18.40 15.94 5.56
CA LEU B 117 -18.46 14.52 5.86
C LEU B 117 -18.18 13.65 4.64
N ARG B 118 -18.69 14.05 3.48
CA ARG B 118 -18.48 13.29 2.24
C ARG B 118 -17.00 13.29 1.87
N ILE B 119 -16.38 14.45 1.99
CA ILE B 119 -14.95 14.53 1.72
C ILE B 119 -14.16 13.67 2.68
N ALA B 120 -14.48 13.75 3.96
CA ALA B 120 -13.68 13.07 4.97
C ALA B 120 -13.73 11.57 4.75
N GLU B 121 -14.88 11.10 4.32
CA GLU B 121 -15.05 9.67 4.09
C GLU B 121 -14.12 9.19 2.98
N ARG B 122 -14.09 9.92 1.88
CA ARG B 122 -13.28 9.55 0.73
C ARG B 122 -11.79 9.66 1.05
N VAL B 123 -11.40 10.73 1.72
CA VAL B 123 -9.98 10.92 2.05
C VAL B 123 -9.50 9.83 3.01
N GLU B 124 -10.33 9.49 3.99
CA GLU B 124 -9.95 8.44 4.92
C GLU B 124 -9.68 7.15 4.14
N GLU B 125 -10.59 6.83 3.23
CA GLU B 125 -10.49 5.61 2.44
C GLU B 125 -9.20 5.59 1.65
N LEU B 126 -8.91 6.70 0.96
CA LEU B 126 -7.70 6.79 0.16
C LEU B 126 -6.48 6.66 1.03
N MET B 127 -6.51 7.25 2.22
CA MET B 127 -5.35 7.26 3.07
C MET B 127 -5.10 5.88 3.68
N LYS B 128 -6.19 5.18 3.99
CA LYS B 128 -6.09 3.86 4.61
C LYS B 128 -5.69 2.77 3.63
N GLN B 129 -5.94 2.99 2.34
CA GLN B 129 -5.50 2.02 1.35
C GLN B 129 -3.98 2.13 1.15
N SER B 130 -3.43 3.31 1.45
CA SER B 130 -2.00 3.56 1.27
C SER B 130 -1.18 3.17 2.50
N ASN B 131 -1.86 2.89 3.62
CA ASN B 131 -1.17 2.48 4.85
C ASN B 131 -0.92 0.98 4.91
N LYS B 141 8.39 3.86 1.00
CA LYS B 141 7.95 5.07 0.32
C LYS B 141 6.43 5.19 0.37
N SER B 142 5.92 6.01 1.29
CA SER B 142 4.49 6.30 1.37
C SER B 142 3.98 6.89 0.06
N THR B 143 2.67 6.91 -0.11
CA THR B 143 2.05 7.39 -1.34
C THR B 143 1.29 8.69 -1.03
N PRO B 144 1.84 9.82 -1.45
CA PRO B 144 1.13 11.06 -1.09
C PRO B 144 -0.19 11.20 -1.85
N LEU B 145 -1.14 11.91 -1.26
CA LEU B 145 -2.38 12.26 -1.96
C LEU B 145 -2.34 13.73 -2.34
N VAL B 146 -2.50 14.04 -3.61
CA VAL B 146 -2.52 15.41 -4.10
C VAL B 146 -3.96 15.78 -4.34
N ILE B 147 -4.43 16.85 -3.68
CA ILE B 147 -5.81 17.28 -3.81
C ILE B 147 -5.85 18.65 -4.45
N VAL B 148 -6.66 18.81 -5.49
CA VAL B 148 -6.82 20.13 -6.09
C VAL B 148 -8.25 20.63 -5.90
N GLY B 149 -8.39 21.79 -5.28
CA GLY B 149 -9.69 22.41 -5.08
C GLY B 149 -10.10 23.25 -6.27
N GLY B 150 -11.23 23.96 -6.18
CA GLY B 150 -12.01 23.98 -4.96
C GLY B 150 -11.60 25.13 -4.06
N ASP B 151 -12.58 25.80 -3.47
CA ASP B 151 -12.28 26.79 -2.44
C ASP B 151 -11.85 26.09 -1.16
N HIS B 152 -11.25 26.85 -0.27
CA HIS B 152 -10.54 26.30 0.88
C HIS B 152 -11.44 25.68 1.94
N SER B 153 -12.75 25.85 1.80
CA SER B 153 -13.68 25.22 2.75
C SER B 153 -13.50 23.72 2.76
N MET B 154 -12.94 23.16 1.68
CA MET B 154 -12.78 21.73 1.57
C MET B 154 -11.86 21.21 2.66
N ALA B 155 -11.04 22.09 3.25
CA ALA B 155 -10.01 21.64 4.19
C ALA B 155 -10.57 21.02 5.47
N THR B 156 -11.77 21.44 5.88
CA THR B 156 -12.33 20.85 7.07
C THR B 156 -12.49 19.35 6.83
N GLY B 157 -13.02 19.00 5.67
CA GLY B 157 -13.20 17.60 5.30
C GLY B 157 -11.91 16.84 5.01
N THR B 158 -10.98 17.46 4.28
CA THR B 158 -9.76 16.73 3.94
C THR B 158 -8.94 16.43 5.19
N ILE B 159 -8.89 17.38 6.12
CA ILE B 159 -8.08 17.17 7.31
C ILE B 159 -8.79 16.18 8.25
N LEU B 160 -10.10 16.29 8.35
CA LEU B 160 -10.86 15.36 9.17
C LEU B 160 -10.61 13.91 8.71
N GLY B 161 -10.78 13.66 7.42
CA GLY B 161 -10.52 12.33 6.86
C GLY B 161 -9.09 11.87 6.99
N HIS B 162 -8.14 12.77 6.69
CA HIS B 162 -6.72 12.49 6.86
C HIS B 162 -6.36 12.08 8.30
N ALA B 163 -6.86 12.85 9.27
CA ALA B 163 -6.55 12.61 10.68
C ALA B 163 -7.19 11.31 11.18
N GLU B 164 -8.27 10.90 10.55
CA GLU B 164 -8.91 9.64 10.93
C GLU B 164 -7.96 8.49 10.58
N ALA B 165 -7.24 8.64 9.48
CA ALA B 165 -6.21 7.67 9.11
C ALA B 165 -4.93 7.88 9.90
N LYS B 166 -4.54 9.14 10.08
CA LYS B 166 -3.27 9.47 10.74
C LYS B 166 -3.49 10.53 11.82
N PRO B 167 -3.92 10.09 13.01
CA PRO B 167 -4.36 10.98 14.10
C PRO B 167 -3.28 11.94 14.60
N ASP B 168 -2.02 11.57 14.45
CA ASP B 168 -0.93 12.39 14.98
C ASP B 168 -0.35 13.39 13.97
N LEU B 169 -1.02 13.57 12.83
CA LEU B 169 -0.50 14.46 11.78
C LEU B 169 -0.27 15.91 12.24
N CYS B 170 0.51 16.65 11.46
CA CYS B 170 0.61 18.09 11.64
C CYS B 170 0.11 18.79 10.37
N VAL B 171 -0.19 20.09 10.49
CA VAL B 171 -0.74 20.85 9.38
C VAL B 171 0.17 22.06 9.13
N LEU B 172 0.59 22.23 7.89
CA LEU B 172 1.29 23.46 7.51
C LEU B 172 0.33 24.19 6.59
N TRP B 173 -0.06 25.39 7.00
CA TRP B 173 -1.12 26.13 6.32
C TRP B 173 -0.47 27.31 5.61
N ILE B 174 -0.43 27.29 4.28
CA ILE B 174 0.27 28.32 3.51
C ILE B 174 -0.80 29.20 2.89
N ASP B 175 -0.89 30.45 3.35
CA ASP B 175 -2.06 31.27 3.03
C ASP B 175 -1.77 32.71 3.40
N ALA B 176 -2.35 33.64 2.64
CA ALA B 176 -2.38 35.05 3.05
C ALA B 176 -3.31 35.22 4.25
N HIS B 177 -4.22 34.26 4.44
CA HIS B 177 -5.31 34.42 5.40
C HIS B 177 -5.29 33.32 6.47
N GLY B 178 -5.90 33.60 7.62
CA GLY B 178 -5.92 32.65 8.72
C GLY B 178 -6.91 31.50 8.54
N ASP B 179 -7.98 31.76 7.80
CA ASP B 179 -9.03 30.75 7.58
C ASP B 179 -9.46 30.07 8.87
N ILE B 180 -9.47 30.83 9.95
CA ILE B 180 -9.74 30.27 11.27
C ILE B 180 -10.77 31.09 12.03
N ASN B 181 -11.55 31.90 11.30
CA ASN B 181 -12.63 32.63 11.95
C ASN B 181 -13.64 31.66 12.53
N THR B 182 -14.13 31.96 13.73
CA THR B 182 -15.28 31.20 14.25
C THR B 182 -16.57 31.87 13.76
N PRO B 183 -17.67 31.11 13.65
CA PRO B 183 -18.81 31.66 12.93
C PRO B 183 -19.32 33.02 13.41
N LEU B 184 -19.39 33.23 14.72
CA LEU B 184 -19.94 34.49 15.20
C LEU B 184 -19.00 35.69 15.03
N ASN B 185 -17.75 35.44 14.63
CA ASN B 185 -16.80 36.52 14.34
C ASN B 185 -16.59 36.81 12.85
N SER B 186 -17.11 35.95 11.98
CA SER B 186 -16.91 36.13 10.55
C SER B 186 -17.74 37.27 10.01
N ALA B 187 -17.09 38.30 9.50
CA ALA B 187 -17.83 39.41 8.90
C ALA B 187 -18.46 39.00 7.56
N SER B 188 -17.83 38.07 6.85
CA SER B 188 -18.29 37.71 5.51
C SER B 188 -19.31 36.58 5.51
N GLY B 189 -19.22 35.69 6.49
CA GLY B 189 -20.07 34.51 6.51
C GLY B 189 -19.64 33.46 5.50
N ASN B 190 -18.47 33.65 4.88
CA ASN B 190 -18.03 32.71 3.84
C ASN B 190 -17.27 31.55 4.48
N MET B 191 -17.69 30.32 4.21
CA MET B 191 -17.13 29.17 4.92
C MET B 191 -15.62 28.97 4.64
N HIS B 192 -15.14 29.47 3.50
CA HIS B 192 -13.72 29.29 3.19
C HIS B 192 -12.81 30.08 4.13
N GLY B 193 -13.41 30.96 4.93
CA GLY B 193 -12.69 31.73 5.93
C GLY B 193 -12.74 31.11 7.31
N MET B 194 -13.40 29.96 7.43
CA MET B 194 -13.60 29.28 8.72
C MET B 194 -13.12 27.81 8.86
N PRO B 195 -12.49 27.22 7.84
CA PRO B 195 -12.38 25.75 7.91
C PRO B 195 -11.57 25.23 9.11
N LEU B 196 -10.57 25.97 9.56
CA LEU B 196 -9.77 25.50 10.70
C LEU B 196 -10.49 25.57 12.05
N SER B 197 -11.40 26.52 12.20
CA SER B 197 -11.99 26.72 13.52
C SER B 197 -12.76 25.48 13.97
N PHE B 198 -13.37 24.77 13.03
CA PHE B 198 -14.12 23.56 13.40
C PHE B 198 -13.22 22.40 13.82
N LEU B 199 -11.95 22.47 13.45
CA LEU B 199 -11.04 21.34 13.70
C LEU B 199 -10.20 21.51 14.96
N VAL B 200 -10.05 22.75 15.43
CA VAL B 200 -9.11 23.03 16.50
C VAL B 200 -9.77 22.88 17.86
N LYS B 201 -9.27 21.94 18.66
CA LYS B 201 -9.93 21.59 19.92
C LYS B 201 -10.06 22.78 20.86
N GLU B 202 -9.05 23.64 20.90
CA GLU B 202 -9.05 24.79 21.80
C GLU B 202 -10.11 25.83 21.46
N LEU B 203 -10.69 25.75 20.27
CA LEU B 203 -11.69 26.74 19.83
C LEU B 203 -13.14 26.30 19.96
N GLN B 204 -13.36 25.14 20.57
CA GLN B 204 -14.70 24.53 20.51
C GLN B 204 -15.77 25.25 21.32
N ASP B 205 -15.35 26.03 22.33
CA ASP B 205 -16.33 26.86 23.02
C ASP B 205 -16.70 28.12 22.23
N GLN B 206 -16.16 28.27 21.02
CA GLN B 206 -16.56 29.40 20.17
C GLN B 206 -17.31 28.97 18.93
N ILE B 207 -17.54 27.67 18.80
CA ILE B 207 -18.29 27.14 17.68
C ILE B 207 -19.73 26.89 18.14
N PRO B 208 -20.71 27.55 17.51
CA PRO B 208 -22.11 27.32 17.92
C PRO B 208 -22.53 25.88 17.67
N TRP B 209 -23.30 25.31 18.58
CA TRP B 209 -23.79 23.96 18.38
C TRP B 209 -24.83 23.91 17.26
N LEU B 210 -24.61 23.03 16.31
CA LEU B 210 -25.61 22.76 15.27
C LEU B 210 -25.67 21.26 15.07
N ASP B 211 -26.87 20.70 15.02
CA ASP B 211 -27.05 19.25 14.91
C ASP B 211 -26.30 18.60 13.75
N ASP B 212 -26.37 19.21 12.57
CA ASP B 212 -25.73 18.63 11.41
C ASP B 212 -24.20 18.72 11.45
N PHE B 213 -23.67 19.42 12.46
CA PHE B 213 -22.22 19.54 12.65
C PHE B 213 -21.67 18.52 13.64
N GLU B 214 -22.53 17.65 14.17
CA GLU B 214 -22.07 16.74 15.20
C GLU B 214 -20.94 15.81 14.74
N GLY B 215 -20.99 15.37 13.48
CA GLY B 215 -19.98 14.45 12.98
C GLY B 215 -18.63 15.09 12.64
N ILE B 216 -18.59 16.42 12.68
CA ILE B 216 -17.34 17.12 12.44
C ILE B 216 -16.63 17.30 13.77
N LYS B 217 -15.83 16.31 14.14
CA LYS B 217 -15.20 16.32 15.46
C LYS B 217 -13.83 16.98 15.35
N PRO B 218 -13.54 17.89 16.29
CA PRO B 218 -12.25 18.60 16.32
C PRO B 218 -11.13 17.59 16.45
N CYS B 219 -10.19 17.59 15.52
CA CYS B 219 -9.14 16.57 15.50
C CYS B 219 -7.72 17.14 15.58
N LEU B 220 -7.60 18.45 15.77
CA LEU B 220 -6.29 19.10 15.81
C LEU B 220 -6.10 19.85 17.11
N ASN B 221 -4.92 19.75 17.71
CA ASN B 221 -4.58 20.69 18.75
C ASN B 221 -3.91 21.89 18.11
N ALA B 222 -4.04 23.05 18.75
CA ALA B 222 -3.40 24.27 18.30
C ALA B 222 -1.91 24.06 18.10
N SER B 223 -1.32 23.16 18.87
CA SER B 223 0.11 22.88 18.80
C SER B 223 0.56 22.16 17.53
N ASN B 224 -0.40 21.70 16.73
CA ASN B 224 -0.11 20.88 15.55
C ASN B 224 -0.16 21.68 14.24
N ILE B 225 -0.46 22.98 14.32
CA ILE B 225 -0.64 23.79 13.11
C ILE B 225 0.43 24.88 13.03
N ALA B 226 0.98 25.12 11.84
CA ALA B 226 1.88 26.26 11.65
C ALA B 226 1.52 26.95 10.34
N TYR B 227 1.42 28.28 10.38
CA TYR B 227 1.09 29.08 9.21
C TYR B 227 2.34 29.65 8.56
N ILE B 228 2.34 29.71 7.23
CA ILE B 228 3.33 30.55 6.55
C ILE B 228 2.65 31.41 5.51
N GLY B 229 2.98 32.70 5.49
CA GLY B 229 2.57 33.55 4.37
C GLY B 229 1.53 34.59 4.73
N LEU B 230 1.11 34.62 5.99
CA LEU B 230 -0.01 35.45 6.40
C LEU B 230 0.21 36.93 6.17
N ARG B 231 -0.82 37.64 5.70
CA ARG B 231 -0.72 39.09 5.57
C ARG B 231 -2.07 39.82 5.64
N ASP B 232 -3.15 39.07 5.87
CA ASP B 232 -4.47 39.69 5.96
C ASP B 232 -5.32 38.94 6.99
N LEU B 233 -4.81 38.85 8.21
CA LEU B 233 -5.58 38.29 9.34
C LEU B 233 -6.69 39.21 9.83
N ASP B 234 -7.84 38.63 10.18
CA ASP B 234 -8.86 39.41 10.88
C ASP B 234 -8.48 39.48 12.36
N ALA B 235 -8.90 40.55 13.04
CA ALA B 235 -8.52 40.76 14.44
C ALA B 235 -8.81 39.57 15.34
N HIS B 236 -9.97 38.95 15.16
CA HIS B 236 -10.31 37.84 16.03
C HIS B 236 -9.47 36.60 15.76
N GLU B 237 -9.00 36.47 14.52
CA GLU B 237 -8.05 35.39 14.21
C GLU B 237 -6.72 35.66 14.92
N THR B 238 -6.23 36.89 14.83
CA THR B 238 -5.00 37.27 15.50
C THR B 238 -5.13 36.91 16.98
N HIS B 239 -6.28 37.24 17.56
CA HIS B 239 -6.48 36.99 18.98
C HIS B 239 -6.38 35.49 19.29
N ASP B 240 -7.13 34.68 18.54
CA ASP B 240 -7.12 33.24 18.78
C ASP B 240 -5.79 32.57 18.52
N ILE B 241 -5.10 33.02 17.47
CA ILE B 241 -3.80 32.45 17.14
C ILE B 241 -2.79 32.70 18.26
N ARG B 242 -2.77 33.91 18.78
CA ARG B 242 -1.83 34.25 19.84
C ARG B 242 -2.24 33.62 21.17
N LYS B 243 -3.52 33.69 21.46
CA LYS B 243 -4.04 33.13 22.72
C LYS B 243 -3.68 31.67 22.86
N HIS B 244 -3.90 30.89 21.81
CA HIS B 244 -3.68 29.45 21.87
C HIS B 244 -2.31 28.98 21.37
N GLY B 245 -1.41 29.93 21.09
CA GLY B 245 -0.03 29.60 20.76
C GLY B 245 0.14 28.85 19.44
N ILE B 246 -0.66 29.19 18.44
CA ILE B 246 -0.50 28.58 17.14
C ILE B 246 0.72 29.20 16.46
N ALA B 247 1.66 28.37 16.02
CA ALA B 247 2.87 28.88 15.36
C ALA B 247 2.47 29.59 14.08
N TYR B 248 3.00 30.79 13.86
CA TYR B 248 2.64 31.53 12.65
C TYR B 248 3.80 32.40 12.16
N PHE B 249 4.03 32.37 10.85
CA PHE B 249 5.07 33.17 10.22
C PHE B 249 4.44 33.99 9.11
N THR B 250 4.33 35.28 9.35
CA THR B 250 3.64 36.17 8.42
C THR B 250 4.65 36.65 7.38
N MET B 251 4.18 37.43 6.41
CA MET B 251 5.12 37.97 5.42
C MET B 251 6.15 38.90 6.08
N LEU B 252 5.80 39.50 7.20
CA LEU B 252 6.79 40.29 7.95
C LEU B 252 7.92 39.38 8.42
N ASP B 253 7.56 38.22 8.98
CA ASP B 253 8.55 37.22 9.35
C ASP B 253 9.38 36.72 8.17
N VAL B 254 8.73 36.46 7.03
CA VAL B 254 9.50 36.04 5.85
C VAL B 254 10.49 37.15 5.44
N ASP B 255 10.05 38.40 5.46
CA ASP B 255 10.95 39.52 5.13
C ASP B 255 12.12 39.59 6.10
N ARG B 256 11.84 39.48 7.39
CA ARG B 256 12.93 39.65 8.36
C ARG B 256 13.85 38.44 8.51
N MET B 257 13.27 37.24 8.44
CA MET B 257 13.99 35.99 8.69
C MET B 257 14.50 35.32 7.43
N GLY B 258 13.84 35.60 6.32
CA GLY B 258 14.08 34.84 5.09
C GLY B 258 13.28 33.55 5.07
N ILE B 259 12.88 33.09 3.89
CA ILE B 259 12.04 31.89 3.81
C ILE B 259 12.75 30.63 4.32
N GLU B 260 14.07 30.55 4.16
CA GLU B 260 14.78 29.34 4.59
C GLU B 260 14.60 29.13 6.09
N ALA B 261 14.86 30.18 6.88
CA ALA B 261 14.66 30.10 8.32
C ALA B 261 13.19 29.93 8.71
N VAL B 262 12.28 30.56 7.98
CA VAL B 262 10.85 30.37 8.28
C VAL B 262 10.44 28.91 8.11
N ILE B 263 10.85 28.29 7.00
CA ILE B 263 10.51 26.89 6.77
C ILE B 263 11.07 26.01 7.88
N LYS B 264 12.32 26.26 8.26
CA LYS B 264 12.96 25.47 9.31
C LYS B 264 12.22 25.60 10.64
N GLU B 265 11.90 26.81 11.03
CA GLU B 265 11.22 27.08 12.30
C GLU B 265 9.80 26.54 12.31
N ALA B 266 9.11 26.59 11.18
CA ALA B 266 7.75 26.05 11.11
C ALA B 266 7.75 24.52 11.32
N LEU B 267 8.67 23.84 10.64
CA LEU B 267 8.80 22.38 10.81
C LEU B 267 9.25 22.02 12.22
N LEU B 268 10.15 22.81 12.78
CA LEU B 268 10.59 22.60 14.15
C LEU B 268 9.42 22.78 15.12
N ALA B 269 8.56 23.76 14.86
CA ALA B 269 7.42 24.01 15.72
C ALA B 269 6.39 22.86 15.77
N VAL B 270 6.08 22.26 14.63
CA VAL B 270 5.01 21.25 14.62
C VAL B 270 5.50 19.85 14.24
N ASN B 271 6.74 19.72 13.77
CA ASN B 271 7.24 18.38 13.41
C ASN B 271 8.73 18.25 13.70
N PRO B 272 9.13 18.48 14.96
CA PRO B 272 10.54 18.72 15.28
C PRO B 272 11.54 17.60 14.94
N ARG B 273 11.08 16.36 14.95
CA ARG B 273 11.95 15.23 14.65
C ARG B 273 11.44 14.43 13.46
N LEU B 274 10.58 15.07 12.66
CA LEU B 274 10.03 14.46 11.46
C LEU B 274 9.30 13.16 11.76
N GLU B 275 8.67 13.10 12.92
CA GLU B 275 7.93 11.92 13.35
C GLU B 275 6.51 11.90 12.77
N LYS B 276 5.98 13.07 12.42
CA LYS B 276 4.56 13.12 12.02
C LYS B 276 4.30 13.25 10.53
N ALA B 277 3.20 12.66 10.09
CA ALA B 277 2.72 12.88 8.72
C ALA B 277 2.35 14.34 8.57
N ILE B 278 2.55 14.90 7.38
CA ILE B 278 2.26 16.33 7.15
C ILE B 278 1.10 16.48 6.18
N HIS B 279 0.16 17.33 6.57
CA HIS B 279 -0.91 17.79 5.71
C HIS B 279 -0.51 19.20 5.31
N LEU B 280 -0.19 19.40 4.05
CA LEU B 280 0.20 20.70 3.54
C LEU B 280 -1.00 21.33 2.86
N SER B 281 -1.53 22.39 3.45
CA SER B 281 -2.70 23.05 2.88
C SER B 281 -2.27 24.36 2.26
N PHE B 282 -2.21 24.37 0.93
CA PHE B 282 -1.63 25.51 0.19
C PHE B 282 -2.73 26.30 -0.52
N ASP B 283 -3.01 27.51 -0.03
CA ASP B 283 -3.94 28.40 -0.71
C ASP B 283 -3.12 29.10 -1.78
N ILE B 284 -3.56 29.02 -3.03
CA ILE B 284 -2.81 29.68 -4.10
C ILE B 284 -2.64 31.18 -3.84
N ASP B 285 -3.54 31.78 -3.06
CA ASP B 285 -3.43 33.21 -2.78
C ASP B 285 -2.33 33.56 -1.78
N ALA B 286 -1.63 32.54 -1.28
CA ALA B 286 -0.43 32.79 -0.50
C ALA B 286 0.63 33.43 -1.39
N LEU B 287 0.62 33.06 -2.67
CA LEU B 287 1.56 33.58 -3.66
C LEU B 287 1.15 35.00 -4.07
N ASP B 288 2.12 35.80 -4.47
CA ASP B 288 1.83 37.16 -4.87
C ASP B 288 0.87 37.14 -6.05
N PRO B 289 -0.07 38.10 -6.11
CA PRO B 289 -0.97 38.21 -7.25
C PRO B 289 -0.27 38.38 -8.62
N LEU B 290 0.97 38.83 -8.63
CA LEU B 290 1.71 38.89 -9.88
C LEU B 290 1.92 37.52 -10.50
N VAL B 291 1.96 36.47 -9.68
CA VAL B 291 2.14 35.13 -10.22
C VAL B 291 0.91 34.25 -10.10
N ALA B 292 -0.02 34.62 -9.23
CA ALA B 292 -1.27 33.86 -9.11
C ALA B 292 -2.47 34.79 -9.06
N PRO B 293 -2.74 35.50 -10.16
CA PRO B 293 -3.80 36.50 -10.15
C PRO B 293 -5.21 35.93 -10.13
N SER B 294 -5.39 34.70 -10.62
CA SER B 294 -6.76 34.17 -10.82
C SER B 294 -7.21 33.46 -9.56
N THR B 295 -7.54 34.26 -8.55
CA THR B 295 -7.95 33.73 -7.27
C THR B 295 -8.87 34.79 -6.64
N GLY B 296 -9.77 34.37 -5.76
CA GLY B 296 -10.85 35.26 -5.33
C GLY B 296 -10.52 36.34 -4.31
N THR B 297 -9.54 36.07 -3.44
CA THR B 297 -9.16 37.05 -2.42
C THR B 297 -7.66 37.31 -2.50
N ALA B 298 -7.26 38.02 -3.55
CA ALA B 298 -5.85 38.30 -3.79
C ALA B 298 -5.33 39.38 -2.84
N VAL B 299 -4.12 39.21 -2.32
CA VAL B 299 -3.52 40.22 -1.43
C VAL B 299 -2.08 40.52 -1.86
N PRO B 300 -1.78 41.78 -2.20
CA PRO B 300 -0.43 42.16 -2.66
C PRO B 300 0.65 41.86 -1.62
N GLY B 301 1.91 41.78 -2.07
CA GLY B 301 3.01 41.53 -1.13
C GLY B 301 3.12 40.08 -0.68
N GLY B 302 2.82 39.16 -1.60
CA GLY B 302 2.84 37.73 -1.29
C GLY B 302 4.17 37.02 -1.45
N LEU B 303 4.14 35.71 -1.25
CA LEU B 303 5.31 34.87 -1.51
C LEU B 303 5.66 34.93 -3.00
N THR B 304 6.94 34.99 -3.31
CA THR B 304 7.36 34.81 -4.70
C THR B 304 7.11 33.36 -5.09
N LEU B 305 7.07 33.07 -6.38
CA LEU B 305 6.96 31.66 -6.77
C LEU B 305 8.11 30.87 -6.18
N ARG B 306 9.32 31.44 -6.22
CA ARG B 306 10.51 30.79 -5.65
C ARG B 306 10.35 30.45 -4.17
N GLU B 307 9.82 31.39 -3.40
CA GLU B 307 9.59 31.12 -1.97
C GLU B 307 8.57 30.00 -1.79
N GLY B 308 7.52 30.03 -2.61
CA GLY B 308 6.52 28.95 -2.59
C GLY B 308 7.16 27.61 -2.92
N LEU B 309 8.05 27.60 -3.92
CA LEU B 309 8.72 26.37 -4.27
C LEU B 309 9.60 25.88 -3.14
N ARG B 310 10.30 26.79 -2.46
CA ARG B 310 11.16 26.36 -1.37
C ARG B 310 10.34 25.69 -0.27
N ILE B 311 9.18 26.26 0.04
CA ILE B 311 8.34 25.64 1.07
C ILE B 311 8.01 24.19 0.67
N CYS B 312 7.55 24.02 -0.57
CA CYS B 312 7.14 22.71 -1.06
C CYS B 312 8.31 21.72 -1.17
N GLU B 313 9.46 22.23 -1.61
CA GLU B 313 10.65 21.40 -1.76
C GLU B 313 11.09 20.85 -0.41
N GLU B 314 11.12 21.71 0.59
CA GLU B 314 11.52 21.29 1.93
C GLU B 314 10.51 20.32 2.55
N VAL B 315 9.23 20.63 2.40
CA VAL B 315 8.22 19.72 2.94
C VAL B 315 8.30 18.35 2.24
N SER B 316 8.43 18.36 0.93
CA SER B 316 8.58 17.10 0.19
C SER B 316 9.77 16.30 0.71
N ALA B 317 10.90 16.97 0.88
CA ALA B 317 12.14 16.28 1.25
C ALA B 317 12.14 15.65 2.67
N THR B 318 11.18 16.01 3.51
CA THR B 318 11.09 15.39 4.83
C THR B 318 10.77 13.91 4.69
N GLY B 319 10.19 13.55 3.55
CA GLY B 319 9.68 12.20 3.37
C GLY B 319 8.37 11.97 4.10
N LYS B 320 7.81 13.02 4.70
CA LYS B 320 6.58 12.89 5.48
C LYS B 320 5.36 13.57 4.85
N LEU B 321 5.47 13.98 3.59
CA LEU B 321 4.33 14.62 2.95
C LEU B 321 3.27 13.55 2.74
N SER B 322 2.12 13.70 3.40
CA SER B 322 1.05 12.70 3.32
C SER B 322 -0.12 13.18 2.46
N VAL B 323 -0.52 14.43 2.66
CA VAL B 323 -1.51 15.06 1.80
C VAL B 323 -1.03 16.48 1.46
N VAL B 324 -1.10 16.84 0.19
CA VAL B 324 -1.04 18.24 -0.18
C VAL B 324 -2.32 18.63 -0.91
N GLU B 325 -2.92 19.74 -0.50
CA GLU B 325 -4.09 20.26 -1.19
C GLU B 325 -3.79 21.67 -1.65
N LEU B 326 -4.24 21.99 -2.84
CA LEU B 326 -4.04 23.30 -3.42
C LEU B 326 -5.42 23.93 -3.64
N ALA B 327 -5.70 25.00 -2.90
CA ALA B 327 -7.03 25.62 -2.86
C ALA B 327 -7.09 26.96 -3.59
N GLU B 328 -8.31 27.34 -3.98
CA GLU B 328 -8.65 28.71 -4.46
C GLU B 328 -8.20 29.08 -5.88
N LEU B 329 -7.81 28.11 -6.71
CA LEU B 329 -7.71 28.37 -8.15
C LEU B 329 -9.10 28.76 -8.63
N ASN B 330 -9.20 29.85 -9.40
CA ASN B 330 -10.45 30.21 -10.05
C ASN B 330 -10.18 30.74 -11.47
N PRO B 331 -10.27 29.85 -12.46
CA PRO B 331 -9.96 30.22 -13.84
C PRO B 331 -11.03 31.08 -14.52
N LEU B 332 -12.10 31.42 -13.81
CA LEU B 332 -13.08 32.39 -14.34
C LEU B 332 -12.71 33.82 -13.94
N LEU B 333 -11.61 33.98 -13.23
CA LEU B 333 -11.16 35.31 -12.82
C LEU B 333 -9.92 35.70 -13.60
N GLY B 334 -9.88 36.96 -14.02
CA GLY B 334 -8.74 37.50 -14.73
C GLY B 334 -8.76 37.25 -16.24
N SER B 335 -7.72 37.73 -16.92
CA SER B 335 -7.61 37.56 -18.38
C SER B 335 -7.17 36.13 -18.69
N GLN B 336 -7.17 35.76 -19.97
CA GLN B 336 -6.62 34.46 -20.35
C GLN B 336 -5.17 34.30 -19.88
N GLU B 337 -4.39 35.37 -20.00
CA GLU B 337 -3.00 35.28 -19.58
C GLU B 337 -2.87 35.13 -18.05
N ASP B 338 -3.75 35.80 -17.31
CA ASP B 338 -3.78 35.66 -15.84
C ASP B 338 -4.00 34.18 -15.48
N VAL B 339 -4.93 33.54 -16.18
CA VAL B 339 -5.26 32.15 -15.91
C VAL B 339 -4.07 31.27 -16.21
N LEU B 340 -3.38 31.53 -17.31
CA LEU B 340 -2.19 30.74 -17.67
C LEU B 340 -1.07 30.92 -16.64
N LYS B 341 -0.88 32.15 -16.16
CA LYS B 341 0.10 32.39 -15.09
C LYS B 341 -0.26 31.60 -13.84
N THR B 342 -1.53 31.64 -13.48
CA THR B 342 -1.97 30.99 -12.25
C THR B 342 -1.83 29.48 -12.37
N GLN B 343 -2.26 28.94 -13.51
CA GLN B 343 -2.12 27.52 -13.81
C GLN B 343 -0.65 27.09 -13.75
N SER B 344 0.21 27.88 -14.36
CA SER B 344 1.64 27.58 -14.36
C SER B 344 2.24 27.55 -12.94
N SER B 345 1.91 28.56 -12.14
CA SER B 345 2.40 28.60 -10.76
C SER B 345 1.92 27.36 -10.01
N ALA B 346 0.63 27.04 -10.16
CA ALA B 346 0.08 25.85 -9.53
C ALA B 346 0.83 24.57 -9.91
N VAL B 347 1.08 24.41 -11.21
CA VAL B 347 1.78 23.21 -11.68
C VAL B 347 3.18 23.11 -11.10
N HIS B 348 3.96 24.21 -11.14
CA HIS B 348 5.30 24.17 -10.54
C HIS B 348 5.25 23.85 -9.04
N ILE B 349 4.29 24.42 -8.33
CA ILE B 349 4.13 24.16 -6.89
C ILE B 349 3.85 22.65 -6.65
N LEU B 350 2.89 22.10 -7.39
CA LEU B 350 2.52 20.70 -7.16
C LEU B 350 3.67 19.76 -7.54
N ARG B 351 4.40 20.08 -8.60
CA ARG B 351 5.54 19.24 -8.96
C ARG B 351 6.59 19.21 -7.87
N ALA B 352 6.83 20.37 -7.26
CA ALA B 352 7.80 20.46 -6.17
C ALA B 352 7.34 19.59 -4.99
N CYS B 353 6.04 19.60 -4.70
CA CYS B 353 5.54 18.80 -3.59
C CYS B 353 5.84 17.32 -3.79
N LEU B 354 5.80 16.87 -5.03
CA LEU B 354 6.01 15.45 -5.31
C LEU B 354 7.49 15.09 -5.47
N GLY B 355 8.36 16.07 -5.44
CA GLY B 355 9.78 15.80 -5.43
C GLY B 355 10.57 16.34 -6.61
N HIS B 356 9.93 17.11 -7.47
CA HIS B 356 10.67 17.64 -8.60
C HIS B 356 11.78 18.55 -8.12
N CYS B 357 12.96 18.42 -8.70
CA CYS B 357 14.16 19.16 -8.29
CA CYS B 357 14.09 19.22 -8.27
C CYS B 357 14.59 20.14 -9.38
N ARG B 358 14.71 21.42 -9.03
CA ARG B 358 15.14 22.44 -9.99
C ARG B 358 16.59 22.28 -10.40
N SER B 359 17.34 21.48 -9.65
CA SER B 359 18.74 21.26 -9.98
C SER B 359 18.91 20.07 -10.89
N GLY B 360 17.80 19.48 -11.35
CA GLY B 360 17.86 18.43 -12.34
C GLY B 360 17.66 17.03 -11.78
N HIS B 361 17.29 16.12 -12.68
CA HIS B 361 17.07 14.71 -12.34
C HIS B 361 17.95 13.91 -13.29
N LEU B 362 18.45 12.77 -12.81
CA LEU B 362 19.28 11.89 -13.63
C LEU B 362 18.42 11.01 -14.53
N PRO B 363 18.96 10.58 -15.67
CA PRO B 363 18.16 9.72 -16.54
C PRO B 363 17.98 8.36 -15.89
N PHE B 364 16.88 7.69 -16.20
CA PHE B 364 16.65 6.37 -15.67
C PHE B 364 17.55 5.38 -16.40
N LYS B 365 17.80 5.66 -17.67
CA LYS B 365 18.81 4.94 -18.44
C LYS B 365 19.68 5.91 -19.22
N VAL B 366 20.98 5.84 -18.96
CA VAL B 366 21.94 6.69 -19.65
C VAL B 366 22.16 6.21 -21.08
N ARG B 367 22.05 7.13 -22.03
CA ARG B 367 22.26 6.83 -23.44
C ARG B 367 23.73 7.00 -23.82
N ASN B 368 24.16 6.29 -24.87
CA ASN B 368 25.56 6.28 -25.25
C ASN B 368 25.74 5.98 -26.74
N LEU B 369 26.31 6.95 -27.46
CA LEU B 369 26.46 6.85 -28.92
C LEU B 369 26.90 5.50 -29.42
N THR B 370 27.93 4.93 -28.79
CA THR B 370 28.48 3.66 -29.26
C THR B 370 27.48 2.50 -29.15
N ASP B 371 26.51 2.65 -28.25
CA ASP B 371 25.47 1.62 -28.08
C ASP B 371 24.46 1.69 -29.22
N GLN B 372 24.54 2.75 -30.01
CA GLN B 372 23.64 2.91 -31.14
C GLN B 372 24.40 2.65 -32.46
N GLY B 373 25.66 2.25 -32.33
CA GLY B 373 26.49 1.95 -33.48
C GLY B 373 26.81 3.15 -34.33
N ILE B 374 26.91 4.32 -33.71
CA ILE B 374 27.15 5.55 -34.44
C ILE B 374 28.56 6.08 -34.19
N MET B 375 29.21 6.49 -35.27
CA MET B 375 30.58 6.99 -35.20
C MET B 375 30.61 8.38 -34.56
N SER B 376 31.38 8.54 -33.50
CA SER B 376 31.46 9.83 -32.82
C SER B 376 32.62 10.65 -33.35
N ARG B 377 32.61 11.95 -33.08
CA ARG B 377 33.70 12.78 -33.51
C ARG B 377 35.01 12.30 -32.87
N ALA B 378 34.95 11.98 -31.57
CA ALA B 378 36.12 11.49 -30.88
C ALA B 378 36.61 10.22 -31.57
N ALA B 379 35.67 9.35 -31.95
CA ALA B 379 36.00 8.08 -32.60
C ALA B 379 36.58 8.29 -33.99
N HIS B 380 35.99 9.21 -34.74
CA HIS B 380 36.45 9.48 -36.11
C HIS B 380 37.86 10.06 -36.13
N MET B 381 38.20 10.82 -35.10
CA MET B 381 39.45 11.58 -35.11
C MET B 381 40.68 10.73 -34.85
N GLN B 382 40.50 9.41 -34.85
CA GLN B 382 41.61 8.47 -34.72
C GLN B 382 41.29 7.15 -35.41
N LYS C 39 22.38 -26.99 13.44
CA LYS C 39 21.84 -27.44 14.72
C LYS C 39 20.32 -27.32 14.77
N LEU C 40 19.80 -26.15 14.42
CA LEU C 40 18.35 -25.96 14.42
C LEU C 40 17.69 -26.66 13.24
N LEU C 41 16.56 -27.31 13.48
CA LEU C 41 15.82 -28.00 12.43
C LEU C 41 15.22 -27.02 11.43
N TYR C 42 14.79 -25.87 11.94
CA TYR C 42 14.24 -24.81 11.10
C TYR C 42 14.97 -23.51 11.43
N THR C 43 15.71 -22.98 10.46
CA THR C 43 16.46 -21.75 10.69
C THR C 43 15.68 -20.51 10.25
N SER C 44 14.74 -20.69 9.34
CA SER C 44 13.87 -19.61 8.92
C SER C 44 12.40 -20.03 8.92
N ALA C 45 11.49 -19.05 8.94
CA ALA C 45 10.07 -19.33 8.92
C ALA C 45 9.29 -18.15 8.36
N ASN C 46 8.11 -18.44 7.82
CA ASN C 46 7.21 -17.40 7.35
C ASN C 46 6.04 -17.26 8.31
N PHE C 47 5.50 -16.04 8.41
CA PHE C 47 4.35 -15.78 9.27
C PHE C 47 3.26 -15.15 8.42
N LEU C 48 2.03 -15.63 8.57
CA LEU C 48 0.93 -15.13 7.77
C LEU C 48 -0.34 -15.02 8.62
N GLY C 49 -1.01 -13.88 8.52
CA GLY C 49 -2.28 -13.69 9.20
C GLY C 49 -3.45 -13.94 8.25
N ILE C 50 -4.48 -14.61 8.74
CA ILE C 50 -5.72 -14.78 7.98
C ILE C 50 -6.89 -14.48 8.90
N PRO C 51 -7.42 -13.26 8.81
CA PRO C 51 -8.43 -12.76 9.76
C PRO C 51 -9.86 -13.22 9.44
N THR C 52 -10.05 -14.49 9.13
CA THR C 52 -11.39 -14.97 8.80
C THR C 52 -12.35 -14.78 9.97
N ASN C 53 -13.56 -14.34 9.67
CA ASN C 53 -14.58 -14.14 10.71
C ASN C 53 -15.97 -14.48 10.20
N ARG C 54 -16.04 -14.95 8.95
CA ARG C 54 -17.31 -15.35 8.35
C ARG C 54 -17.56 -16.86 8.43
N GLY C 55 -16.73 -17.56 9.18
CA GLY C 55 -16.93 -18.99 9.39
C GLY C 55 -17.76 -19.28 10.62
N GLN C 56 -17.99 -18.24 11.41
CA GLN C 56 -18.76 -18.37 12.66
C GLN C 56 -19.27 -16.99 13.11
N PRO C 57 -20.33 -16.98 13.93
CA PRO C 57 -21.12 -15.78 14.23
C PRO C 57 -20.49 -14.76 15.17
N LYS C 58 -19.52 -15.16 15.99
CA LYS C 58 -18.96 -14.23 16.98
C LYS C 58 -17.88 -13.33 16.42
N ILE C 59 -18.11 -12.03 16.51
CA ILE C 59 -17.15 -11.06 15.99
C ILE C 59 -15.88 -11.10 16.84
N GLY C 60 -14.72 -11.11 16.19
CA GLY C 60 -13.49 -11.02 16.96
C GLY C 60 -12.33 -11.89 16.49
N THR C 61 -12.65 -12.98 15.79
CA THR C 61 -11.58 -13.83 15.28
C THR C 61 -10.74 -13.10 14.25
N TYR C 62 -11.28 -12.02 13.69
CA TYR C 62 -10.51 -11.21 12.74
C TYR C 62 -9.31 -10.55 13.44
N GLN C 63 -9.36 -10.47 14.77
CA GLN C 63 -8.30 -9.83 15.54
C GLN C 63 -7.22 -10.81 16.00
N GLY C 64 -7.37 -12.08 15.64
CA GLY C 64 -6.41 -13.09 16.06
C GLY C 64 -4.97 -12.80 15.66
N PRO C 65 -4.74 -12.50 14.37
CA PRO C 65 -3.37 -12.20 13.94
C PRO C 65 -2.73 -11.06 14.73
N GLU C 66 -3.49 -9.99 14.97
CA GLU C 66 -2.95 -8.87 15.74
C GLU C 66 -2.65 -9.27 17.18
N LEU C 67 -3.43 -10.22 17.71
CA LEU C 67 -3.21 -10.69 19.09
C LEU C 67 -1.82 -11.31 19.21
N ILE C 68 -1.36 -11.94 18.14
CA ILE C 68 -0.04 -12.56 18.15
C ILE C 68 1.07 -11.57 17.75
N ARG C 69 0.82 -10.76 16.74
CA ARG C 69 1.79 -9.72 16.37
C ARG C 69 2.06 -8.77 17.54
N LYS C 70 1.05 -8.55 18.38
CA LYS C 70 1.18 -7.68 19.54
C LYS C 70 1.90 -8.32 20.72
N SER C 71 2.08 -9.64 20.65
CA SER C 71 2.75 -10.34 21.74
C SER C 71 4.25 -10.25 21.52
N ASN C 72 5.02 -10.92 22.36
CA ASN C 72 6.46 -10.98 22.20
C ASN C 72 6.88 -12.21 21.40
N PHE C 73 5.93 -12.78 20.65
CA PHE C 73 6.20 -13.96 19.83
C PHE C 73 7.37 -13.75 18.84
N PHE C 74 7.32 -12.66 18.08
CA PHE C 74 8.37 -12.40 17.09
C PHE C 74 9.73 -12.26 17.76
N GLN C 75 9.78 -11.52 18.85
CA GLN C 75 11.02 -11.38 19.63
C GLN C 75 11.56 -12.73 20.11
N LEU C 76 10.69 -13.55 20.68
CA LEU C 76 11.12 -14.83 21.24
C LEU C 76 11.65 -15.78 20.17
N VAL C 77 11.01 -15.78 18.99
CA VAL C 77 11.46 -16.59 17.87
C VAL C 77 12.83 -16.14 17.39
N ALA C 78 13.03 -14.83 17.35
CA ALA C 78 14.32 -14.28 16.95
C ALA C 78 15.40 -14.67 17.94
N GLU C 79 15.04 -14.73 19.23
CA GLU C 79 15.98 -15.07 20.27
C GLU C 79 16.38 -16.54 20.27
N ASP C 80 15.56 -17.39 19.66
CA ASP C 80 15.91 -18.80 19.54
C ASP C 80 16.78 -19.03 18.31
N GLY C 81 16.99 -17.99 17.52
CA GLY C 81 17.92 -18.04 16.40
C GLY C 81 17.23 -18.24 15.06
N ILE C 82 15.93 -18.03 15.05
CA ILE C 82 15.13 -18.24 13.84
C ILE C 82 14.79 -16.92 13.17
N GLN C 83 14.99 -16.86 11.86
CA GLN C 83 14.66 -15.67 11.09
C GLN C 83 13.20 -15.73 10.61
N LEU C 84 12.34 -14.93 11.24
CA LEU C 84 10.91 -14.97 10.95
C LEU C 84 10.50 -13.84 10.03
N THR C 85 10.02 -14.18 8.83
CA THR C 85 9.56 -13.17 7.89
C THR C 85 8.03 -12.99 7.93
N ASP C 86 7.60 -11.80 8.31
CA ASP C 86 6.18 -11.49 8.32
C ASP C 86 5.69 -11.30 6.89
N CYS C 87 4.83 -12.20 6.42
CA CYS C 87 4.35 -12.15 5.05
C CYS C 87 2.99 -11.47 4.90
N GLY C 88 2.60 -10.70 5.91
CA GLY C 88 1.37 -9.92 5.85
C GLY C 88 0.10 -10.71 6.20
N ASP C 89 -1.04 -10.18 5.78
CA ASP C 89 -2.33 -10.83 6.02
C ASP C 89 -3.03 -11.09 4.70
N ILE C 90 -3.76 -12.20 4.64
CA ILE C 90 -4.70 -12.40 3.56
C ILE C 90 -5.92 -11.53 3.85
N ILE C 91 -6.52 -10.98 2.81
CA ILE C 91 -7.72 -10.17 2.98
C ILE C 91 -8.93 -11.02 2.62
N PRO C 92 -9.71 -11.44 3.64
CA PRO C 92 -10.87 -12.29 3.33
C PRO C 92 -11.89 -11.55 2.48
N VAL C 93 -12.63 -12.29 1.66
CA VAL C 93 -13.77 -11.72 0.94
C VAL C 93 -14.99 -11.80 1.87
N GLU C 94 -15.56 -10.64 2.18
CA GLU C 94 -16.74 -10.60 3.03
C GLU C 94 -17.88 -9.89 2.31
N LEU C 95 -18.76 -10.68 1.71
CA LEU C 95 -19.88 -10.16 0.93
C LEU C 95 -21.01 -9.74 1.87
N ASN C 96 -21.97 -8.98 1.37
CA ASN C 96 -23.11 -8.59 2.21
C ASN C 96 -24.23 -9.62 2.11
N GLU C 97 -25.26 -9.47 2.95
CA GLU C 97 -26.33 -10.48 3.01
C GLU C 97 -26.99 -10.74 1.67
N ALA C 98 -27.26 -9.68 0.91
CA ALA C 98 -27.97 -9.83 -0.36
C ALA C 98 -27.15 -10.64 -1.36
N GLU C 99 -25.84 -10.46 -1.34
CA GLU C 99 -24.93 -11.12 -2.27
C GLU C 99 -24.63 -12.55 -1.84
N ASP C 100 -24.80 -12.82 -0.55
CA ASP C 100 -24.37 -14.10 0.01
C ASP C 100 -25.43 -14.67 0.94
N PRO C 101 -26.60 -15.01 0.40
CA PRO C 101 -27.68 -15.57 1.23
C PRO C 101 -27.39 -17.04 1.55
N GLN C 102 -28.18 -17.63 2.45
CA GLN C 102 -28.01 -19.04 2.80
C GLN C 102 -28.20 -19.92 1.57
N ARG C 103 -27.37 -20.96 1.45
CA ARG C 103 -27.50 -21.97 0.41
C ARG C 103 -27.20 -23.32 1.02
N PHE C 104 -28.08 -24.30 0.81
CA PHE C 104 -27.98 -25.61 1.44
C PHE C 104 -27.62 -25.51 2.92
N GLY C 105 -28.21 -24.54 3.62
CA GLY C 105 -28.02 -24.41 5.04
C GLY C 105 -26.81 -23.58 5.44
N MET C 106 -25.87 -23.42 4.52
CA MET C 106 -24.59 -22.76 4.83
C MET C 106 -24.76 -21.26 4.99
N LYS C 107 -24.11 -20.69 6.00
CA LYS C 107 -24.10 -19.24 6.17
C LYS C 107 -22.81 -18.69 5.56
N TRP C 108 -22.94 -17.68 4.70
CA TRP C 108 -21.80 -17.02 4.07
C TRP C 108 -20.96 -17.95 3.19
N SER C 109 -21.61 -18.78 2.40
CA SER C 109 -20.88 -19.78 1.61
C SER C 109 -20.12 -19.20 0.42
N ARG C 110 -20.59 -18.08 -0.14
CA ARG C 110 -19.89 -17.47 -1.27
C ARG C 110 -18.66 -16.71 -0.78
N SER C 111 -18.80 -16.02 0.35
CA SER C 111 -17.64 -15.43 1.02
C SER C 111 -16.60 -16.52 1.29
N PHE C 112 -17.08 -17.68 1.73
CA PHE C 112 -16.21 -18.84 1.96
C PHE C 112 -15.50 -19.32 0.68
N SER C 113 -16.26 -19.58 -0.38
CA SER C 113 -15.63 -20.14 -1.59
C SER C 113 -14.60 -19.15 -2.15
N LEU C 114 -14.94 -17.87 -2.16
CA LEU C 114 -14.02 -16.85 -2.67
C LEU C 114 -12.79 -16.73 -1.78
N THR C 115 -13.01 -16.71 -0.47
CA THR C 115 -11.91 -16.58 0.49
C THR C 115 -11.01 -17.82 0.44
N THR C 116 -11.63 -18.98 0.29
CA THR C 116 -10.89 -20.23 0.17
C THR C 116 -9.89 -20.16 -0.98
N LEU C 117 -10.36 -19.80 -2.17
CA LEU C 117 -9.50 -19.75 -3.35
C LEU C 117 -8.40 -18.70 -3.19
N ARG C 118 -8.73 -17.58 -2.55
CA ARG C 118 -7.76 -16.52 -2.30
C ARG C 118 -6.65 -16.99 -1.36
N ILE C 119 -7.05 -17.62 -0.26
CA ILE C 119 -6.09 -18.19 0.68
C ILE C 119 -5.21 -19.19 -0.04
N ALA C 120 -5.84 -20.11 -0.78
CA ALA C 120 -5.11 -21.19 -1.42
C ALA C 120 -4.04 -20.67 -2.37
N GLU C 121 -4.36 -19.60 -3.09
CA GLU C 121 -3.41 -19.01 -4.03
C GLU C 121 -2.17 -18.50 -3.31
N ARG C 122 -2.38 -17.79 -2.20
CA ARG C 122 -1.28 -17.18 -1.47
C ARG C 122 -0.43 -18.24 -0.77
N VAL C 123 -1.09 -19.23 -0.18
CA VAL C 123 -0.38 -20.29 0.51
C VAL C 123 0.46 -21.11 -0.47
N GLU C 124 -0.11 -21.42 -1.63
CA GLU C 124 0.61 -22.18 -2.64
C GLU C 124 1.88 -21.44 -3.05
N GLU C 125 1.76 -20.13 -3.23
CA GLU C 125 2.88 -19.28 -3.61
C GLU C 125 4.00 -19.32 -2.57
N LEU C 126 3.63 -19.17 -1.30
CA LEU C 126 4.59 -19.14 -0.21
C LEU C 126 5.30 -20.48 -0.08
N MET C 127 4.54 -21.56 -0.15
CA MET C 127 5.11 -22.89 -0.05
C MET C 127 6.00 -23.26 -1.25
N LYS C 128 5.76 -22.62 -2.40
CA LYS C 128 6.58 -22.90 -3.58
C LYS C 128 7.88 -22.11 -3.58
N GLN C 129 7.84 -20.89 -3.05
CA GLN C 129 9.06 -20.12 -2.89
C GLN C 129 9.94 -20.82 -1.86
N SER C 130 9.31 -21.70 -1.07
CA SER C 130 10.00 -22.48 -0.05
C SER C 130 10.67 -23.73 -0.64
N ASN C 131 9.97 -24.38 -1.56
CA ASN C 131 10.49 -25.61 -2.18
C ASN C 131 11.60 -25.29 -3.19
N LYS C 141 17.03 -27.26 4.66
CA LYS C 141 16.06 -27.41 5.74
C LYS C 141 14.75 -26.68 5.43
N SER C 142 13.64 -27.37 5.71
CA SER C 142 12.30 -26.81 5.50
C SER C 142 12.14 -25.40 6.09
N THR C 143 11.36 -24.57 5.41
CA THR C 143 10.96 -23.26 5.93
C THR C 143 9.47 -23.32 6.31
N PRO C 144 9.18 -23.54 7.59
CA PRO C 144 7.79 -23.69 8.02
C PRO C 144 6.98 -22.43 7.77
N LEU C 145 5.70 -22.58 7.45
CA LEU C 145 4.80 -21.45 7.36
C LEU C 145 3.89 -21.44 8.58
N VAL C 146 3.96 -20.36 9.35
CA VAL C 146 3.13 -20.19 10.54
C VAL C 146 1.94 -19.31 10.20
N ILE C 147 0.74 -19.86 10.32
CA ILE C 147 -0.49 -19.13 9.99
C ILE C 147 -1.33 -18.88 11.23
N VAL C 148 -1.73 -17.63 11.44
CA VAL C 148 -2.61 -17.31 12.56
C VAL C 148 -3.97 -16.84 12.08
N GLY C 149 -5.03 -17.52 12.52
CA GLY C 149 -6.39 -17.14 12.17
C GLY C 149 -6.96 -16.11 13.14
N GLY C 150 -8.23 -15.75 12.96
CA GLY C 150 -9.09 -16.33 11.94
C GLY C 150 -9.83 -17.55 12.48
N ASP C 151 -11.10 -17.70 12.13
CA ASP C 151 -11.83 -18.91 12.52
C ASP C 151 -11.40 -20.07 11.62
N HIS C 152 -11.76 -21.29 12.01
CA HIS C 152 -11.17 -22.47 11.39
C HIS C 152 -11.58 -22.71 9.93
N SER C 153 -12.58 -21.98 9.45
CA SER C 153 -12.99 -22.11 8.06
C SER C 153 -11.81 -21.88 7.10
N MET C 154 -10.81 -21.13 7.55
CA MET C 154 -9.64 -20.84 6.73
C MET C 154 -8.90 -22.10 6.28
N ALA C 155 -9.06 -23.20 7.02
CA ALA C 155 -8.33 -24.43 6.74
C ALA C 155 -8.59 -25.05 5.37
N THR C 156 -9.78 -24.86 4.83
CA THR C 156 -10.06 -25.39 3.49
C THR C 156 -9.09 -24.75 2.49
N GLY C 157 -8.80 -23.47 2.68
CA GLY C 157 -7.93 -22.75 1.77
C GLY C 157 -6.45 -23.04 2.02
N THR C 158 -6.08 -23.05 3.29
CA THR C 158 -4.67 -23.25 3.64
C THR C 158 -4.23 -24.64 3.22
N ILE C 159 -5.07 -25.64 3.48
CA ILE C 159 -4.74 -27.00 3.09
C ILE C 159 -4.75 -27.18 1.58
N LEU C 160 -5.75 -26.58 0.92
CA LEU C 160 -5.82 -26.64 -0.54
C LEU C 160 -4.52 -26.13 -1.15
N GLY C 161 -4.11 -24.93 -0.74
CA GLY C 161 -2.91 -24.28 -1.24
C GLY C 161 -1.66 -25.08 -0.91
N HIS C 162 -1.58 -25.55 0.33
CA HIS C 162 -0.46 -26.36 0.80
C HIS C 162 -0.29 -27.61 -0.07
N ALA C 163 -1.40 -28.30 -0.33
CA ALA C 163 -1.38 -29.54 -1.08
C ALA C 163 -1.00 -29.32 -2.55
N GLU C 164 -1.18 -28.10 -3.04
CA GLU C 164 -0.71 -27.79 -4.39
C GLU C 164 0.81 -27.83 -4.45
N ALA C 165 1.46 -27.35 -3.40
CA ALA C 165 2.92 -27.37 -3.32
C ALA C 165 3.45 -28.71 -2.80
N LYS C 166 2.63 -29.41 -2.01
CA LYS C 166 3.03 -30.70 -1.45
C LYS C 166 1.88 -31.70 -1.40
N PRO C 167 1.65 -32.41 -2.52
CA PRO C 167 0.42 -33.19 -2.71
C PRO C 167 0.31 -34.39 -1.78
N ASP C 168 1.42 -34.90 -1.30
CA ASP C 168 1.40 -36.10 -0.45
C ASP C 168 1.45 -35.78 1.05
N LEU C 169 1.13 -34.55 1.42
CA LEU C 169 1.17 -34.14 2.82
C LEU C 169 0.21 -34.93 3.69
N CYS C 170 0.40 -34.85 5.01
CA CYS C 170 -0.58 -35.37 5.97
C CYS C 170 -1.08 -34.22 6.85
N VAL C 171 -2.21 -34.44 7.49
CA VAL C 171 -2.82 -33.42 8.33
C VAL C 171 -3.01 -33.94 9.74
N LEU C 172 -2.54 -33.17 10.72
CA LEU C 172 -2.82 -33.46 12.12
C LEU C 172 -3.76 -32.38 12.60
N TRP C 173 -4.98 -32.78 12.94
CA TRP C 173 -6.03 -31.84 13.34
C TRP C 173 -6.24 -31.89 14.85
N ILE C 174 -5.84 -30.82 15.55
CA ILE C 174 -5.91 -30.76 17.01
C ILE C 174 -7.11 -29.86 17.34
N ASP C 175 -8.16 -30.45 17.90
CA ASP C 175 -9.41 -29.72 18.01
C ASP C 175 -10.35 -30.46 18.95
N ALA C 176 -11.19 -29.70 19.66
CA ALA C 176 -12.28 -30.32 20.41
C ALA C 176 -13.33 -30.87 19.44
N HIS C 177 -13.33 -30.32 18.22
CA HIS C 177 -14.39 -30.58 17.25
C HIS C 177 -13.86 -31.22 15.98
N GLY C 178 -14.74 -31.91 15.25
CA GLY C 178 -14.36 -32.60 14.03
C GLY C 178 -14.20 -31.71 12.80
N ASP C 179 -14.97 -30.62 12.74
CA ASP C 179 -14.87 -29.66 11.64
C ASP C 179 -14.99 -30.34 10.29
N ILE C 180 -15.79 -31.41 10.25
CA ILE C 180 -15.90 -32.22 9.05
C ILE C 180 -17.38 -32.48 8.70
N ASN C 181 -18.26 -31.65 9.22
CA ASN C 181 -19.66 -31.73 8.84
C ASN C 181 -19.82 -31.49 7.34
N THR C 182 -20.67 -32.27 6.69
CA THR C 182 -21.04 -32.01 5.31
C THR C 182 -22.23 -31.05 5.34
N PRO C 183 -22.31 -30.14 4.35
CA PRO C 183 -23.23 -28.99 4.46
C PRO C 183 -24.65 -29.35 4.88
N LEU C 184 -25.22 -30.42 4.34
CA LEU C 184 -26.62 -30.70 4.64
C LEU C 184 -26.82 -31.33 6.02
N ASN C 185 -25.72 -31.71 6.68
CA ASN C 185 -25.80 -32.27 8.03
C ASN C 185 -25.46 -31.27 9.12
N SER C 186 -25.00 -30.08 8.73
CA SER C 186 -24.63 -29.07 9.70
C SER C 186 -25.88 -28.45 10.35
N ALA C 187 -26.01 -28.64 11.66
CA ALA C 187 -27.12 -28.00 12.39
C ALA C 187 -26.92 -26.49 12.51
N SER C 188 -25.66 -26.06 12.53
CA SER C 188 -25.37 -24.63 12.75
C SER C 188 -25.32 -23.81 11.46
N GLY C 189 -24.94 -24.45 10.36
CA GLY C 189 -24.66 -23.74 9.13
C GLY C 189 -23.39 -22.90 9.16
N ASN C 190 -22.62 -23.02 10.24
CA ASN C 190 -21.37 -22.27 10.40
C ASN C 190 -20.20 -22.94 9.67
N MET C 191 -19.61 -22.24 8.72
CA MET C 191 -18.58 -22.83 7.84
C MET C 191 -17.35 -23.37 8.60
N HIS C 192 -17.06 -22.83 9.78
CA HIS C 192 -15.87 -23.27 10.53
C HIS C 192 -16.03 -24.69 11.09
N GLY C 193 -17.23 -25.25 10.91
CA GLY C 193 -17.50 -26.61 11.33
C GLY C 193 -17.54 -27.60 10.17
N MET C 194 -17.23 -27.10 8.97
CA MET C 194 -17.25 -27.92 7.76
C MET C 194 -15.95 -27.95 6.94
N PRO C 195 -14.86 -27.29 7.40
CA PRO C 195 -13.79 -27.08 6.42
C PRO C 195 -13.18 -28.36 5.84
N LEU C 196 -13.08 -29.44 6.63
CA LEU C 196 -12.49 -30.69 6.15
C LEU C 196 -13.37 -31.46 5.15
N SER C 197 -14.68 -31.23 5.20
CA SER C 197 -15.59 -32.03 4.37
C SER C 197 -15.32 -31.82 2.88
N PHE C 198 -15.06 -30.57 2.51
CA PHE C 198 -14.80 -30.21 1.11
C PHE C 198 -13.48 -30.79 0.59
N LEU C 199 -12.60 -31.19 1.50
CA LEU C 199 -11.24 -31.62 1.16
C LEU C 199 -11.06 -33.13 1.00
N VAL C 200 -11.91 -33.89 1.68
CA VAL C 200 -11.77 -35.34 1.78
C VAL C 200 -12.45 -36.03 0.60
N LYS C 201 -11.67 -36.73 -0.20
CA LYS C 201 -12.17 -37.37 -1.42
C LYS C 201 -13.35 -38.29 -1.14
N GLU C 202 -13.26 -39.04 -0.03
CA GLU C 202 -14.24 -40.05 0.33
C GLU C 202 -15.64 -39.46 0.62
N LEU C 203 -15.70 -38.15 0.81
CA LEU C 203 -16.94 -37.51 1.23
C LEU C 203 -17.60 -36.73 0.11
N GLN C 204 -17.04 -36.80 -1.09
CA GLN C 204 -17.51 -35.94 -2.16
C GLN C 204 -18.96 -36.19 -2.61
N ASP C 205 -19.48 -37.39 -2.37
CA ASP C 205 -20.88 -37.64 -2.72
C ASP C 205 -21.86 -37.00 -1.72
N GLN C 206 -21.31 -36.39 -0.68
CA GLN C 206 -22.11 -35.70 0.33
C GLN C 206 -21.97 -34.19 0.22
N ILE C 207 -21.15 -33.72 -0.71
CA ILE C 207 -21.01 -32.28 -0.94
C ILE C 207 -21.92 -31.83 -2.07
N PRO C 208 -22.88 -30.94 -1.76
CA PRO C 208 -23.82 -30.44 -2.77
C PRO C 208 -23.08 -29.65 -3.83
N TRP C 209 -23.48 -29.79 -5.10
CA TRP C 209 -22.83 -29.01 -6.14
C TRP C 209 -23.23 -27.54 -6.10
N LEU C 210 -22.23 -26.67 -6.11
CA LEU C 210 -22.43 -25.23 -6.29
C LEU C 210 -21.32 -24.77 -7.22
N ASP C 211 -21.67 -24.02 -8.25
CA ASP C 211 -20.70 -23.68 -9.29
C ASP C 211 -19.49 -22.92 -8.75
N ASP C 212 -19.68 -22.11 -7.71
CA ASP C 212 -18.55 -21.36 -7.16
C ASP C 212 -17.62 -22.23 -6.33
N PHE C 213 -18.01 -23.48 -6.10
CA PHE C 213 -17.20 -24.43 -5.32
C PHE C 213 -16.39 -25.37 -6.22
N GLU C 214 -16.47 -25.17 -7.53
CA GLU C 214 -15.81 -26.07 -8.47
C GLU C 214 -14.28 -26.09 -8.33
N GLY C 215 -13.68 -24.94 -8.08
CA GLY C 215 -12.25 -24.82 -7.92
C GLY C 215 -11.75 -25.20 -6.54
N ILE C 216 -12.66 -25.68 -5.69
CA ILE C 216 -12.30 -26.24 -4.41
C ILE C 216 -12.25 -27.75 -4.56
N LYS C 217 -11.13 -28.27 -5.03
CA LYS C 217 -11.05 -29.70 -5.33
C LYS C 217 -10.50 -30.50 -4.15
N PRO C 218 -11.14 -31.64 -3.87
CA PRO C 218 -10.76 -32.52 -2.75
C PRO C 218 -9.33 -32.97 -2.95
N CYS C 219 -8.48 -32.72 -1.96
CA CYS C 219 -7.06 -32.99 -2.11
C CYS C 219 -6.51 -33.93 -1.05
N LEU C 220 -7.39 -34.40 -0.16
CA LEU C 220 -7.01 -35.33 0.91
C LEU C 220 -7.74 -36.66 0.83
N ASN C 221 -7.02 -37.74 1.13
CA ASN C 221 -7.66 -39.02 1.39
C ASN C 221 -7.90 -39.14 2.88
N ALA C 222 -8.94 -39.87 3.28
CA ALA C 222 -9.23 -40.05 4.72
C ALA C 222 -8.03 -40.63 5.46
N SER C 223 -7.20 -41.40 4.76
CA SER C 223 -6.03 -42.02 5.37
C SER C 223 -4.91 -41.03 5.72
N ASN C 224 -5.05 -39.78 5.27
CA ASN C 224 -4.01 -38.77 5.48
C ASN C 224 -4.27 -37.84 6.67
N ILE C 225 -5.37 -38.07 7.39
CA ILE C 225 -5.78 -37.18 8.47
C ILE C 225 -5.76 -37.94 9.80
N ALA C 226 -5.27 -37.28 10.85
CA ALA C 226 -5.44 -37.81 12.21
C ALA C 226 -5.86 -36.71 13.18
N TYR C 227 -6.87 -36.99 13.99
CA TYR C 227 -7.33 -36.03 14.98
C TYR C 227 -6.74 -36.31 16.35
N ILE C 228 -6.47 -35.25 17.12
CA ILE C 228 -6.21 -35.38 18.56
C ILE C 228 -6.99 -34.32 19.33
N GLY C 229 -7.71 -34.75 20.36
CA GLY C 229 -8.29 -33.82 21.30
C GLY C 229 -9.80 -33.77 21.26
N LEU C 230 -10.40 -34.57 20.38
CA LEU C 230 -11.86 -34.54 20.19
C LEU C 230 -12.65 -34.80 21.47
N ARG C 231 -13.72 -34.03 21.65
CA ARG C 231 -14.64 -34.25 22.76
C ARG C 231 -16.06 -33.76 22.48
N ASP C 232 -16.29 -33.19 21.31
CA ASP C 232 -17.62 -32.70 20.96
C ASP C 232 -17.96 -32.94 19.48
N LEU C 233 -17.91 -34.20 19.07
CA LEU C 233 -18.29 -34.60 17.71
C LEU C 233 -19.80 -34.59 17.53
N ASP C 234 -20.25 -34.13 16.37
CA ASP C 234 -21.65 -34.33 15.96
C ASP C 234 -21.81 -35.77 15.46
N ALA C 235 -23.00 -36.33 15.62
CA ALA C 235 -23.25 -37.74 15.26
C ALA C 235 -22.80 -38.12 13.85
N HIS C 236 -23.08 -37.24 12.88
CA HIS C 236 -22.72 -37.57 11.51
C HIS C 236 -21.22 -37.47 11.24
N GLU C 237 -20.52 -36.63 12.00
CA GLU C 237 -19.04 -36.64 11.95
C GLU C 237 -18.52 -37.98 12.49
N THR C 238 -19.07 -38.42 13.61
CA THR C 238 -18.68 -39.70 14.17
C THR C 238 -18.90 -40.81 13.12
N HIS C 239 -20.07 -40.78 12.47
CA HIS C 239 -20.35 -41.75 11.41
C HIS C 239 -19.29 -41.73 10.29
N ASP C 240 -19.01 -40.54 9.78
CA ASP C 240 -18.10 -40.42 8.65
C ASP C 240 -16.67 -40.79 9.01
N ILE C 241 -16.24 -40.38 10.19
CA ILE C 241 -14.90 -40.68 10.66
C ILE C 241 -14.70 -42.20 10.74
N ARG C 242 -15.63 -42.89 11.38
CA ARG C 242 -15.50 -44.35 11.55
C ARG C 242 -15.66 -45.08 10.22
N LYS C 243 -16.64 -44.66 9.42
CA LYS C 243 -16.88 -45.30 8.12
C LYS C 243 -15.65 -45.26 7.22
N HIS C 244 -15.00 -44.10 7.15
CA HIS C 244 -13.89 -43.92 6.23
C HIS C 244 -12.52 -44.13 6.87
N GLY C 245 -12.53 -44.63 8.10
CA GLY C 245 -11.30 -45.01 8.77
C GLY C 245 -10.34 -43.87 9.03
N ILE C 246 -10.86 -42.69 9.32
CA ILE C 246 -10.01 -41.58 9.70
C ILE C 246 -9.46 -41.82 11.10
N ALA C 247 -8.13 -41.71 11.25
CA ALA C 247 -7.50 -41.91 12.55
C ALA C 247 -7.95 -40.84 13.52
N TYR C 248 -8.40 -41.23 14.70
CA TYR C 248 -8.81 -40.24 15.68
C TYR C 248 -8.54 -40.63 17.13
N PHE C 249 -8.07 -39.67 17.89
CA PHE C 249 -7.80 -39.85 19.32
C PHE C 249 -8.52 -38.76 20.09
N THR C 250 -9.59 -39.15 20.75
CA THR C 250 -10.44 -38.23 21.51
C THR C 250 -9.84 -38.02 22.90
N MET C 251 -10.42 -37.12 23.69
CA MET C 251 -9.95 -36.95 25.05
C MET C 251 -10.06 -38.24 25.87
N LEU C 252 -10.99 -39.12 25.49
CA LEU C 252 -11.11 -40.40 26.16
C LEU C 252 -9.83 -41.21 25.88
N ASP C 253 -9.38 -41.19 24.64
CA ASP C 253 -8.13 -41.86 24.30
C ASP C 253 -6.92 -41.23 24.99
N VAL C 254 -6.92 -39.90 25.06
CA VAL C 254 -5.82 -39.24 25.74
C VAL C 254 -5.83 -39.67 27.21
N ASP C 255 -7.01 -39.75 27.83
CA ASP C 255 -7.08 -40.18 29.23
C ASP C 255 -6.56 -41.61 29.39
N ARG C 256 -7.03 -42.51 28.54
CA ARG C 256 -6.68 -43.92 28.69
C ARG C 256 -5.27 -44.26 28.24
N MET C 257 -4.83 -43.63 27.15
CA MET C 257 -3.54 -43.96 26.58
C MET C 257 -2.41 -43.06 27.06
N GLY C 258 -2.74 -41.83 27.44
CA GLY C 258 -1.75 -40.82 27.73
C GLY C 258 -1.36 -40.11 26.45
N ILE C 259 -0.98 -38.84 26.55
CA ILE C 259 -0.68 -38.05 25.36
C ILE C 259 0.53 -38.62 24.59
N GLU C 260 1.50 -39.17 25.31
CA GLU C 260 2.72 -39.67 24.64
C GLU C 260 2.36 -40.76 23.62
N ALA C 261 1.55 -41.72 24.02
CA ALA C 261 1.14 -42.80 23.14
C ALA C 261 0.24 -42.28 22.01
N VAL C 262 -0.64 -41.33 22.32
CA VAL C 262 -1.52 -40.74 21.33
C VAL C 262 -0.72 -40.06 20.20
N ILE C 263 0.27 -39.26 20.57
CA ILE C 263 1.12 -38.62 19.56
C ILE C 263 1.82 -39.66 18.68
N LYS C 264 2.37 -40.68 19.31
CA LYS C 264 3.08 -41.72 18.58
C LYS C 264 2.16 -42.43 17.58
N GLU C 265 0.97 -42.81 18.03
CA GLU C 265 0.03 -43.52 17.17
C GLU C 265 -0.54 -42.65 16.05
N ALA C 266 -0.73 -41.37 16.33
CA ALA C 266 -1.19 -40.44 15.32
C ALA C 266 -0.16 -40.33 14.21
N LEU C 267 1.10 -40.13 14.59
CA LEU C 267 2.14 -40.00 13.58
C LEU C 267 2.33 -41.30 12.81
N LEU C 268 2.15 -42.43 13.51
CA LEU C 268 2.29 -43.73 12.89
C LEU C 268 1.20 -43.92 11.84
N ALA C 269 -0.01 -43.47 12.16
CA ALA C 269 -1.16 -43.67 11.28
C ALA C 269 -1.03 -42.91 9.95
N VAL C 270 -0.56 -41.67 10.01
CA VAL C 270 -0.56 -40.85 8.79
C VAL C 270 0.83 -40.51 8.25
N ASN C 271 1.88 -40.81 9.01
CA ASN C 271 3.24 -40.47 8.59
C ASN C 271 4.25 -41.48 9.15
N PRO C 272 4.05 -42.78 8.86
CA PRO C 272 4.74 -43.89 9.52
C PRO C 272 6.26 -43.80 9.49
N ARG C 273 6.81 -43.23 8.42
CA ARG C 273 8.27 -43.19 8.29
C ARG C 273 8.78 -41.77 8.10
N LEU C 274 7.99 -40.80 8.55
CA LEU C 274 8.33 -39.39 8.46
C LEU C 274 8.70 -38.96 7.03
N GLU C 275 8.02 -39.54 6.04
CA GLU C 275 8.27 -39.22 4.64
C GLU C 275 7.45 -38.02 4.14
N LYS C 276 6.32 -37.75 4.79
CA LYS C 276 5.39 -36.73 4.30
C LYS C 276 5.55 -35.39 5.02
N ALA C 277 5.30 -34.29 4.30
CA ALA C 277 5.22 -32.99 4.94
C ALA C 277 4.01 -32.98 5.87
N ILE C 278 4.07 -32.20 6.95
CA ILE C 278 2.97 -32.17 7.91
C ILE C 278 2.25 -30.81 7.96
N HIS C 279 0.92 -30.85 7.84
CA HIS C 279 0.08 -29.67 8.03
C HIS C 279 -0.55 -29.81 9.40
N LEU C 280 -0.12 -28.97 10.34
CA LEU C 280 -0.64 -29.03 11.70
C LEU C 280 -1.72 -27.97 11.85
N SER C 281 -2.97 -28.41 11.96
CA SER C 281 -4.08 -27.48 12.12
C SER C 281 -4.52 -27.49 13.58
N PHE C 282 -4.18 -26.42 14.29
CA PHE C 282 -4.39 -26.36 15.75
C PHE C 282 -5.51 -25.38 16.09
N ASP C 283 -6.64 -25.91 16.52
CA ASP C 283 -7.72 -25.07 17.02
C ASP C 283 -7.38 -24.78 18.48
N ILE C 284 -7.29 -23.51 18.83
CA ILE C 284 -6.96 -23.15 20.20
C ILE C 284 -7.98 -23.77 21.18
N ASP C 285 -9.18 -24.08 20.70
CA ASP C 285 -10.19 -24.66 21.60
C ASP C 285 -9.95 -26.14 21.87
N ALA C 286 -8.90 -26.70 21.28
CA ALA C 286 -8.44 -28.03 21.68
C ALA C 286 -7.98 -27.99 23.14
N LEU C 287 -7.40 -26.85 23.54
CA LEU C 287 -6.92 -26.65 24.90
C LEU C 287 -8.10 -26.42 25.85
N ASP C 288 -7.94 -26.81 27.10
CA ASP C 288 -8.97 -26.61 28.11
C ASP C 288 -9.25 -25.11 28.23
N PRO C 289 -10.54 -24.75 28.39
CA PRO C 289 -10.94 -23.34 28.59
C PRO C 289 -10.22 -22.65 29.76
N LEU C 290 -9.66 -23.42 30.69
CA LEU C 290 -8.91 -22.82 31.80
C LEU C 290 -7.64 -22.11 31.34
N VAL C 291 -7.07 -22.57 30.22
CA VAL C 291 -5.86 -21.93 29.69
C VAL C 291 -6.12 -21.21 28.36
N ALA C 292 -7.26 -21.49 27.73
CA ALA C 292 -7.58 -20.83 26.48
C ALA C 292 -9.05 -20.41 26.45
N PRO C 293 -9.45 -19.53 27.40
CA PRO C 293 -10.87 -19.17 27.50
C PRO C 293 -11.38 -18.31 26.34
N SER C 294 -10.51 -17.54 25.69
CA SER C 294 -10.99 -16.57 24.71
C SER C 294 -11.17 -17.18 23.33
N THR C 295 -12.21 -17.98 23.19
CA THR C 295 -12.48 -18.71 21.96
C THR C 295 -13.98 -18.96 21.90
N GLY C 296 -14.53 -19.06 20.70
CA GLY C 296 -15.97 -19.03 20.50
C GLY C 296 -16.75 -20.28 20.87
N THR C 297 -16.14 -21.45 20.71
CA THR C 297 -16.82 -22.70 21.06
C THR C 297 -15.99 -23.50 22.05
N ALA C 298 -15.90 -23.01 23.30
CA ALA C 298 -15.12 -23.65 24.34
C ALA C 298 -15.80 -24.91 24.86
N VAL C 299 -15.01 -25.95 25.13
CA VAL C 299 -15.54 -27.20 25.67
C VAL C 299 -14.66 -27.68 26.83
N PRO C 300 -15.27 -27.82 28.01
CA PRO C 300 -14.56 -28.28 29.22
C PRO C 300 -13.86 -29.61 29.01
N GLY C 301 -12.88 -29.92 29.86
CA GLY C 301 -12.16 -31.18 29.79
C GLY C 301 -11.19 -31.31 28.62
N GLY C 302 -10.43 -30.25 28.33
CA GLY C 302 -9.58 -30.25 27.16
C GLY C 302 -8.13 -30.64 27.45
N LEU C 303 -7.28 -30.50 26.44
CA LEU C 303 -5.84 -30.69 26.59
C LEU C 303 -5.30 -29.65 27.57
N THR C 304 -4.42 -30.08 28.49
CA THR C 304 -3.67 -29.13 29.29
C THR C 304 -2.69 -28.45 28.35
N LEU C 305 -2.14 -27.31 28.77
CA LEU C 305 -1.09 -26.67 27.98
C LEU C 305 0.08 -27.65 27.76
N ARG C 306 0.46 -28.36 28.80
CA ARG C 306 1.56 -29.33 28.69
C ARG C 306 1.30 -30.37 27.61
N GLU C 307 0.09 -30.93 27.57
CA GLU C 307 -0.26 -31.90 26.52
C GLU C 307 -0.20 -31.25 25.14
N GLY C 308 -0.71 -30.01 25.03
CA GLY C 308 -0.65 -29.32 23.75
C GLY C 308 0.79 -29.05 23.36
N LEU C 309 1.62 -28.73 24.34
CA LEU C 309 3.05 -28.51 24.07
C LEU C 309 3.74 -29.79 23.58
N ARG C 310 3.42 -30.93 24.19
CA ARG C 310 4.00 -32.21 23.77
C ARG C 310 3.67 -32.53 22.32
N ILE C 311 2.44 -32.26 21.91
CA ILE C 311 2.04 -32.52 20.54
C ILE C 311 2.92 -31.72 19.59
N CYS C 312 3.09 -30.45 19.92
CA CYS C 312 3.82 -29.52 19.06
C CYS C 312 5.33 -29.79 19.06
N GLU C 313 5.84 -30.18 20.23
CA GLU C 313 7.26 -30.52 20.36
C GLU C 313 7.59 -31.73 19.50
N GLU C 314 6.75 -32.77 19.57
CA GLU C 314 6.97 -33.98 18.79
C GLU C 314 6.80 -33.74 17.29
N VAL C 315 5.77 -32.99 16.92
CA VAL C 315 5.61 -32.65 15.50
C VAL C 315 6.83 -31.88 14.99
N SER C 316 7.26 -30.88 15.75
CA SER C 316 8.39 -30.05 15.35
C SER C 316 9.65 -30.90 15.16
N ALA C 317 9.86 -31.84 16.08
CA ALA C 317 11.06 -32.68 16.05
C ALA C 317 11.12 -33.68 14.89
N THR C 318 10.00 -33.90 14.21
CA THR C 318 10.05 -34.79 13.04
C THR C 318 10.89 -34.18 11.93
N GLY C 319 11.06 -32.86 11.97
CA GLY C 319 11.69 -32.15 10.88
C GLY C 319 10.76 -31.96 9.67
N LYS C 320 9.51 -32.42 9.78
CA LYS C 320 8.59 -32.39 8.64
C LYS C 320 7.47 -31.37 8.79
N LEU C 321 7.55 -30.52 9.80
CA LEU C 321 6.55 -29.46 9.95
C LEU C 321 6.61 -28.52 8.75
N SER C 322 5.54 -28.49 7.96
CA SER C 322 5.52 -27.68 6.74
C SER C 322 4.62 -26.46 6.93
N VAL C 323 3.42 -26.70 7.44
CA VAL C 323 2.52 -25.62 7.85
C VAL C 323 1.98 -25.89 9.26
N VAL C 324 2.00 -24.86 10.12
CA VAL C 324 1.18 -24.87 11.33
C VAL C 324 0.24 -23.67 11.28
N GLU C 325 -1.04 -23.92 11.49
CA GLU C 325 -2.01 -22.83 11.61
C GLU C 325 -2.68 -22.93 12.97
N LEU C 326 -2.95 -21.75 13.56
CA LEU C 326 -3.59 -21.66 14.86
C LEU C 326 -4.91 -20.92 14.71
N ALA C 327 -6.02 -21.60 14.94
CA ALA C 327 -7.33 -21.04 14.64
C ALA C 327 -8.15 -20.69 15.89
N GLU C 328 -9.13 -19.80 15.72
CA GLU C 328 -10.20 -19.54 16.70
C GLU C 328 -9.85 -18.69 17.93
N LEU C 329 -8.70 -18.00 17.90
CA LEU C 329 -8.45 -16.96 18.88
C LEU C 329 -9.50 -15.88 18.69
N ASN C 330 -10.08 -15.41 19.78
CA ASN C 330 -11.03 -14.30 19.70
C ASN C 330 -10.84 -13.39 20.90
N PRO C 331 -9.99 -12.37 20.74
CA PRO C 331 -9.62 -11.41 21.79
C PRO C 331 -10.82 -10.60 22.28
N LEU C 332 -11.94 -10.69 21.57
CA LEU C 332 -13.13 -9.96 21.99
C LEU C 332 -14.01 -10.79 22.93
N LEU C 333 -13.57 -12.00 23.24
CA LEU C 333 -14.30 -12.83 24.21
C LEU C 333 -13.57 -12.91 25.54
N GLY C 334 -14.33 -12.86 26.64
CA GLY C 334 -13.76 -13.01 27.96
C GLY C 334 -13.17 -11.73 28.51
N SER C 335 -12.67 -11.78 29.75
CA SER C 335 -12.04 -10.63 30.40
C SER C 335 -10.67 -10.36 29.81
N GLN C 336 -10.09 -9.23 30.22
CA GLN C 336 -8.75 -8.88 29.79
C GLN C 336 -7.77 -9.97 30.19
N GLU C 337 -7.91 -10.49 31.41
CA GLU C 337 -7.05 -11.58 31.88
C GLU C 337 -7.29 -12.85 31.06
N ASP C 338 -8.54 -13.09 30.67
CA ASP C 338 -8.87 -14.22 29.81
C ASP C 338 -8.09 -14.13 28.50
N VAL C 339 -8.09 -12.94 27.92
CA VAL C 339 -7.38 -12.71 26.66
C VAL C 339 -5.87 -12.91 26.82
N LEU C 340 -5.31 -12.41 27.92
CA LEU C 340 -3.90 -12.60 28.20
C LEU C 340 -3.53 -14.09 28.34
N LYS C 341 -4.37 -14.85 29.03
CA LYS C 341 -4.13 -16.29 29.17
C LYS C 341 -4.12 -16.98 27.81
N THR C 342 -5.10 -16.63 26.99
CA THR C 342 -5.27 -17.24 25.67
C THR C 342 -4.10 -16.86 24.77
N GLN C 343 -3.69 -15.60 24.84
CA GLN C 343 -2.56 -15.12 24.06
C GLN C 343 -1.29 -15.86 24.50
N SER C 344 -1.14 -16.01 25.80
CA SER C 344 0.03 -16.69 26.36
C SER C 344 0.07 -18.14 25.88
N SER C 345 -1.04 -18.85 25.99
CA SER C 345 -1.09 -20.24 25.56
C SER C 345 -0.73 -20.38 24.08
N ALA C 346 -1.27 -19.50 23.25
CA ALA C 346 -1.03 -19.53 21.81
C ALA C 346 0.44 -19.30 21.49
N VAL C 347 1.07 -18.37 22.21
CA VAL C 347 2.48 -18.05 21.95
C VAL C 347 3.38 -19.23 22.34
N HIS C 348 3.12 -19.85 23.48
CA HIS C 348 3.90 -21.01 23.90
C HIS C 348 3.75 -22.13 22.90
N ILE C 349 2.54 -22.29 22.38
CA ILE C 349 2.25 -23.35 21.41
C ILE C 349 3.02 -23.12 20.11
N LEU C 350 2.88 -21.93 19.54
CA LEU C 350 3.54 -21.63 18.27
C LEU C 350 5.06 -21.68 18.41
N ARG C 351 5.55 -21.20 19.55
CA ARG C 351 6.99 -21.27 19.87
C ARG C 351 7.52 -22.70 19.81
N ALA C 352 6.79 -23.61 20.44
CA ALA C 352 7.15 -25.02 20.44
C ALA C 352 7.12 -25.62 19.03
N CYS C 353 6.15 -25.22 18.23
CA CYS C 353 6.08 -25.70 16.86
C CYS C 353 7.36 -25.39 16.10
N LEU C 354 7.92 -24.21 16.36
CA LEU C 354 9.10 -23.77 15.62
C LEU C 354 10.40 -24.35 16.20
N GLY C 355 10.29 -25.06 17.31
CA GLY C 355 11.43 -25.80 17.86
C GLY C 355 11.92 -25.38 19.24
N HIS C 356 11.23 -24.44 19.87
CA HIS C 356 11.60 -24.07 21.24
C HIS C 356 11.44 -25.26 22.18
N CYS C 357 12.48 -25.53 22.97
CA CYS C 357 12.53 -26.69 23.87
CA CYS C 357 12.44 -26.67 23.87
C CYS C 357 12.47 -26.30 25.35
N ARG C 358 11.56 -26.92 26.09
CA ARG C 358 11.38 -26.62 27.51
C ARG C 358 12.57 -27.07 28.35
N SER C 359 13.35 -28.01 27.82
CA SER C 359 14.51 -28.50 28.56
C SER C 359 15.75 -27.63 28.36
N GLY C 360 15.58 -26.50 27.69
CA GLY C 360 16.64 -25.53 27.53
C GLY C 360 17.38 -25.60 26.20
N HIS C 361 18.05 -24.50 25.87
CA HIS C 361 18.85 -24.42 24.66
C HIS C 361 20.25 -23.96 25.05
N LEU C 362 21.26 -24.47 24.37
CA LEU C 362 22.62 -24.02 24.59
C LEU C 362 22.77 -22.65 23.94
N PRO C 363 23.74 -21.84 24.42
CA PRO C 363 23.98 -20.52 23.82
C PRO C 363 24.56 -20.68 22.43
N PHE C 364 24.29 -19.72 21.54
CA PHE C 364 24.92 -19.75 20.22
C PHE C 364 26.41 -19.49 20.37
N LYS C 365 26.77 -18.63 21.31
CA LYS C 365 28.17 -18.36 21.62
C LYS C 365 28.37 -18.45 23.13
N VAL C 366 29.21 -19.38 23.56
CA VAL C 366 29.44 -19.57 24.98
C VAL C 366 30.23 -18.39 25.53
N ARG C 367 29.76 -17.80 26.62
CA ARG C 367 30.48 -16.71 27.24
C ARG C 367 31.33 -17.22 28.40
N ASN C 368 32.47 -16.56 28.61
CA ASN C 368 33.34 -16.89 29.73
C ASN C 368 33.81 -15.59 30.39
N LEU C 369 33.88 -15.61 31.71
CA LEU C 369 34.40 -14.49 32.47
C LEU C 369 35.76 -14.04 31.90
N THR C 370 36.59 -15.01 31.50
CA THR C 370 37.91 -14.68 30.96
C THR C 370 37.86 -13.89 29.65
N ASP C 371 36.74 -13.97 28.94
CA ASP C 371 36.57 -13.19 27.71
C ASP C 371 36.58 -11.69 27.98
N GLN C 372 36.26 -11.31 29.22
CA GLN C 372 36.21 -9.90 29.59
C GLN C 372 37.43 -9.47 30.40
N GLY C 373 38.36 -10.39 30.65
CA GLY C 373 39.57 -10.07 31.38
C GLY C 373 39.36 -9.80 32.85
N ILE C 374 38.19 -10.18 33.35
CA ILE C 374 37.83 -9.91 34.74
C ILE C 374 38.41 -10.95 35.70
N MET C 375 38.76 -10.50 36.90
CA MET C 375 39.30 -11.39 37.93
C MET C 375 38.21 -12.21 38.61
N SER C 376 38.31 -13.54 38.54
CA SER C 376 37.35 -14.40 39.23
C SER C 376 37.68 -14.59 40.71
N ARG C 377 36.69 -15.03 41.49
CA ARG C 377 36.93 -15.38 42.88
C ARG C 377 37.98 -16.48 42.97
N ALA C 378 37.89 -17.45 42.05
CA ALA C 378 38.85 -18.55 41.97
C ALA C 378 40.28 -18.03 41.78
N ALA C 379 40.46 -17.19 40.76
CA ALA C 379 41.76 -16.63 40.45
C ALA C 379 42.30 -15.78 41.60
N HIS C 380 41.44 -14.97 42.20
CA HIS C 380 41.86 -14.08 43.27
C HIS C 380 42.28 -14.83 44.54
N MET C 381 41.73 -16.02 44.74
CA MET C 381 42.04 -16.81 45.93
C MET C 381 43.44 -17.42 45.85
N GLN C 382 44.43 -16.58 45.58
CA GLN C 382 45.82 -17.01 45.44
C GLN C 382 46.77 -15.85 45.71
N LYS D 39 -21.12 -31.82 -44.62
CA LYS D 39 -20.35 -31.29 -43.51
C LYS D 39 -20.68 -29.81 -43.24
N LEU D 40 -21.21 -29.56 -42.04
CA LEU D 40 -21.57 -28.21 -41.62
C LEU D 40 -20.46 -27.20 -41.90
N LEU D 41 -20.83 -25.94 -42.14
CA LEU D 41 -19.86 -24.86 -42.27
C LEU D 41 -19.32 -24.44 -40.90
N TYR D 42 -20.17 -24.59 -39.89
CA TYR D 42 -19.79 -24.23 -38.53
C TYR D 42 -20.17 -25.38 -37.60
N THR D 43 -19.18 -26.00 -36.97
CA THR D 43 -19.42 -27.14 -36.08
C THR D 43 -19.40 -26.69 -34.62
N SER D 44 -18.85 -25.51 -34.37
CA SER D 44 -18.83 -24.95 -33.02
C SER D 44 -19.24 -23.47 -33.03
N ALA D 45 -19.77 -23.01 -31.90
CA ALA D 45 -20.16 -21.61 -31.77
C ALA D 45 -20.09 -21.13 -30.31
N ASN D 46 -19.78 -19.85 -30.14
CA ASN D 46 -19.82 -19.22 -28.84
C ASN D 46 -21.07 -18.36 -28.67
N PHE D 47 -21.58 -18.30 -27.44
CA PHE D 47 -22.77 -17.51 -27.14
C PHE D 47 -22.46 -16.52 -26.03
N LEU D 48 -22.69 -15.24 -26.29
CA LEU D 48 -22.40 -14.18 -25.32
C LEU D 48 -23.63 -13.31 -25.10
N GLY D 49 -23.99 -13.05 -23.85
CA GLY D 49 -25.05 -12.11 -23.54
C GLY D 49 -24.50 -10.75 -23.15
N ILE D 50 -25.17 -9.69 -23.59
CA ILE D 50 -24.77 -8.33 -23.26
C ILE D 50 -26.01 -7.49 -22.97
N PRO D 51 -26.43 -7.46 -21.69
CA PRO D 51 -27.72 -6.87 -21.30
C PRO D 51 -27.68 -5.35 -21.21
N THR D 52 -27.16 -4.67 -22.24
CA THR D 52 -27.15 -3.21 -22.25
C THR D 52 -28.56 -2.66 -22.20
N ASN D 53 -28.76 -1.63 -21.37
CA ASN D 53 -30.07 -0.98 -21.25
C ASN D 53 -29.93 0.53 -21.13
N ARG D 54 -28.69 1.01 -21.03
CA ARG D 54 -28.44 2.43 -20.87
C ARG D 54 -28.24 3.14 -22.21
N GLY D 55 -28.56 2.46 -23.30
CA GLY D 55 -28.49 3.06 -24.62
C GLY D 55 -29.83 3.65 -25.06
N GLN D 56 -30.87 3.36 -24.29
CA GLN D 56 -32.23 3.82 -24.61
C GLN D 56 -33.11 3.76 -23.35
N PRO D 57 -34.17 4.58 -23.31
CA PRO D 57 -34.94 4.86 -22.08
C PRO D 57 -35.86 3.73 -21.58
N LYS D 58 -36.31 2.85 -22.45
CA LYS D 58 -37.27 1.83 -22.04
C LYS D 58 -36.59 0.65 -21.33
N ILE D 59 -36.96 0.40 -20.09
CA ILE D 59 -36.39 -0.71 -19.33
C ILE D 59 -36.81 -2.04 -19.94
N GLY D 60 -35.88 -2.99 -20.00
CA GLY D 60 -36.21 -4.33 -20.46
C GLY D 60 -35.23 -4.99 -21.41
N THR D 61 -34.48 -4.19 -22.17
CA THR D 61 -33.51 -4.79 -23.08
C THR D 61 -32.51 -5.65 -22.31
N TYR D 62 -32.36 -5.39 -21.01
CA TYR D 62 -31.44 -6.17 -20.20
C TYR D 62 -31.88 -7.63 -20.05
N GLN D 63 -33.15 -7.91 -20.34
CA GLN D 63 -33.64 -9.28 -20.27
C GLN D 63 -33.53 -10.03 -21.61
N GLY D 64 -33.00 -9.36 -22.62
CA GLY D 64 -32.81 -9.97 -23.93
C GLY D 64 -32.08 -11.32 -23.90
N PRO D 65 -30.86 -11.35 -23.34
CA PRO D 65 -30.13 -12.62 -23.29
C PRO D 65 -30.95 -13.75 -22.63
N GLU D 66 -31.69 -13.42 -21.57
CA GLU D 66 -32.46 -14.43 -20.86
C GLU D 66 -33.61 -14.97 -21.71
N LEU D 67 -34.21 -14.09 -22.52
CA LEU D 67 -35.28 -14.50 -23.40
C LEU D 67 -34.81 -15.62 -24.33
N ILE D 68 -33.57 -15.52 -24.80
CA ILE D 68 -33.00 -16.52 -25.68
C ILE D 68 -32.56 -17.78 -24.92
N ARG D 69 -31.95 -17.60 -23.76
CA ARG D 69 -31.54 -18.77 -22.96
C ARG D 69 -32.75 -19.60 -22.54
N LYS D 70 -33.85 -18.92 -22.25
CA LYS D 70 -35.09 -19.58 -21.84
C LYS D 70 -35.74 -20.32 -23.00
N SER D 71 -35.48 -19.86 -24.23
CA SER D 71 -36.05 -20.49 -25.41
C SER D 71 -35.45 -21.88 -25.63
N ASN D 72 -35.78 -22.52 -26.73
CA ASN D 72 -35.19 -23.81 -27.07
C ASN D 72 -34.03 -23.67 -28.06
N PHE D 73 -33.45 -22.48 -28.12
CA PHE D 73 -32.35 -22.18 -29.04
C PHE D 73 -31.17 -23.17 -28.90
N PHE D 74 -30.64 -23.28 -27.69
CA PHE D 74 -29.50 -24.17 -27.45
C PHE D 74 -29.79 -25.62 -27.87
N GLN D 75 -30.99 -26.10 -27.55
CA GLN D 75 -31.40 -27.45 -27.91
C GLN D 75 -31.43 -27.65 -29.43
N LEU D 76 -32.03 -26.69 -30.13
CA LEU D 76 -32.11 -26.73 -31.58
C LEU D 76 -30.73 -26.72 -32.23
N VAL D 77 -29.87 -25.82 -31.77
CA VAL D 77 -28.51 -25.74 -32.30
C VAL D 77 -27.79 -27.07 -32.09
N ALA D 78 -27.94 -27.65 -30.91
CA ALA D 78 -27.33 -28.93 -30.60
C ALA D 78 -27.84 -30.02 -31.55
N GLU D 79 -29.13 -30.00 -31.84
CA GLU D 79 -29.73 -31.01 -32.70
C GLU D 79 -29.32 -30.84 -34.16
N ASP D 80 -28.75 -29.68 -34.47
CA ASP D 80 -28.23 -29.43 -35.81
C ASP D 80 -26.80 -29.95 -35.90
N GLY D 81 -26.25 -30.34 -34.75
CA GLY D 81 -24.91 -30.91 -34.68
C GLY D 81 -23.85 -29.87 -34.39
N ILE D 82 -24.26 -28.76 -33.80
CA ILE D 82 -23.32 -27.71 -33.45
C ILE D 82 -23.00 -27.72 -31.95
N GLN D 83 -21.72 -27.54 -31.62
CA GLN D 83 -21.32 -27.39 -30.24
C GLN D 83 -21.41 -25.93 -29.83
N LEU D 84 -22.47 -25.59 -29.09
CA LEU D 84 -22.69 -24.21 -28.64
C LEU D 84 -22.15 -24.01 -27.23
N THR D 85 -21.07 -23.23 -27.10
CA THR D 85 -20.50 -22.94 -25.79
C THR D 85 -20.99 -21.60 -25.24
N ASP D 86 -21.73 -21.66 -24.13
CA ASP D 86 -22.20 -20.46 -23.47
C ASP D 86 -21.07 -19.77 -22.71
N CYS D 87 -20.79 -18.52 -23.09
CA CYS D 87 -19.67 -17.77 -22.53
C CYS D 87 -20.08 -16.76 -21.46
N GLY D 88 -21.32 -16.85 -21.00
CA GLY D 88 -21.82 -15.97 -19.95
C GLY D 88 -22.30 -14.61 -20.45
N ASP D 89 -22.38 -13.65 -19.53
CA ASP D 89 -22.85 -12.31 -19.85
C ASP D 89 -21.81 -11.25 -19.50
N ILE D 90 -21.71 -10.23 -20.35
CA ILE D 90 -20.95 -9.04 -20.00
C ILE D 90 -21.71 -8.26 -18.94
N ILE D 91 -20.98 -7.66 -18.00
CA ILE D 91 -21.60 -6.83 -16.99
C ILE D 91 -21.47 -5.36 -17.39
N PRO D 92 -22.58 -4.75 -17.83
CA PRO D 92 -22.57 -3.34 -18.24
C PRO D 92 -22.26 -2.41 -17.08
N VAL D 93 -21.44 -1.40 -17.33
CA VAL D 93 -21.22 -0.35 -16.32
C VAL D 93 -22.40 0.61 -16.37
N GLU D 94 -23.11 0.71 -15.25
CA GLU D 94 -24.28 1.58 -15.17
C GLU D 94 -24.13 2.60 -14.04
N LEU D 95 -23.53 3.74 -14.36
CA LEU D 95 -23.28 4.77 -13.35
C LEU D 95 -24.59 5.44 -12.91
N ASN D 96 -24.53 6.19 -11.82
CA ASN D 96 -25.70 6.97 -11.41
C ASN D 96 -25.74 8.33 -12.11
N GLU D 97 -26.89 9.00 -12.05
CA GLU D 97 -27.06 10.28 -12.72
C GLU D 97 -25.94 11.26 -12.38
N ALA D 98 -25.57 11.28 -11.10
CA ALA D 98 -24.60 12.27 -10.60
C ALA D 98 -23.20 12.07 -11.17
N GLU D 99 -22.81 10.81 -11.36
CA GLU D 99 -21.51 10.52 -11.95
C GLU D 99 -21.55 10.45 -13.48
N ASP D 100 -22.73 10.57 -14.05
CA ASP D 100 -22.89 10.48 -15.51
C ASP D 100 -23.92 11.48 -16.04
N PRO D 101 -23.62 12.77 -15.94
CA PRO D 101 -24.52 13.83 -16.44
C PRO D 101 -24.46 13.91 -17.95
N GLN D 102 -25.46 14.53 -18.57
CA GLN D 102 -25.48 14.69 -20.01
C GLN D 102 -24.29 15.50 -20.49
N ARG D 103 -23.63 15.02 -21.53
CA ARG D 103 -22.58 15.78 -22.18
C ARG D 103 -22.85 15.84 -23.69
N PHE D 104 -22.81 17.05 -24.25
CA PHE D 104 -23.11 17.27 -25.66
C PHE D 104 -24.46 16.66 -26.06
N GLY D 105 -25.38 16.60 -25.11
CA GLY D 105 -26.71 16.08 -25.36
C GLY D 105 -26.83 14.59 -25.08
N MET D 106 -25.69 13.90 -25.06
CA MET D 106 -25.66 12.46 -24.87
C MET D 106 -26.13 12.04 -23.47
N LYS D 107 -26.91 10.97 -23.42
CA LYS D 107 -27.38 10.42 -22.16
C LYS D 107 -26.59 9.15 -21.82
N TRP D 108 -26.13 9.07 -20.57
CA TRP D 108 -25.37 7.92 -20.10
C TRP D 108 -24.11 7.70 -20.92
N SER D 109 -23.50 8.80 -21.38
CA SER D 109 -22.29 8.71 -22.20
C SER D 109 -21.11 8.03 -21.49
N ARG D 110 -20.88 8.34 -20.21
CA ARG D 110 -19.75 7.72 -19.52
C ARG D 110 -20.00 6.24 -19.22
N SER D 111 -21.25 5.90 -18.91
CA SER D 111 -21.62 4.48 -18.78
C SER D 111 -21.34 3.79 -20.12
N PHE D 112 -21.67 4.49 -21.20
CA PHE D 112 -21.42 3.99 -22.56
C PHE D 112 -19.93 3.75 -22.82
N SER D 113 -19.12 4.79 -22.59
CA SER D 113 -17.69 4.70 -22.88
C SER D 113 -17.05 3.55 -22.09
N LEU D 114 -17.39 3.45 -20.81
CA LEU D 114 -16.86 2.39 -19.96
C LEU D 114 -17.34 1.00 -20.40
N THR D 115 -18.63 0.89 -20.70
CA THR D 115 -19.22 -0.39 -21.12
C THR D 115 -18.65 -0.85 -22.46
N THR D 116 -18.48 0.09 -23.38
CA THR D 116 -17.91 -0.20 -24.70
C THR D 116 -16.55 -0.89 -24.59
N LEU D 117 -15.65 -0.30 -23.81
CA LEU D 117 -14.32 -0.86 -23.62
C LEU D 117 -14.39 -2.25 -22.97
N ARG D 118 -15.29 -2.42 -22.01
CA ARG D 118 -15.46 -3.72 -21.36
C ARG D 118 -15.95 -4.76 -22.36
N ILE D 119 -16.88 -4.38 -23.22
CA ILE D 119 -17.38 -5.29 -24.24
C ILE D 119 -16.26 -5.67 -25.21
N ALA D 120 -15.52 -4.68 -25.67
CA ALA D 120 -14.49 -4.88 -26.68
C ALA D 120 -13.40 -5.84 -26.22
N GLU D 121 -12.96 -5.69 -24.97
CA GLU D 121 -11.89 -6.53 -24.46
C GLU D 121 -12.34 -7.98 -24.40
N ARG D 122 -13.60 -8.20 -24.04
CA ARG D 122 -14.13 -9.56 -23.96
C ARG D 122 -14.33 -10.19 -25.34
N VAL D 123 -14.88 -9.41 -26.27
CA VAL D 123 -15.10 -9.92 -27.61
C VAL D 123 -13.77 -10.24 -28.31
N GLU D 124 -12.82 -9.31 -28.21
CA GLU D 124 -11.48 -9.54 -28.74
C GLU D 124 -10.90 -10.86 -28.25
N GLU D 125 -10.97 -11.08 -26.94
CA GLU D 125 -10.47 -12.30 -26.31
C GLU D 125 -11.10 -13.55 -26.90
N LEU D 126 -12.43 -13.57 -26.98
CA LEU D 126 -13.17 -14.70 -27.52
C LEU D 126 -12.84 -14.93 -29.00
N MET D 127 -12.67 -13.84 -29.73
CA MET D 127 -12.39 -13.92 -31.16
C MET D 127 -10.95 -14.35 -31.43
N LYS D 128 -10.06 -14.08 -30.47
CA LYS D 128 -8.66 -14.45 -30.60
C LYS D 128 -8.40 -15.92 -30.28
N GLN D 129 -9.25 -16.51 -29.44
CA GLN D 129 -9.03 -17.87 -28.96
C GLN D 129 -9.09 -18.91 -30.08
N SER D 142 -14.15 -22.15 -38.89
CA SER D 142 -14.18 -21.00 -37.99
C SER D 142 -15.31 -21.12 -36.97
N THR D 143 -15.15 -20.44 -35.84
CA THR D 143 -16.14 -20.49 -34.76
C THR D 143 -16.86 -19.15 -34.62
N PRO D 144 -18.13 -19.09 -35.05
CA PRO D 144 -18.88 -17.83 -34.98
C PRO D 144 -19.19 -17.43 -33.54
N LEU D 145 -19.22 -16.13 -33.27
CA LEU D 145 -19.64 -15.63 -31.97
C LEU D 145 -21.06 -15.10 -32.07
N VAL D 146 -21.99 -15.73 -31.35
CA VAL D 146 -23.37 -15.26 -31.31
C VAL D 146 -23.61 -14.39 -30.07
N ILE D 147 -23.92 -13.11 -30.31
CA ILE D 147 -24.16 -12.17 -29.22
C ILE D 147 -25.63 -11.78 -29.15
N VAL D 148 -26.20 -11.77 -27.94
CA VAL D 148 -27.58 -11.34 -27.75
C VAL D 148 -27.65 -10.11 -26.83
N GLY D 149 -28.23 -9.02 -27.34
CA GLY D 149 -28.41 -7.82 -26.55
C GLY D 149 -29.69 -7.95 -25.74
N GLY D 150 -30.07 -6.87 -25.04
CA GLY D 150 -29.31 -5.63 -25.03
C GLY D 150 -29.69 -4.68 -26.16
N ASP D 151 -29.71 -3.38 -25.87
CA ASP D 151 -29.97 -2.40 -26.91
C ASP D 151 -28.72 -2.23 -27.78
N HIS D 152 -28.89 -1.61 -28.94
CA HIS D 152 -27.89 -1.64 -30.01
C HIS D 152 -26.61 -0.85 -29.70
N SER D 153 -26.62 -0.08 -28.61
CA SER D 153 -25.45 0.70 -28.23
C SER D 153 -24.25 -0.22 -28.02
N MET D 154 -24.54 -1.48 -27.73
CA MET D 154 -23.49 -2.47 -27.51
C MET D 154 -22.58 -2.64 -28.72
N ALA D 155 -23.04 -2.19 -29.89
CA ALA D 155 -22.34 -2.48 -31.14
C ALA D 155 -20.99 -1.77 -31.27
N THR D 156 -20.89 -0.57 -30.71
CA THR D 156 -19.61 0.14 -30.71
C THR D 156 -18.54 -0.76 -30.11
N GLY D 157 -18.92 -1.50 -29.06
CA GLY D 157 -17.99 -2.36 -28.35
C GLY D 157 -17.74 -3.69 -29.02
N THR D 158 -18.79 -4.31 -29.54
CA THR D 158 -18.63 -5.59 -30.21
C THR D 158 -17.80 -5.44 -31.48
N ILE D 159 -18.08 -4.40 -32.26
CA ILE D 159 -17.32 -4.18 -33.49
C ILE D 159 -15.87 -3.82 -33.17
N LEU D 160 -15.68 -2.94 -32.19
CA LEU D 160 -14.34 -2.53 -31.77
C LEU D 160 -13.48 -3.73 -31.39
N GLY D 161 -14.05 -4.62 -30.59
CA GLY D 161 -13.33 -5.80 -30.13
C GLY D 161 -13.12 -6.80 -31.25
N HIS D 162 -14.12 -6.95 -32.10
CA HIS D 162 -14.06 -7.87 -33.22
C HIS D 162 -12.98 -7.43 -34.21
N ALA D 163 -12.92 -6.12 -34.46
CA ALA D 163 -11.96 -5.57 -35.42
C ALA D 163 -10.54 -5.74 -34.91
N GLU D 164 -10.38 -5.85 -33.60
CA GLU D 164 -9.06 -6.02 -33.02
C GLU D 164 -8.50 -7.37 -33.42
N ALA D 165 -9.37 -8.38 -33.47
CA ALA D 165 -8.98 -9.72 -33.88
C ALA D 165 -9.02 -9.88 -35.40
N LYS D 166 -9.89 -9.12 -36.07
CA LYS D 166 -10.02 -9.22 -37.52
C LYS D 166 -10.21 -7.83 -38.15
N PRO D 167 -9.10 -7.10 -38.33
CA PRO D 167 -9.12 -5.69 -38.75
C PRO D 167 -9.77 -5.45 -40.10
N ASP D 168 -9.81 -6.46 -40.96
CA ASP D 168 -10.34 -6.31 -42.31
C ASP D 168 -11.80 -6.75 -42.46
N LEU D 169 -12.51 -6.88 -41.35
CA LEU D 169 -13.89 -7.35 -41.39
C LEU D 169 -14.81 -6.35 -42.09
N CYS D 170 -15.97 -6.83 -42.53
CA CYS D 170 -17.02 -5.96 -43.06
C CYS D 170 -18.21 -6.07 -42.13
N VAL D 171 -19.07 -5.05 -42.19
CA VAL D 171 -20.25 -5.01 -41.34
C VAL D 171 -21.52 -5.00 -42.17
N LEU D 172 -22.43 -5.93 -41.87
CA LEU D 172 -23.77 -5.90 -42.43
C LEU D 172 -24.75 -5.47 -41.34
N TRP D 173 -25.31 -4.27 -41.49
CA TRP D 173 -26.21 -3.70 -40.49
C TRP D 173 -27.68 -3.85 -40.90
N ILE D 174 -28.39 -4.77 -40.25
CA ILE D 174 -29.79 -5.05 -40.57
C ILE D 174 -30.69 -4.31 -39.59
N ASP D 175 -31.39 -3.29 -40.07
CA ASP D 175 -32.02 -2.35 -39.15
C ASP D 175 -33.05 -1.45 -39.84
N ALA D 176 -34.07 -1.07 -39.09
CA ALA D 176 -34.99 -0.03 -39.57
C ALA D 176 -34.26 1.32 -39.53
N HIS D 177 -33.23 1.40 -38.69
CA HIS D 177 -32.58 2.68 -38.37
C HIS D 177 -31.11 2.69 -38.75
N GLY D 178 -30.56 3.88 -38.95
CA GLY D 178 -29.16 4.04 -39.32
C GLY D 178 -28.20 3.87 -38.15
N ASP D 179 -28.67 4.16 -36.94
CA ASP D 179 -27.83 4.07 -35.75
C ASP D 179 -26.47 4.72 -35.96
N ILE D 180 -26.45 5.83 -36.69
CA ILE D 180 -25.20 6.48 -37.07
C ILE D 180 -25.28 7.99 -36.86
N ASN D 181 -26.12 8.40 -35.93
CA ASN D 181 -26.18 9.81 -35.55
C ASN D 181 -24.90 10.21 -34.84
N THR D 182 -24.41 11.40 -35.16
CA THR D 182 -23.31 11.98 -34.39
C THR D 182 -23.93 12.71 -33.20
N PRO D 183 -23.17 12.82 -32.09
CA PRO D 183 -23.74 13.36 -30.84
C PRO D 183 -24.52 14.66 -31.02
N LEU D 184 -23.88 15.69 -31.57
CA LEU D 184 -24.54 16.98 -31.71
C LEU D 184 -25.75 16.97 -32.66
N ASN D 185 -25.86 15.92 -33.49
CA ASN D 185 -26.99 15.79 -34.42
C ASN D 185 -28.14 14.93 -33.88
N SER D 186 -27.92 14.26 -32.76
CA SER D 186 -28.94 13.40 -32.18
C SER D 186 -30.03 14.20 -31.47
N ALA D 187 -31.26 14.09 -31.97
CA ALA D 187 -32.38 14.76 -31.34
C ALA D 187 -32.80 14.07 -30.04
N SER D 188 -32.43 12.80 -29.91
CA SER D 188 -32.87 12.00 -28.76
C SER D 188 -31.85 11.91 -27.65
N GLY D 189 -30.57 11.95 -28.02
CA GLY D 189 -29.49 11.78 -27.05
C GLY D 189 -29.32 10.34 -26.60
N ASN D 190 -30.08 9.43 -27.21
CA ASN D 190 -30.03 8.02 -26.86
C ASN D 190 -28.88 7.30 -27.59
N MET D 191 -27.99 6.67 -26.82
CA MET D 191 -26.76 6.12 -27.39
C MET D 191 -26.99 5.05 -28.45
N HIS D 192 -28.07 4.29 -28.34
CA HIS D 192 -28.33 3.19 -29.27
C HIS D 192 -28.58 3.70 -30.70
N GLY D 193 -28.64 5.01 -30.87
CA GLY D 193 -28.81 5.62 -32.18
C GLY D 193 -27.53 6.26 -32.70
N MET D 194 -26.43 6.04 -31.99
CA MET D 194 -25.14 6.62 -32.36
C MET D 194 -23.99 5.60 -32.49
N PRO D 195 -24.27 4.29 -32.31
CA PRO D 195 -23.14 3.37 -32.11
C PRO D 195 -22.14 3.35 -33.27
N LEU D 196 -22.61 3.56 -34.50
CA LEU D 196 -21.73 3.49 -35.66
C LEU D 196 -20.85 4.74 -35.83
N SER D 197 -21.37 5.90 -35.42
CA SER D 197 -20.66 7.17 -35.65
C SER D 197 -19.28 7.19 -35.01
N PHE D 198 -19.12 6.48 -33.89
CA PHE D 198 -17.84 6.44 -33.19
C PHE D 198 -16.84 5.46 -33.82
N LEU D 199 -17.31 4.67 -34.79
CA LEU D 199 -16.46 3.66 -35.41
C LEU D 199 -16.00 4.05 -36.81
N VAL D 200 -16.75 4.93 -37.47
CA VAL D 200 -16.48 5.25 -38.87
C VAL D 200 -15.45 6.37 -39.03
N LYS D 201 -14.29 6.01 -39.60
CA LYS D 201 -13.16 6.92 -39.73
C LYS D 201 -13.52 8.25 -40.41
N GLU D 202 -14.41 8.19 -41.40
CA GLU D 202 -14.79 9.38 -42.16
C GLU D 202 -15.63 10.36 -41.33
N LEU D 203 -16.06 9.94 -40.15
CA LEU D 203 -16.97 10.75 -39.34
C LEU D 203 -16.31 11.41 -38.11
N GLN D 204 -15.02 11.15 -37.92
CA GLN D 204 -14.37 11.56 -36.67
C GLN D 204 -14.18 13.07 -36.48
N ASP D 205 -14.42 13.86 -37.53
CA ASP D 205 -14.40 15.30 -37.39
C ASP D 205 -15.78 15.82 -36.98
N GLN D 206 -16.68 14.88 -36.69
CA GLN D 206 -18.02 15.22 -36.23
C GLN D 206 -18.30 14.60 -34.86
N ILE D 207 -17.28 13.93 -34.31
CA ILE D 207 -17.37 13.38 -32.96
C ILE D 207 -16.62 14.29 -31.99
N PRO D 208 -17.33 14.81 -30.98
CA PRO D 208 -16.71 15.67 -29.97
C PRO D 208 -15.72 14.90 -29.11
N TRP D 209 -14.52 15.45 -28.92
CA TRP D 209 -13.52 14.82 -28.09
C TRP D 209 -13.94 14.74 -26.62
N LEU D 210 -13.80 13.55 -26.04
CA LEU D 210 -14.00 13.34 -24.62
C LEU D 210 -12.92 12.38 -24.10
N ASP D 211 -12.34 12.70 -22.94
CA ASP D 211 -11.25 11.91 -22.39
C ASP D 211 -11.59 10.43 -22.29
N ASP D 212 -12.79 10.14 -21.83
CA ASP D 212 -13.20 8.74 -21.64
C ASP D 212 -13.52 8.03 -22.96
N PHE D 213 -13.60 8.80 -24.04
CA PHE D 213 -13.87 8.26 -25.37
C PHE D 213 -12.58 8.03 -26.19
N GLU D 214 -11.44 8.31 -25.60
CA GLU D 214 -10.16 8.14 -26.30
C GLU D 214 -9.90 6.68 -26.63
N GLY D 215 -10.31 5.78 -25.75
CA GLY D 215 -10.10 4.36 -25.96
C GLY D 215 -10.92 3.76 -27.08
N ILE D 216 -11.88 4.53 -27.58
CA ILE D 216 -12.74 4.08 -28.68
C ILE D 216 -12.16 4.52 -30.02
N LYS D 217 -11.36 3.64 -30.62
CA LYS D 217 -10.69 3.93 -31.88
C LYS D 217 -11.58 3.61 -33.08
N PRO D 218 -11.71 4.58 -34.01
CA PRO D 218 -12.45 4.36 -35.26
C PRO D 218 -11.78 3.26 -36.07
N CYS D 219 -12.45 2.13 -36.21
CA CYS D 219 -11.85 0.95 -36.85
C CYS D 219 -12.59 0.54 -38.12
N LEU D 220 -13.41 1.42 -38.65
CA LEU D 220 -14.20 1.09 -39.84
C LEU D 220 -14.09 2.16 -40.90
N ASN D 221 -13.91 1.74 -42.15
CA ASN D 221 -14.08 2.65 -43.27
C ASN D 221 -15.51 2.57 -43.79
N ALA D 222 -16.03 3.71 -44.26
CA ALA D 222 -17.40 3.77 -44.76
C ALA D 222 -17.65 2.69 -45.80
N SER D 223 -16.60 2.29 -46.51
CA SER D 223 -16.71 1.29 -47.56
C SER D 223 -16.84 -0.15 -47.03
N ASN D 224 -16.82 -0.31 -45.70
CA ASN D 224 -16.88 -1.64 -45.10
C ASN D 224 -18.26 -1.98 -44.53
N ILE D 225 -19.19 -1.04 -44.66
CA ILE D 225 -20.53 -1.20 -44.09
C ILE D 225 -21.60 -1.24 -45.17
N ALA D 226 -22.59 -2.11 -45.00
CA ALA D 226 -23.76 -2.10 -45.87
C ALA D 226 -25.01 -2.26 -45.01
N TYR D 227 -26.02 -1.43 -45.26
CA TYR D 227 -27.28 -1.49 -44.52
C TYR D 227 -28.32 -2.28 -45.32
N ILE D 228 -29.19 -3.02 -44.63
CA ILE D 228 -30.40 -3.57 -45.23
C ILE D 228 -31.59 -3.35 -44.28
N GLY D 229 -32.70 -2.85 -44.82
CA GLY D 229 -33.94 -2.75 -44.07
C GLY D 229 -34.36 -1.37 -43.61
N LEU D 230 -33.54 -0.36 -43.92
CA LEU D 230 -33.79 1.02 -43.49
C LEU D 230 -35.16 1.53 -43.89
N ARG D 231 -35.82 2.24 -42.97
CA ARG D 231 -37.10 2.88 -43.28
C ARG D 231 -37.43 4.07 -42.38
N ASP D 232 -36.51 4.41 -41.49
CA ASP D 232 -36.70 5.56 -40.61
C ASP D 232 -35.38 6.27 -40.29
N LEU D 233 -34.72 6.78 -41.33
CA LEU D 233 -33.45 7.49 -41.17
C LEU D 233 -33.67 8.92 -40.71
N ASP D 234 -32.77 9.43 -39.87
CA ASP D 234 -32.78 10.86 -39.55
C ASP D 234 -32.06 11.61 -40.66
N ALA D 235 -32.50 12.84 -40.92
CA ALA D 235 -31.97 13.61 -42.05
C ALA D 235 -30.43 13.68 -42.09
N HIS D 236 -29.82 13.88 -40.93
CA HIS D 236 -28.38 13.98 -40.85
C HIS D 236 -27.71 12.63 -41.07
N GLU D 237 -28.44 11.55 -40.84
CA GLU D 237 -27.93 10.23 -41.16
C GLU D 237 -27.93 10.00 -42.68
N THR D 238 -29.00 10.46 -43.32
CA THR D 238 -29.13 10.33 -44.77
C THR D 238 -27.99 11.10 -45.43
N HIS D 239 -27.71 12.30 -44.92
CA HIS D 239 -26.59 13.10 -45.41
C HIS D 239 -25.26 12.35 -45.32
N ASP D 240 -24.92 11.85 -44.13
CA ASP D 240 -23.62 11.20 -43.91
C ASP D 240 -23.48 9.94 -44.75
N ILE D 241 -24.52 9.13 -44.75
CA ILE D 241 -24.51 7.89 -45.51
C ILE D 241 -24.28 8.14 -47.00
N ARG D 242 -24.95 9.14 -47.55
CA ARG D 242 -24.78 9.48 -48.97
C ARG D 242 -23.42 10.14 -49.21
N LYS D 243 -23.05 11.06 -48.33
CA LYS D 243 -21.81 11.81 -48.47
C LYS D 243 -20.61 10.89 -48.58
N HIS D 244 -20.57 9.87 -47.72
CA HIS D 244 -19.39 9.02 -47.60
C HIS D 244 -19.53 7.68 -48.33
N GLY D 245 -20.55 7.60 -49.19
CA GLY D 245 -20.73 6.45 -50.05
C GLY D 245 -20.99 5.14 -49.33
N ILE D 246 -21.66 5.18 -48.18
CA ILE D 246 -22.01 3.95 -47.47
C ILE D 246 -23.11 3.19 -48.21
N ALA D 247 -22.86 1.93 -48.53
CA ALA D 247 -23.85 1.12 -49.24
C ALA D 247 -25.11 0.95 -48.39
N TYR D 248 -26.27 1.24 -48.96
CA TYR D 248 -27.50 1.05 -48.20
C TYR D 248 -28.69 0.64 -49.04
N PHE D 249 -29.47 -0.30 -48.52
CA PHE D 249 -30.67 -0.77 -49.20
C PHE D 249 -31.84 -0.64 -48.24
N THR D 250 -32.73 0.30 -48.54
CA THR D 250 -33.87 0.60 -47.68
C THR D 250 -35.01 -0.36 -48.01
N MET D 251 -36.11 -0.27 -47.26
CA MET D 251 -37.28 -1.08 -47.61
C MET D 251 -37.80 -0.75 -49.00
N LEU D 252 -37.55 0.47 -49.46
CA LEU D 252 -37.96 0.86 -50.81
C LEU D 252 -37.17 0.01 -51.82
N ASP D 253 -35.89 -0.16 -51.55
CA ASP D 253 -35.04 -0.97 -52.40
C ASP D 253 -35.43 -2.44 -52.37
N VAL D 254 -35.75 -2.94 -51.17
CA VAL D 254 -36.22 -4.32 -51.03
C VAL D 254 -37.49 -4.53 -51.84
N ASP D 255 -38.40 -3.56 -51.77
CA ASP D 255 -39.63 -3.60 -52.56
C ASP D 255 -39.35 -3.64 -54.05
N ARG D 256 -38.46 -2.78 -54.54
CA ARG D 256 -38.25 -2.66 -55.99
C ARG D 256 -37.33 -3.76 -56.54
N MET D 257 -36.30 -4.11 -55.77
CA MET D 257 -35.30 -5.08 -56.20
C MET D 257 -35.62 -6.52 -55.80
N GLY D 258 -36.35 -6.69 -54.70
CA GLY D 258 -36.51 -8.01 -54.08
C GLY D 258 -35.34 -8.31 -53.16
N ILE D 259 -35.58 -9.04 -52.07
CA ILE D 259 -34.52 -9.27 -51.08
C ILE D 259 -33.33 -10.08 -51.63
N GLU D 260 -33.59 -10.96 -52.60
CA GLU D 260 -32.50 -11.75 -53.18
C GLU D 260 -31.43 -10.85 -53.79
N ALA D 261 -31.87 -9.90 -54.61
CA ALA D 261 -30.93 -8.98 -55.25
C ALA D 261 -30.27 -8.07 -54.22
N VAL D 262 -31.05 -7.63 -53.23
CA VAL D 262 -30.49 -6.76 -52.19
C VAL D 262 -29.33 -7.45 -51.45
N ILE D 263 -29.55 -8.70 -51.04
CA ILE D 263 -28.51 -9.44 -50.32
C ILE D 263 -27.27 -9.56 -51.19
N LYS D 264 -27.48 -9.95 -52.45
CA LYS D 264 -26.37 -10.10 -53.37
C LYS D 264 -25.59 -8.80 -53.58
N GLU D 265 -26.29 -7.68 -53.72
CA GLU D 265 -25.62 -6.40 -53.95
C GLU D 265 -24.91 -5.90 -52.69
N ALA D 266 -25.48 -6.23 -51.53
CA ALA D 266 -24.90 -5.85 -50.25
C ALA D 266 -23.58 -6.58 -50.04
N LEU D 267 -23.60 -7.90 -50.26
CA LEU D 267 -22.39 -8.72 -50.15
C LEU D 267 -21.36 -8.31 -51.18
N LEU D 268 -21.83 -7.97 -52.38
CA LEU D 268 -20.97 -7.45 -53.44
C LEU D 268 -20.25 -6.17 -53.01
N ALA D 269 -20.98 -5.27 -52.35
CA ALA D 269 -20.43 -3.96 -52.03
C ALA D 269 -19.33 -3.98 -50.95
N VAL D 270 -19.48 -4.83 -49.94
CA VAL D 270 -18.51 -4.82 -48.84
C VAL D 270 -17.67 -6.10 -48.70
N ASN D 271 -18.02 -7.13 -49.47
CA ASN D 271 -17.31 -8.41 -49.39
C ASN D 271 -17.31 -9.14 -50.73
N PRO D 272 -16.79 -8.48 -51.78
CA PRO D 272 -16.88 -8.86 -53.19
C PRO D 272 -16.51 -10.31 -53.50
N ARG D 273 -15.47 -10.82 -52.85
CA ARG D 273 -14.96 -12.15 -53.15
C ARG D 273 -14.95 -13.03 -51.90
N LEU D 274 -15.80 -12.67 -50.94
CA LEU D 274 -15.93 -13.43 -49.70
C LEU D 274 -14.57 -13.60 -49.03
N GLU D 275 -13.74 -12.56 -49.12
CA GLU D 275 -12.41 -12.55 -48.50
C GLU D 275 -12.46 -12.12 -47.04
N LYS D 276 -13.47 -11.32 -46.67
CA LYS D 276 -13.51 -10.69 -45.36
C LYS D 276 -14.42 -11.40 -44.35
N ALA D 277 -13.99 -11.43 -43.09
CA ALA D 277 -14.85 -11.87 -42.00
C ALA D 277 -16.08 -10.95 -41.95
N ILE D 278 -17.22 -11.51 -41.59
CA ILE D 278 -18.46 -10.74 -41.56
C ILE D 278 -18.98 -10.49 -40.14
N HIS D 279 -19.24 -9.23 -39.83
CA HIS D 279 -19.91 -8.85 -38.60
C HIS D 279 -21.37 -8.54 -38.94
N LEU D 280 -22.26 -9.46 -38.63
CA LEU D 280 -23.68 -9.27 -38.92
C LEU D 280 -24.36 -8.63 -37.71
N SER D 281 -24.80 -7.38 -37.85
CA SER D 281 -25.45 -6.67 -36.77
C SER D 281 -26.95 -6.54 -37.07
N PHE D 282 -27.74 -7.36 -36.38
CA PHE D 282 -29.16 -7.51 -36.68
C PHE D 282 -30.01 -6.90 -35.57
N ASP D 283 -30.63 -5.74 -35.85
CA ASP D 283 -31.58 -5.14 -34.94
C ASP D 283 -32.93 -5.82 -35.17
N ILE D 284 -33.49 -6.44 -34.13
CA ILE D 284 -34.74 -7.17 -34.29
C ILE D 284 -35.83 -6.27 -34.90
N ASP D 285 -35.69 -4.96 -34.72
CA ASP D 285 -36.70 -4.03 -35.23
C ASP D 285 -36.60 -3.80 -36.74
N ALA D 286 -35.62 -4.43 -37.38
CA ALA D 286 -35.59 -4.50 -38.84
C ALA D 286 -36.78 -5.32 -39.34
N LEU D 287 -37.20 -6.30 -38.54
CA LEU D 287 -38.34 -7.15 -38.88
C LEU D 287 -39.64 -6.37 -38.65
N ASP D 288 -40.69 -6.75 -39.37
CA ASP D 288 -41.99 -6.08 -39.21
C ASP D 288 -42.54 -6.30 -37.81
N PRO D 289 -43.15 -5.27 -37.21
CA PRO D 289 -43.76 -5.36 -35.88
C PRO D 289 -44.77 -6.50 -35.74
N LEU D 290 -45.32 -7.00 -36.85
CA LEU D 290 -46.25 -8.13 -36.77
C LEU D 290 -45.55 -9.42 -36.35
N VAL D 291 -44.23 -9.46 -36.53
CA VAL D 291 -43.47 -10.65 -36.17
C VAL D 291 -42.46 -10.39 -35.05
N ALA D 292 -42.15 -9.11 -34.81
CA ALA D 292 -41.23 -8.76 -33.72
C ALA D 292 -41.71 -7.51 -32.96
N PRO D 293 -42.85 -7.62 -32.29
CA PRO D 293 -43.50 -6.46 -31.65
C PRO D 293 -42.79 -5.98 -30.40
N SER D 294 -42.09 -6.87 -29.71
CA SER D 294 -41.49 -6.54 -28.41
C SER D 294 -40.11 -5.92 -28.57
N THR D 295 -40.12 -4.66 -29.00
CA THR D 295 -38.89 -3.92 -29.24
C THR D 295 -39.20 -2.43 -29.10
N GLY D 296 -38.21 -1.66 -28.68
CA GLY D 296 -38.44 -0.29 -28.23
C GLY D 296 -38.84 0.71 -29.30
N THR D 297 -38.28 0.59 -30.49
CA THR D 297 -38.59 1.52 -31.57
C THR D 297 -39.11 0.80 -32.82
N ALA D 298 -40.37 0.36 -32.76
CA ALA D 298 -40.97 -0.42 -33.84
C ALA D 298 -41.39 0.50 -34.98
N VAL D 299 -41.18 0.04 -36.22
CA VAL D 299 -41.59 0.81 -37.39
C VAL D 299 -42.30 -0.10 -38.38
N PRO D 300 -43.55 0.24 -38.74
CA PRO D 300 -44.34 -0.63 -39.62
C PRO D 300 -43.68 -0.79 -40.98
N GLY D 301 -44.10 -1.81 -41.72
CA GLY D 301 -43.61 -2.02 -43.07
C GLY D 301 -42.20 -2.57 -43.13
N GLY D 302 -41.88 -3.51 -42.24
CA GLY D 302 -40.53 -4.02 -42.14
C GLY D 302 -40.29 -5.30 -42.94
N LEU D 303 -39.12 -5.91 -42.73
CA LEU D 303 -38.82 -7.19 -43.37
C LEU D 303 -39.76 -8.25 -42.84
N THR D 304 -40.20 -9.14 -43.72
CA THR D 304 -40.95 -10.30 -43.25
C THR D 304 -39.96 -11.24 -42.58
N LEU D 305 -40.47 -12.20 -41.82
CA LEU D 305 -39.56 -13.17 -41.21
C LEU D 305 -38.78 -13.89 -42.33
N ARG D 306 -39.49 -14.30 -43.37
CA ARG D 306 -38.84 -14.96 -44.50
C ARG D 306 -37.69 -14.13 -45.08
N GLU D 307 -37.92 -12.84 -45.32
CA GLU D 307 -36.84 -11.99 -45.82
C GLU D 307 -35.66 -11.96 -44.85
N GLY D 308 -35.96 -11.84 -43.55
CA GLY D 308 -34.90 -11.86 -42.56
C GLY D 308 -34.13 -13.18 -42.57
N LEU D 309 -34.85 -14.28 -42.75
CA LEU D 309 -34.23 -15.59 -42.85
C LEU D 309 -33.29 -15.67 -44.05
N ARG D 310 -33.70 -15.08 -45.17
CA ARG D 310 -32.90 -15.14 -46.40
C ARG D 310 -31.57 -14.42 -46.22
N ILE D 311 -31.61 -13.24 -45.60
CA ILE D 311 -30.38 -12.50 -45.27
C ILE D 311 -29.44 -13.39 -44.47
N CYS D 312 -29.97 -14.01 -43.43
CA CYS D 312 -29.15 -14.82 -42.53
C CYS D 312 -28.67 -16.12 -43.18
N GLU D 313 -29.54 -16.75 -43.97
CA GLU D 313 -29.14 -17.96 -44.69
C GLU D 313 -27.98 -17.67 -45.63
N GLU D 314 -28.09 -16.57 -46.38
CA GLU D 314 -27.03 -16.21 -47.35
C GLU D 314 -25.73 -15.80 -46.67
N VAL D 315 -25.82 -14.99 -45.61
CA VAL D 315 -24.62 -14.63 -44.84
C VAL D 315 -23.96 -15.89 -44.26
N SER D 316 -24.77 -16.79 -43.71
CA SER D 316 -24.23 -18.01 -43.13
C SER D 316 -23.47 -18.80 -44.19
N ALA D 317 -24.08 -18.93 -45.37
CA ALA D 317 -23.56 -19.79 -46.44
C ALA D 317 -22.24 -19.30 -47.03
N THR D 318 -21.89 -18.03 -46.80
CA THR D 318 -20.59 -17.52 -47.27
C THR D 318 -19.44 -18.23 -46.59
N GLY D 319 -19.72 -18.84 -45.43
CA GLY D 319 -18.69 -19.44 -44.61
C GLY D 319 -17.86 -18.41 -43.87
N LYS D 320 -18.22 -17.14 -44.01
CA LYS D 320 -17.45 -16.04 -43.41
C LYS D 320 -18.14 -15.36 -42.23
N LEU D 321 -19.24 -15.91 -41.75
CA LEU D 321 -19.90 -15.34 -40.58
C LEU D 321 -18.97 -15.47 -39.38
N SER D 322 -18.55 -14.34 -38.84
CA SER D 322 -17.56 -14.32 -37.76
C SER D 322 -18.24 -13.94 -36.43
N VAL D 323 -19.02 -12.87 -36.47
CA VAL D 323 -19.85 -12.48 -35.34
C VAL D 323 -21.25 -12.14 -35.86
N VAL D 324 -22.29 -12.59 -35.16
CA VAL D 324 -23.64 -12.06 -35.37
C VAL D 324 -24.21 -11.61 -34.03
N GLU D 325 -24.70 -10.37 -33.99
CA GLU D 325 -25.34 -9.88 -32.75
C GLU D 325 -26.81 -9.54 -33.03
N LEU D 326 -27.68 -9.90 -32.09
CA LEU D 326 -29.10 -9.61 -32.22
C LEU D 326 -29.49 -8.61 -31.14
N ALA D 327 -29.87 -7.41 -31.55
CA ALA D 327 -30.10 -6.32 -30.61
C ALA D 327 -31.57 -5.90 -30.46
N GLU D 328 -31.86 -5.25 -29.33
CA GLU D 328 -33.13 -4.56 -29.09
C GLU D 328 -34.34 -5.44 -28.74
N LEU D 329 -34.10 -6.70 -28.39
CA LEU D 329 -35.17 -7.50 -27.81
C LEU D 329 -35.57 -6.83 -26.49
N ASN D 330 -36.87 -6.65 -26.27
CA ASN D 330 -37.33 -6.16 -24.97
C ASN D 330 -38.61 -6.86 -24.52
N PRO D 331 -38.44 -7.94 -23.74
CA PRO D 331 -39.48 -8.84 -23.24
C PRO D 331 -40.47 -8.14 -22.30
N LEU D 332 -40.14 -6.92 -21.89
CA LEU D 332 -41.04 -6.15 -21.04
C LEU D 332 -41.99 -5.28 -21.86
N LEU D 333 -41.93 -5.40 -23.18
CA LEU D 333 -42.85 -4.67 -24.05
C LEU D 333 -43.84 -5.62 -24.71
N GLY D 334 -45.08 -5.16 -24.88
CA GLY D 334 -46.11 -5.94 -25.54
C GLY D 334 -46.75 -6.98 -24.63
N SER D 335 -47.67 -7.74 -25.21
CA SER D 335 -48.36 -8.80 -24.49
C SER D 335 -47.50 -10.04 -24.33
N GLN D 336 -48.00 -11.00 -23.57
CA GLN D 336 -47.32 -12.28 -23.45
C GLN D 336 -47.09 -12.88 -24.83
N GLU D 337 -48.11 -12.80 -25.68
CA GLU D 337 -48.03 -13.35 -27.05
C GLU D 337 -47.05 -12.56 -27.93
N ASP D 338 -47.06 -11.24 -27.79
CA ASP D 338 -46.09 -10.40 -28.51
C ASP D 338 -44.68 -10.89 -28.22
N VAL D 339 -44.40 -11.09 -26.93
CA VAL D 339 -43.09 -11.55 -26.51
C VAL D 339 -42.76 -12.93 -27.10
N LEU D 340 -43.72 -13.84 -27.09
CA LEU D 340 -43.50 -15.17 -27.64
C LEU D 340 -43.18 -15.08 -29.14
N LYS D 341 -43.91 -14.23 -29.84
CA LYS D 341 -43.66 -14.01 -31.27
C LYS D 341 -42.25 -13.48 -31.46
N THR D 342 -41.89 -12.48 -30.67
CA THR D 342 -40.58 -11.84 -30.81
C THR D 342 -39.47 -12.83 -30.53
N GLN D 343 -39.67 -13.65 -29.50
CA GLN D 343 -38.74 -14.71 -29.12
C GLN D 343 -38.56 -15.74 -30.25
N SER D 344 -39.67 -16.24 -30.77
CA SER D 344 -39.59 -17.22 -31.86
C SER D 344 -38.91 -16.65 -33.11
N SER D 345 -39.24 -15.41 -33.47
CA SER D 345 -38.58 -14.76 -34.61
C SER D 345 -37.07 -14.71 -34.41
N ALA D 346 -36.66 -14.33 -33.20
CA ALA D 346 -35.25 -14.21 -32.86
C ALA D 346 -34.55 -15.57 -32.94
N VAL D 347 -35.22 -16.60 -32.46
CA VAL D 347 -34.65 -17.94 -32.46
C VAL D 347 -34.47 -18.46 -33.88
N HIS D 348 -35.50 -18.29 -34.72
CA HIS D 348 -35.43 -18.71 -36.11
C HIS D 348 -34.29 -17.99 -36.82
N ILE D 349 -34.20 -16.68 -36.61
CA ILE D 349 -33.14 -15.85 -37.18
C ILE D 349 -31.74 -16.32 -36.77
N LEU D 350 -31.52 -16.54 -35.47
CA LEU D 350 -30.21 -16.97 -34.99
C LEU D 350 -29.84 -18.37 -35.48
N ARG D 351 -30.83 -19.27 -35.56
CA ARG D 351 -30.59 -20.63 -36.06
C ARG D 351 -30.10 -20.61 -37.50
N ALA D 352 -30.77 -19.81 -38.33
CA ALA D 352 -30.38 -19.67 -39.73
C ALA D 352 -28.94 -19.17 -39.83
N CYS D 353 -28.59 -18.21 -38.96
CA CYS D 353 -27.23 -17.66 -38.96
C CYS D 353 -26.19 -18.75 -38.76
N LEU D 354 -26.51 -19.72 -37.91
CA LEU D 354 -25.55 -20.80 -37.62
C LEU D 354 -25.61 -21.92 -38.66
N GLY D 355 -26.54 -21.81 -39.60
CA GLY D 355 -26.59 -22.74 -40.70
C GLY D 355 -27.81 -23.64 -40.80
N HIS D 356 -28.82 -23.42 -39.97
CA HIS D 356 -30.04 -24.20 -40.11
C HIS D 356 -30.70 -23.96 -41.47
N CYS D 357 -31.11 -25.05 -42.11
CA CYS D 357 -31.67 -25.04 -43.46
C CYS D 357 -33.16 -25.37 -43.42
N ARG D 358 -33.98 -24.50 -44.01
CA ARG D 358 -35.43 -24.71 -44.05
C ARG D 358 -35.79 -25.84 -45.00
N SER D 359 -34.87 -26.17 -45.90
CA SER D 359 -35.09 -27.23 -46.88
C SER D 359 -34.66 -28.61 -46.36
N GLY D 360 -34.36 -28.67 -45.08
CA GLY D 360 -34.08 -29.94 -44.41
C GLY D 360 -32.61 -30.28 -44.29
N HIS D 361 -32.30 -31.10 -43.30
CA HIS D 361 -30.96 -31.62 -43.10
C HIS D 361 -30.98 -33.14 -43.17
N LEU D 362 -29.86 -33.74 -43.58
CA LEU D 362 -29.74 -35.19 -43.61
C LEU D 362 -29.44 -35.74 -42.22
N PRO D 363 -29.86 -36.99 -41.96
CA PRO D 363 -29.58 -37.65 -40.68
C PRO D 363 -28.08 -37.89 -40.50
N PHE D 364 -27.61 -37.88 -39.26
CA PHE D 364 -26.21 -38.20 -38.99
C PHE D 364 -25.96 -39.69 -39.16
N LYS D 365 -27.00 -40.48 -38.91
CA LYS D 365 -26.95 -41.92 -39.18
C LYS D 365 -28.31 -42.41 -39.64
N VAL D 366 -28.35 -42.96 -40.85
CA VAL D 366 -29.59 -43.45 -41.43
C VAL D 366 -30.05 -44.74 -40.77
N ARG D 367 -31.16 -44.67 -40.05
CA ARG D 367 -31.72 -45.84 -39.38
C ARG D 367 -32.28 -46.81 -40.41
N ASN D 368 -32.75 -47.96 -39.95
CA ASN D 368 -33.29 -48.99 -40.84
C ASN D 368 -33.81 -50.18 -40.05
N LEU D 369 -35.10 -50.49 -40.21
CA LEU D 369 -35.70 -51.58 -39.46
C LEU D 369 -35.15 -52.95 -39.87
N THR D 370 -34.34 -52.99 -40.91
CA THR D 370 -33.72 -54.23 -41.33
C THR D 370 -32.56 -54.56 -40.40
N ASP D 371 -31.88 -53.54 -39.91
CA ASP D 371 -30.78 -53.73 -38.97
C ASP D 371 -31.32 -53.84 -37.54
N GLN D 372 -32.57 -53.44 -37.34
CA GLN D 372 -33.22 -53.56 -36.05
C GLN D 372 -33.86 -54.93 -35.91
N GLY D 373 -33.69 -55.77 -36.92
CA GLY D 373 -34.24 -57.11 -36.91
C GLY D 373 -35.77 -57.13 -36.89
N ILE D 374 -36.37 -56.06 -37.38
CA ILE D 374 -37.83 -55.99 -37.47
C ILE D 374 -38.30 -56.38 -38.87
N MET D 375 -39.40 -57.11 -38.96
CA MET D 375 -39.93 -57.53 -40.25
C MET D 375 -40.77 -56.43 -40.90
N SER D 376 -40.35 -56.02 -42.09
CA SER D 376 -41.06 -54.99 -42.83
C SER D 376 -42.26 -55.59 -43.55
N ARG D 377 -43.22 -54.76 -43.90
CA ARG D 377 -44.36 -55.19 -44.71
C ARG D 377 -43.85 -55.75 -46.03
N ALA D 378 -42.90 -55.04 -46.64
CA ALA D 378 -42.29 -55.47 -47.89
C ALA D 378 -41.76 -56.89 -47.75
N ALA D 379 -41.14 -57.18 -46.61
CA ALA D 379 -40.63 -58.52 -46.33
C ALA D 379 -41.79 -59.51 -46.23
N HIS D 380 -42.81 -59.16 -45.47
CA HIS D 380 -43.97 -60.02 -45.26
C HIS D 380 -44.68 -60.36 -46.57
N MET D 381 -44.52 -59.49 -47.56
CA MET D 381 -45.20 -59.66 -48.83
C MET D 381 -44.26 -60.20 -49.90
#